data_5ZQ2
#
_entry.id   5ZQ2
#
_cell.length_a   92.295
_cell.length_b   129.364
_cell.length_c   192.664
_cell.angle_alpha   90.00
_cell.angle_beta   90.00
_cell.angle_gamma   90.00
#
_symmetry.space_group_name_H-M   'P 21 21 21'
#
loop_
_entity.id
_entity.type
_entity.pdbx_description
1 polymer SidE
2 water water
#
_entity_poly.entity_id   1
_entity_poly.type   'polypeptide(L)'
_entity_poly.pdbx_seq_one_letter_code
;MSVPTWNGFSLYTDETVRNAARYAYDNYLGKPYTGTVEATPVNFGGQMVYRQHHGLAHTLRTMAYAEIIVEEARKAKLRG
ESLKTFADGRTLADVTPEELRKIMIAQAFFVTGRDDEESSKNYEKYHEQSRDAFLKYVEENKSTLIPDVFKDEKDVKFYA
DVIEDKDHKWADSPAHVLVNQGHMVDLVRVKQPPESYLEYYFSQLQPWIGSTATEAVFATQRQFFHATYEAVAGFDSENK
EPHLVVDGLGRYVIGQDGNPIREESDDEDEEESGELKFFSQKKKLEENQRYMRVDEYLKLDEVQKRFPGAGKKLDGGLPG
LKEYQYLQRLNSINRARCENDVDFCLGQLQTAHHQTKITPIKRAFQSSSEKARRQPNMDEIAAARIVQQIMANPDCIHDD
HVFLNGQKLEEKFFRDLLAKCDMAIVGSLLNDTDIRNIDTLMQHERNTEFHSTDAKAKPVKLGETWEKTIRSGGGVTQIK
HDLIFLMQNDAWYHTRVNAIAQNRDKDSTFKEVLITALMTPLTNKSLMDTSRSPAPKTLFRGLDLSEEFKNKLINQAETI
IANTTEHLFTDLSTEAFKQIKLNDFSQVSARTCASTSTNIEVPRTIFGSNTIFEILDPDGLLHPKQVGTHVSGSESEYSI
YLPEDVALVPIKVSFDGKTGKGKDRHIFTLVAVKSPDFTPRHESGYAVGPLLKMQTPKLEEIQRLVEQAREEPDLERVFN
LQSRVARQAKFSTESGYKTFLNEKVAPVLEQSLNGLLDNNVTILGKVLSAFPSDGQWSAFNSVEARQMKIQMDAIKQMVE
KKAVLEGQILPALAQCQNALEKQNIAGALQALRNIPSLEHHHHHH
;
_entity_poly.pdbx_strand_id   A,C
#
# COMPACT_ATOMS: atom_id res chain seq x y z
N SER A 2 42.54 49.83 33.16
CA SER A 2 43.15 50.98 33.83
C SER A 2 42.11 52.04 34.17
N VAL A 3 40.84 51.73 33.91
CA VAL A 3 39.75 52.64 34.24
C VAL A 3 38.90 52.03 35.35
N PRO A 4 39.00 52.59 36.57
CA PRO A 4 38.25 52.10 37.73
C PRO A 4 36.74 52.16 37.50
N THR A 5 36.01 51.15 37.97
CA THR A 5 34.57 51.11 37.83
C THR A 5 33.94 52.26 38.61
N TRP A 6 33.01 52.98 37.97
CA TRP A 6 32.33 54.10 38.60
C TRP A 6 31.36 53.61 39.67
N ASN A 7 31.14 54.42 40.71
CA ASN A 7 30.29 54.00 41.82
C ASN A 7 28.86 54.51 41.71
N GLY A 8 28.49 54.99 40.53
CA GLY A 8 27.14 55.47 40.30
C GLY A 8 26.88 56.87 40.84
N PHE A 9 27.93 57.58 41.23
CA PHE A 9 27.78 58.98 41.62
C PHE A 9 27.18 59.76 40.47
N SER A 10 26.21 60.61 40.77
CA SER A 10 25.56 61.40 39.74
C SER A 10 25.15 62.78 40.24
N LEU A 11 25.24 63.76 39.35
CA LEU A 11 24.77 65.11 39.63
C LEU A 11 23.28 65.10 39.98
N TYR A 12 22.57 64.13 39.44
CA TYR A 12 21.11 64.10 39.53
C TYR A 12 20.57 63.29 40.71
N THR A 13 21.46 62.59 41.42
CA THR A 13 21.05 61.83 42.59
C THR A 13 21.83 62.18 43.85
N ASP A 14 22.99 62.82 43.69
CA ASP A 14 23.77 63.22 44.85
C ASP A 14 23.09 64.37 45.58
N GLU A 15 22.98 64.21 46.89
CA GLU A 15 22.21 65.11 47.74
C GLU A 15 23.03 66.33 48.13
N THR A 16 24.34 66.13 48.27
CA THR A 16 25.25 67.19 48.68
C THR A 16 25.36 68.29 47.62
N VAL A 17 25.54 67.87 46.36
CA VAL A 17 25.65 68.82 45.26
C VAL A 17 24.33 69.58 45.07
N ARG A 18 23.22 68.86 45.17
CA ARG A 18 21.90 69.46 45.04
C ARG A 18 21.66 70.50 46.14
N ASN A 19 22.17 70.22 47.33
CA ASN A 19 22.07 71.16 48.45
C ASN A 19 22.89 72.42 48.20
N ALA A 20 24.07 72.26 47.62
CA ALA A 20 24.94 73.40 47.33
C ALA A 20 24.31 74.30 46.26
N ALA A 21 23.71 73.70 45.25
CA ALA A 21 23.02 74.44 44.21
C ALA A 21 21.78 75.12 44.79
N ARG A 22 21.13 74.46 45.73
CA ARG A 22 19.94 74.99 46.38
C ARG A 22 20.31 76.23 47.20
N TYR A 23 21.45 76.14 47.89
CA TYR A 23 21.95 77.25 48.71
C TYR A 23 22.39 78.42 47.82
N ALA A 24 23.03 78.10 46.70
CA ALA A 24 23.52 79.12 45.79
C ALA A 24 22.37 79.93 45.19
N TYR A 25 21.25 79.27 44.93
CA TYR A 25 20.08 79.95 44.40
C TYR A 25 19.40 80.80 45.48
N ASP A 26 19.15 80.20 46.64
CA ASP A 26 18.46 80.87 47.73
C ASP A 26 19.16 82.15 48.19
N ASN A 27 20.48 82.11 48.20
CA ASN A 27 21.26 83.22 48.79
C ASN A 27 21.89 84.17 47.78
N TYR A 28 21.95 83.77 46.51
CA TYR A 28 22.64 84.58 45.51
C TYR A 28 21.92 84.65 44.16
N LEU A 29 21.73 83.49 43.54
CA LEU A 29 21.23 83.41 42.17
C LEU A 29 19.74 83.75 42.05
N GLY A 30 19.01 83.64 43.14
CA GLY A 30 17.59 83.96 43.13
C GLY A 30 17.29 85.37 43.58
N LYS A 31 18.35 86.13 43.85
CA LYS A 31 18.20 87.51 44.29
C LYS A 31 18.54 88.46 43.15
N PRO A 32 17.94 89.66 43.17
CA PRO A 32 18.18 90.65 42.11
C PRO A 32 19.64 91.07 42.02
N TYR A 33 20.08 91.39 40.80
CA TYR A 33 21.38 92.00 40.60
C TYR A 33 21.40 93.36 41.28
N THR A 34 22.50 93.67 41.95
CA THR A 34 22.64 94.95 42.63
C THR A 34 23.43 95.91 41.74
N GLY A 35 23.81 95.43 40.57
CA GLY A 35 24.65 96.19 39.65
C GLY A 35 23.88 97.04 38.66
N THR A 36 24.55 97.43 37.60
CA THR A 36 23.99 98.36 36.62
C THR A 36 23.55 97.68 35.32
N VAL A 37 24.46 96.95 34.69
CA VAL A 37 24.19 96.39 33.36
C VAL A 37 23.41 95.05 33.40
N GLU A 38 22.32 95.00 32.63
CA GLU A 38 21.43 93.84 32.59
C GLU A 38 20.93 93.41 33.97
N ALA A 39 20.77 94.39 34.86
CA ALA A 39 20.34 94.13 36.22
C ALA A 39 18.82 93.97 36.32
N THR A 40 18.12 94.39 35.27
CA THR A 40 16.66 94.33 35.26
C THR A 40 16.13 92.92 35.00
N PRO A 41 15.24 92.44 35.89
CA PRO A 41 14.64 91.11 35.77
C PRO A 41 13.80 90.97 34.50
N VAL A 42 13.49 89.73 34.14
CA VAL A 42 12.72 89.44 32.92
C VAL A 42 11.67 88.38 33.22
N ASN A 43 10.49 88.49 32.61
CA ASN A 43 9.44 87.50 32.81
C ASN A 43 9.38 86.42 31.74
N PHE A 44 8.92 85.24 32.14
CA PHE A 44 8.68 84.13 31.22
C PHE A 44 7.40 83.41 31.64
N GLY A 45 6.30 83.72 30.98
CA GLY A 45 5.01 83.14 31.33
C GLY A 45 4.49 83.66 32.66
N GLY A 46 4.89 84.87 33.02
CA GLY A 46 4.43 85.49 34.24
C GLY A 46 5.42 85.40 35.38
N GLN A 47 6.32 84.43 35.32
CA GLN A 47 7.34 84.26 36.35
C GLN A 47 8.57 85.13 36.10
N MET A 48 9.04 85.78 37.16
CA MET A 48 10.19 86.67 37.07
C MET A 48 11.51 85.93 37.28
N VAL A 49 12.49 86.24 36.44
CA VAL A 49 13.82 85.67 36.52
C VAL A 49 14.85 86.78 36.71
N TYR A 50 15.53 86.78 37.85
CA TYR A 50 16.47 87.86 38.18
C TYR A 50 17.77 87.77 37.40
N ARG A 51 18.29 86.56 37.24
CA ARG A 51 19.56 86.36 36.55
C ARG A 51 19.38 85.46 35.32
N GLN A 52 19.09 86.07 34.19
CA GLN A 52 18.78 85.37 32.95
C GLN A 52 19.99 84.67 32.35
N HIS A 53 21.10 85.39 32.24
CA HIS A 53 22.32 84.87 31.63
C HIS A 53 23.07 83.96 32.59
N HIS A 54 23.64 84.56 33.64
CA HIS A 54 24.44 83.82 34.60
C HIS A 54 23.65 83.52 35.86
N GLY A 55 22.76 82.53 35.77
CA GLY A 55 21.90 82.17 36.89
C GLY A 55 21.95 80.69 37.25
N LEU A 56 20.81 80.15 37.67
CA LEU A 56 20.73 78.78 38.15
C LEU A 56 20.79 77.75 37.04
N ALA A 57 20.05 77.99 35.96
CA ALA A 57 20.06 77.08 34.82
C ALA A 57 21.45 77.03 34.19
N HIS A 58 22.10 78.19 34.11
CA HIS A 58 23.47 78.26 33.63
C HIS A 58 24.41 77.49 34.53
N THR A 59 24.28 77.72 35.83
CA THR A 59 25.15 77.11 36.84
C THR A 59 24.95 75.60 36.90
N LEU A 60 23.72 75.14 36.71
CA LEU A 60 23.42 73.72 36.76
C LEU A 60 23.87 72.99 35.50
N ARG A 61 23.92 73.71 34.38
CA ARG A 61 24.43 73.12 33.13
C ARG A 61 25.93 72.92 33.21
N THR A 62 26.63 73.87 33.81
CA THR A 62 28.08 73.78 33.98
C THR A 62 28.44 72.50 34.72
N MET A 63 27.63 72.17 35.70
CA MET A 63 27.79 70.98 36.50
C MET A 63 27.45 69.73 35.72
N ALA A 64 26.56 69.89 34.76
CA ALA A 64 26.17 68.79 33.87
C ALA A 64 27.25 68.56 32.81
N TYR A 65 27.95 69.62 32.43
CA TYR A 65 29.05 69.52 31.47
C TYR A 65 30.20 68.76 32.09
N ALA A 66 30.55 69.11 33.32
CA ALA A 66 31.64 68.43 34.03
C ALA A 66 31.40 66.94 34.13
N GLU A 67 30.15 66.56 34.37
CA GLU A 67 29.78 65.15 34.48
C GLU A 67 29.98 64.41 33.16
N ILE A 68 29.49 64.98 32.07
CA ILE A 68 29.60 64.32 30.76
C ILE A 68 31.04 64.37 30.23
N ILE A 69 31.80 65.38 30.63
CA ILE A 69 33.20 65.49 30.22
C ILE A 69 34.03 64.37 30.83
N VAL A 70 33.89 64.17 32.14
CA VAL A 70 34.56 63.07 32.83
C VAL A 70 34.05 61.72 32.31
N GLU A 71 32.74 61.65 32.05
CA GLU A 71 32.14 60.45 31.48
C GLU A 71 32.78 60.11 30.14
N GLU A 72 32.81 61.09 29.23
CA GLU A 72 33.39 60.87 27.91
C GLU A 72 34.90 60.68 27.96
N ALA A 73 35.53 61.26 28.97
CA ALA A 73 36.98 61.11 29.16
C ALA A 73 37.33 59.66 29.53
N ARG A 74 36.49 59.05 30.35
CA ARG A 74 36.69 57.66 30.76
C ARG A 74 36.48 56.69 29.59
N LYS A 75 35.52 57.02 28.73
CA LYS A 75 35.26 56.21 27.54
C LYS A 75 36.43 56.30 26.57
N ALA A 76 36.96 57.50 26.41
CA ALA A 76 38.08 57.74 25.50
C ALA A 76 39.28 56.90 25.89
N LYS A 77 39.48 56.72 27.19
CA LYS A 77 40.60 55.95 27.70
C LYS A 77 40.42 54.46 27.43
N LEU A 78 39.20 53.96 27.53
CA LEU A 78 38.91 52.55 27.28
C LEU A 78 39.00 52.20 25.81
N ARG A 79 38.76 53.17 24.94
CA ARG A 79 38.93 52.96 23.50
C ARG A 79 40.41 53.01 23.15
N GLY A 80 41.24 53.35 24.12
CA GLY A 80 42.69 53.33 23.94
C GLY A 80 43.30 54.68 23.69
N GLU A 81 42.46 55.72 23.58
CA GLU A 81 42.94 57.07 23.30
C GLU A 81 43.88 57.57 24.40
N SER A 82 44.80 58.46 24.03
CA SER A 82 45.74 59.04 24.97
C SER A 82 45.37 60.50 25.23
N LEU A 83 45.11 60.82 26.49
CA LEU A 83 44.62 62.14 26.85
C LEU A 83 45.72 63.04 27.39
N LYS A 84 45.54 64.35 27.30
CA LYS A 84 46.50 65.30 27.82
C LYS A 84 46.63 65.13 29.33
N THR A 85 47.88 65.09 29.81
CA THR A 85 48.14 64.88 31.23
C THR A 85 48.35 66.19 31.98
N PHE A 86 48.11 66.17 33.28
CA PHE A 86 48.44 67.30 34.14
C PHE A 86 49.83 67.08 34.72
N ALA A 87 50.28 68.00 35.57
CA ALA A 87 51.62 67.89 36.16
C ALA A 87 51.83 66.58 36.91
N ASP A 88 50.79 66.10 37.59
CA ASP A 88 50.87 64.86 38.34
C ASP A 88 50.74 63.62 37.44
N GLY A 89 50.59 63.84 36.14
CA GLY A 89 50.52 62.74 35.19
C GLY A 89 49.11 62.21 34.97
N ARG A 90 48.13 62.76 35.68
CA ARG A 90 46.75 62.31 35.57
C ARG A 90 46.04 62.95 34.39
N THR A 91 45.00 62.30 33.90
CA THR A 91 44.12 62.86 32.86
C THR A 91 42.73 63.05 33.46
N LEU A 92 41.83 63.67 32.70
CA LEU A 92 40.47 63.90 33.19
C LEU A 92 39.75 62.58 33.47
N ALA A 93 40.21 61.49 32.86
CA ALA A 93 39.61 60.17 33.07
C ALA A 93 39.92 59.60 34.45
N ASP A 94 40.89 60.21 35.14
CA ASP A 94 41.28 59.75 36.47
C ASP A 94 40.48 60.41 37.59
N VAL A 95 39.66 61.40 37.22
CA VAL A 95 38.83 62.12 38.19
C VAL A 95 37.89 61.18 38.93
N THR A 96 37.95 61.20 40.26
CA THR A 96 37.17 60.30 41.10
C THR A 96 35.82 60.89 41.46
N PRO A 97 34.87 60.03 41.89
CA PRO A 97 33.55 60.52 42.32
C PRO A 97 33.62 61.53 43.47
N GLU A 98 34.49 61.26 44.44
CA GLU A 98 34.65 62.18 45.58
C GLU A 98 35.18 63.52 45.11
N GLU A 99 36.07 63.49 44.13
CA GLU A 99 36.70 64.69 43.59
C GLU A 99 35.72 65.47 42.72
N LEU A 100 34.91 64.75 41.96
CA LEU A 100 33.94 65.39 41.06
C LEU A 100 32.84 66.09 41.84
N ARG A 101 32.51 65.57 43.02
CA ARG A 101 31.52 66.22 43.87
C ARG A 101 32.04 67.56 44.37
N LYS A 102 33.30 67.58 44.82
CA LYS A 102 33.92 68.81 45.27
C LYS A 102 33.99 69.86 44.16
N ILE A 103 34.23 69.41 42.94
CA ILE A 103 34.28 70.29 41.78
C ILE A 103 32.89 70.87 41.49
N MET A 104 31.87 70.05 41.54
CA MET A 104 30.50 70.47 41.32
C MET A 104 30.01 71.43 42.38
N ILE A 105 30.44 71.26 43.61
CA ILE A 105 30.13 72.19 44.69
C ILE A 105 30.75 73.56 44.41
N ALA A 106 32.00 73.56 43.99
CA ALA A 106 32.68 74.79 43.62
C ALA A 106 32.03 75.44 42.41
N GLN A 107 31.67 74.61 41.42
CA GLN A 107 30.99 75.09 40.22
C GLN A 107 29.68 75.81 40.55
N ALA A 108 29.04 75.39 41.64
CA ALA A 108 27.76 75.95 42.05
C ALA A 108 27.87 77.40 42.48
N PHE A 109 29.05 77.81 42.91
CA PHE A 109 29.26 79.15 43.44
C PHE A 109 30.01 80.06 42.49
N PHE A 110 30.41 79.53 41.33
CA PHE A 110 31.32 80.22 40.42
C PHE A 110 30.79 81.55 39.88
N VAL A 111 29.49 81.79 40.07
CA VAL A 111 28.83 82.95 39.50
C VAL A 111 28.04 83.72 40.58
N THR A 112 27.91 83.08 41.75
CA THR A 112 27.21 83.67 42.89
C THR A 112 27.64 85.10 43.25
N GLY A 113 28.91 85.42 42.99
CA GLY A 113 29.44 86.73 43.35
C GLY A 113 29.23 87.82 42.32
N ARG A 114 28.44 87.54 41.29
CA ARG A 114 28.15 88.54 40.26
C ARG A 114 27.16 89.60 40.77
N ASP A 115 27.51 90.87 40.56
CA ASP A 115 26.62 91.96 40.93
C ASP A 115 25.74 92.38 39.76
N ASP A 116 26.24 92.12 38.55
CA ASP A 116 25.47 92.34 37.32
C ASP A 116 26.04 91.49 36.19
N GLU A 117 25.63 91.79 34.96
CA GLU A 117 26.09 91.04 33.80
C GLU A 117 27.20 91.80 33.05
N GLU A 118 28.14 92.34 33.82
CA GLU A 118 29.25 93.09 33.24
C GLU A 118 29.98 92.26 32.20
N SER A 119 30.90 92.90 31.46
CA SER A 119 31.67 92.21 30.43
C SER A 119 33.10 91.99 30.87
N SER A 120 33.92 93.04 30.78
CA SER A 120 35.32 92.96 31.17
C SER A 120 35.71 94.12 32.09
N LYS A 121 35.05 94.17 33.24
CA LYS A 121 35.33 95.22 34.20
C LYS A 121 35.67 94.77 35.60
N ASN A 122 34.84 93.92 36.18
CA ASN A 122 34.93 93.54 37.59
C ASN A 122 35.09 92.03 37.75
N TYR A 123 36.11 91.47 37.10
CA TYR A 123 36.37 90.04 37.17
C TYR A 123 36.84 89.62 38.56
N GLU A 124 37.88 90.27 39.05
CA GLU A 124 38.48 89.94 40.33
C GLU A 124 37.50 90.16 41.49
N LYS A 125 36.72 91.23 41.40
CA LYS A 125 35.74 91.56 42.44
C LYS A 125 34.66 90.48 42.52
N TYR A 126 34.10 90.12 41.37
CA TYR A 126 33.02 89.13 41.31
C TYR A 126 33.50 87.74 41.73
N HIS A 127 34.73 87.41 41.33
CA HIS A 127 35.28 86.09 41.62
C HIS A 127 35.72 85.94 43.08
N GLU A 128 36.05 87.06 43.72
CA GLU A 128 36.36 87.05 45.14
C GLU A 128 35.06 86.90 45.95
N GLN A 129 33.99 87.53 45.48
CA GLN A 129 32.70 87.45 46.14
C GLN A 129 32.10 86.05 45.99
N SER A 130 32.39 85.41 44.86
CA SER A 130 31.98 84.02 44.63
C SER A 130 32.75 83.07 45.55
N ARG A 131 34.03 83.38 45.75
CA ARG A 131 34.88 82.59 46.64
C ARG A 131 34.39 82.70 48.08
N ASP A 132 34.13 83.93 48.51
CA ASP A 132 33.65 84.17 49.88
C ASP A 132 32.29 83.52 50.11
N ALA A 133 31.47 83.48 49.07
CA ALA A 133 30.18 82.80 49.14
C ALA A 133 30.37 81.31 49.40
N PHE A 134 31.37 80.73 48.73
CA PHE A 134 31.69 79.32 48.88
C PHE A 134 32.29 79.01 50.26
N LEU A 135 33.16 79.89 50.74
CA LEU A 135 33.74 79.76 52.06
C LEU A 135 32.67 79.86 53.13
N LYS A 136 31.74 80.79 52.94
CA LYS A 136 30.63 81.01 53.87
C LYS A 136 29.73 79.78 53.94
N TYR A 137 29.52 79.14 52.79
CA TYR A 137 28.69 77.94 52.73
C TYR A 137 29.33 76.74 53.42
N VAL A 138 30.61 76.54 53.19
CA VAL A 138 31.34 75.43 53.80
C VAL A 138 31.41 75.57 55.33
N GLU A 139 31.69 76.78 55.80
CA GLU A 139 31.79 77.06 57.22
C GLU A 139 30.46 76.81 57.94
N GLU A 140 29.37 77.25 57.32
CA GLU A 140 28.03 77.05 57.88
C GLU A 140 27.62 75.57 57.85
N ASN A 141 28.36 74.77 57.10
CA ASN A 141 28.05 73.35 56.97
C ASN A 141 29.26 72.44 57.18
N LYS A 142 30.25 72.96 57.90
CA LYS A 142 31.48 72.21 58.22
C LYS A 142 31.18 70.86 58.89
N SER A 143 30.15 70.84 59.74
CA SER A 143 29.78 69.65 60.47
C SER A 143 29.37 68.48 59.57
N THR A 144 28.83 68.81 58.40
CA THR A 144 28.44 67.78 57.43
C THR A 144 29.43 67.66 56.28
N LEU A 145 30.04 68.78 55.92
CA LEU A 145 30.91 68.84 54.74
C LEU A 145 32.34 68.38 54.96
N ILE A 146 32.87 68.64 56.14
CA ILE A 146 34.18 68.14 56.55
C ILE A 146 34.05 67.15 57.69
N PRO A 147 34.70 66.00 57.59
CA PRO A 147 35.65 65.69 56.55
C PRO A 147 35.12 64.77 55.49
N ASP A 148 33.82 64.55 55.49
CA ASP A 148 33.24 63.64 54.57
C ASP A 148 33.39 64.02 53.14
N VAL A 149 33.24 65.30 52.86
CA VAL A 149 33.31 65.80 51.52
C VAL A 149 34.66 66.43 51.31
N PHE A 150 34.98 67.44 52.08
CA PHE A 150 36.29 68.06 52.04
C PHE A 150 37.17 67.53 53.16
N LYS A 151 38.41 67.16 52.82
CA LYS A 151 39.34 66.60 53.79
C LYS A 151 39.65 67.55 54.93
N ASP A 152 40.01 68.79 54.58
CA ASP A 152 40.34 69.81 55.56
C ASP A 152 40.25 71.21 54.97
N GLU A 153 40.64 72.21 55.76
CA GLU A 153 40.62 73.60 55.31
C GLU A 153 41.56 73.82 54.13
N LYS A 154 42.64 73.04 54.09
CA LYS A 154 43.59 73.08 52.98
C LYS A 154 42.89 72.65 51.69
N ASP A 155 42.02 71.65 51.81
CA ASP A 155 41.25 71.15 50.67
C ASP A 155 40.20 72.17 50.26
N VAL A 156 39.52 72.74 51.25
CA VAL A 156 38.52 73.78 51.01
C VAL A 156 39.15 75.00 50.34
N LYS A 157 40.35 75.34 50.77
CA LYS A 157 41.07 76.47 50.20
C LYS A 157 41.43 76.22 48.74
N PHE A 158 41.69 74.95 48.40
CA PHE A 158 42.06 74.59 47.04
C PHE A 158 40.96 74.93 46.04
N TYR A 159 39.73 74.54 46.36
CA TYR A 159 38.61 74.80 45.47
C TYR A 159 38.15 76.25 45.55
N ALA A 160 38.37 76.89 46.69
CA ALA A 160 38.13 78.32 46.82
C ALA A 160 39.09 79.07 45.90
N ASP A 161 40.34 78.63 45.86
CA ASP A 161 41.35 79.24 45.01
C ASP A 161 41.05 79.06 43.52
N VAL A 162 40.34 77.98 43.19
CA VAL A 162 39.91 77.75 41.81
C VAL A 162 38.80 78.74 41.43
N ILE A 163 37.90 78.98 42.38
CA ILE A 163 36.79 79.91 42.20
C ILE A 163 37.29 81.35 42.05
N GLU A 164 38.24 81.72 42.89
CA GLU A 164 38.83 83.07 42.86
C GLU A 164 39.49 83.35 41.51
N ASP A 165 40.11 82.31 40.93
CA ASP A 165 40.82 82.42 39.66
C ASP A 165 41.82 83.58 39.67
N LYS A 166 42.84 83.45 40.52
CA LYS A 166 43.79 84.52 40.79
C LYS A 166 44.82 84.72 39.68
N ASP A 167 45.19 83.63 39.01
CA ASP A 167 46.27 83.68 38.03
C ASP A 167 45.88 83.12 36.66
N HIS A 168 44.60 82.84 36.47
CA HIS A 168 44.08 82.29 35.21
C HIS A 168 44.71 80.95 34.82
N LYS A 169 45.12 80.17 35.81
CA LYS A 169 45.70 78.86 35.56
C LYS A 169 44.60 77.84 35.27
N TRP A 170 44.00 77.93 34.07
CA TRP A 170 42.83 77.14 33.72
C TRP A 170 43.16 75.73 33.27
N ALA A 171 44.43 75.34 33.39
CA ALA A 171 44.87 74.01 32.99
C ALA A 171 45.79 73.41 34.04
N ASP A 172 45.68 73.92 35.26
CA ASP A 172 46.57 73.53 36.35
C ASP A 172 46.19 72.17 36.93
N SER A 173 44.90 71.89 36.99
CA SER A 173 44.38 70.67 37.59
C SER A 173 43.06 70.28 36.94
N PRO A 174 42.58 69.06 37.19
CA PRO A 174 41.24 68.67 36.71
C PRO A 174 40.17 69.68 37.13
N ALA A 175 40.25 70.17 38.36
CA ALA A 175 39.28 71.13 38.87
C ALA A 175 39.31 72.44 38.08
N HIS A 176 40.51 72.92 37.77
CA HIS A 176 40.65 74.16 36.99
C HIS A 176 40.07 74.00 35.59
N VAL A 177 40.33 72.85 34.97
CA VAL A 177 39.84 72.59 33.61
C VAL A 177 38.32 72.42 33.59
N LEU A 178 37.80 71.60 34.49
CA LEU A 178 36.36 71.36 34.56
C LEU A 178 35.56 72.63 34.86
N VAL A 179 36.01 73.41 35.83
CA VAL A 179 35.33 74.66 36.19
C VAL A 179 35.40 75.70 35.07
N ASN A 180 36.58 75.85 34.47
CA ASN A 180 36.78 76.83 33.40
C ASN A 180 36.16 76.42 32.07
N GLN A 181 36.34 75.17 31.67
CA GLN A 181 35.73 74.68 30.44
C GLN A 181 34.22 74.62 30.58
N GLY A 182 33.74 74.12 31.71
CA GLY A 182 32.31 74.05 31.97
C GLY A 182 31.62 75.40 31.87
N HIS A 183 32.32 76.44 32.31
CA HIS A 183 31.80 77.80 32.24
C HIS A 183 31.75 78.30 30.80
N MET A 184 32.71 77.89 30.01
CA MET A 184 32.83 78.30 28.63
C MET A 184 31.85 77.60 27.74
N VAL A 185 31.70 76.32 27.96
CA VAL A 185 30.81 75.49 27.15
C VAL A 185 29.39 76.08 27.11
N ASP A 186 29.03 76.82 28.16
CA ASP A 186 27.72 77.45 28.23
C ASP A 186 27.66 78.75 27.42
N LEU A 187 28.74 79.10 26.81
CA LEU A 187 28.84 80.33 26.09
C LEU A 187 28.54 80.11 24.61
N VAL A 188 28.38 78.87 24.24
CA VAL A 188 27.98 78.53 22.91
C VAL A 188 26.52 78.89 22.70
N ARG A 189 26.21 80.17 22.69
CA ARG A 189 24.84 80.64 22.58
C ARG A 189 24.44 80.90 21.12
N VAL A 190 23.40 81.70 20.94
CA VAL A 190 22.91 82.02 19.61
C VAL A 190 23.57 83.28 19.07
N LYS A 191 24.77 83.59 19.56
CA LYS A 191 25.41 84.81 19.07
C LYS A 191 26.08 84.59 17.71
N GLN A 192 26.16 85.65 16.91
CA GLN A 192 26.72 85.56 15.55
C GLN A 192 28.21 85.92 15.54
N PRO A 193 29.00 85.20 14.72
CA PRO A 193 28.58 84.02 13.98
C PRO A 193 28.74 82.75 14.80
N PRO A 194 27.75 81.85 14.73
CA PRO A 194 27.71 80.65 15.57
C PRO A 194 28.91 79.73 15.33
N GLU A 195 29.46 79.75 14.13
CA GLU A 195 30.52 78.84 13.74
C GLU A 195 31.86 79.18 14.39
N SER A 196 32.13 80.47 14.57
CA SER A 196 33.38 80.93 15.17
C SER A 196 33.44 80.56 16.65
N TYR A 197 32.31 80.70 17.35
CA TYR A 197 32.22 80.34 18.75
C TYR A 197 32.41 78.83 18.95
N LEU A 198 31.67 78.04 18.19
CA LEU A 198 31.71 76.58 18.32
C LEU A 198 33.10 76.00 18.05
N GLU A 199 33.75 76.46 16.97
CA GLU A 199 35.08 75.97 16.63
C GLU A 199 36.07 76.25 17.75
N TYR A 200 35.93 77.41 18.38
CA TYR A 200 36.87 77.85 19.41
C TYR A 200 36.82 77.00 20.67
N TYR A 201 35.64 76.95 21.29
CA TYR A 201 35.46 76.20 22.53
C TYR A 201 35.67 74.70 22.30
N PHE A 202 35.50 74.26 21.06
CA PHE A 202 35.77 72.88 20.72
C PHE A 202 37.27 72.62 20.78
N SER A 203 38.05 73.59 20.31
CA SER A 203 39.50 73.45 20.25
C SER A 203 40.16 73.55 21.63
N GLN A 204 39.46 74.15 22.59
CA GLN A 204 39.97 74.30 23.94
C GLN A 204 39.76 73.02 24.75
N LEU A 205 38.65 72.34 24.47
CA LEU A 205 38.32 71.10 25.18
C LEU A 205 39.03 69.91 24.56
N GLN A 206 39.15 69.93 23.23
CA GLN A 206 39.69 68.81 22.44
C GLN A 206 40.96 68.13 22.98
N PRO A 207 41.99 68.90 23.37
CA PRO A 207 43.21 68.24 23.84
C PRO A 207 43.01 67.39 25.10
N TRP A 208 41.98 67.73 25.88
CA TRP A 208 41.78 67.08 27.18
C TRP A 208 41.10 65.72 27.13
N ILE A 209 40.21 65.52 26.17
CA ILE A 209 39.41 64.30 26.11
C ILE A 209 39.45 63.61 24.75
N GLY A 210 39.79 64.38 23.70
CA GLY A 210 39.83 63.84 22.36
C GLY A 210 38.68 64.36 21.50
N SER A 211 38.73 64.11 20.20
CA SER A 211 37.70 64.61 19.28
C SER A 211 36.36 63.92 19.47
N THR A 212 36.37 62.60 19.63
CA THR A 212 35.14 61.83 19.80
C THR A 212 34.37 62.26 21.05
N ALA A 213 35.11 62.45 22.15
CA ALA A 213 34.51 62.91 23.40
C ALA A 213 34.03 64.35 23.29
N THR A 214 34.85 65.21 22.68
CA THR A 214 34.51 66.62 22.54
C THR A 214 33.29 66.80 21.63
N GLU A 215 33.15 65.92 20.65
CA GLU A 215 31.96 65.92 19.80
C GLU A 215 30.74 65.51 20.61
N ALA A 216 30.92 64.55 21.51
CA ALA A 216 29.83 64.07 22.35
C ALA A 216 29.38 65.13 23.35
N VAL A 217 30.35 65.87 23.89
CA VAL A 217 30.07 66.90 24.89
C VAL A 217 29.25 68.06 24.31
N PHE A 218 29.62 68.51 23.12
CA PHE A 218 28.93 69.64 22.50
C PHE A 218 27.62 69.24 21.83
N ALA A 219 27.48 67.96 21.50
CA ALA A 219 26.20 67.45 21.01
C ALA A 219 25.20 67.40 22.15
N THR A 220 25.63 66.81 23.27
CA THR A 220 24.83 66.74 24.48
C THR A 220 24.48 68.14 24.98
N GLN A 221 25.42 69.07 24.83
CA GLN A 221 25.24 70.44 25.27
C GLN A 221 23.98 71.07 24.66
N ARG A 222 23.77 70.83 23.38
CA ARG A 222 22.62 71.37 22.67
C ARG A 222 21.33 70.75 23.18
N GLN A 223 21.40 69.50 23.62
CA GLN A 223 20.25 68.85 24.23
C GLN A 223 19.96 69.44 25.60
N PHE A 224 21.01 69.76 26.35
CA PHE A 224 20.87 70.43 27.63
C PHE A 224 20.28 71.82 27.44
N PHE A 225 20.60 72.44 26.32
CA PHE A 225 20.06 73.75 25.98
C PHE A 225 18.56 73.65 25.68
N HIS A 226 18.19 72.63 24.92
CA HIS A 226 16.78 72.37 24.62
C HIS A 226 15.99 72.05 25.88
N ALA A 227 16.57 71.21 26.74
CA ALA A 227 15.92 70.80 27.99
C ALA A 227 15.71 71.97 28.95
N THR A 228 16.61 72.95 28.90
CA THR A 228 16.53 74.11 29.76
C THR A 228 15.98 75.33 29.02
N TYR A 229 15.38 75.07 27.86
CA TYR A 229 14.66 76.09 27.10
C TYR A 229 15.53 77.27 26.68
N GLU A 230 16.75 76.97 26.25
CA GLU A 230 17.64 77.98 25.68
C GLU A 230 17.66 77.83 24.16
N ALA A 231 17.98 78.92 23.46
CA ALA A 231 18.05 78.88 22.01
C ALA A 231 19.28 78.13 21.54
N VAL A 232 19.12 77.29 20.54
CA VAL A 232 20.24 76.53 19.97
C VAL A 232 20.56 77.06 18.58
N ALA A 233 21.82 77.46 18.37
CA ALA A 233 22.23 78.05 17.11
C ALA A 233 22.46 77.00 16.03
N GLY A 234 22.29 77.40 14.77
CA GLY A 234 22.62 76.54 13.65
C GLY A 234 24.11 76.58 13.40
N PHE A 235 24.59 75.73 12.49
CA PHE A 235 25.99 75.76 12.07
C PHE A 235 26.06 75.68 10.56
N ASP A 236 26.80 76.60 9.95
CA ASP A 236 26.89 76.67 8.49
C ASP A 236 28.33 76.95 8.07
N SER A 237 28.96 75.94 7.48
CA SER A 237 30.36 76.04 7.06
C SER A 237 30.55 77.05 5.95
N GLU A 238 29.48 77.34 5.22
CA GLU A 238 29.58 78.24 4.08
C GLU A 238 29.04 79.64 4.40
N ASN A 239 28.94 79.96 5.68
CA ASN A 239 28.53 81.28 6.12
C ASN A 239 29.53 82.34 5.65
N LYS A 240 29.01 83.35 4.95
CA LYS A 240 29.84 84.38 4.34
C LYS A 240 30.16 85.53 5.28
N GLU A 241 29.48 85.57 6.42
CA GLU A 241 29.70 86.61 7.42
C GLU A 241 31.14 86.57 7.92
N PRO A 242 31.69 87.74 8.28
CA PRO A 242 33.10 87.84 8.68
C PRO A 242 33.43 87.01 9.92
N HIS A 243 34.56 86.29 9.87
CA HIS A 243 34.96 85.46 10.98
C HIS A 243 35.25 86.28 12.20
N LEU A 244 34.87 85.81 13.38
CA LEU A 244 35.14 86.51 14.61
C LEU A 244 36.15 85.76 15.41
N VAL A 245 37.31 86.31 15.65
CA VAL A 245 38.17 85.66 16.60
C VAL A 245 37.54 85.94 17.94
N VAL A 246 37.58 84.98 18.83
CA VAL A 246 36.76 85.03 20.02
C VAL A 246 37.63 85.45 21.20
N ASP A 247 38.90 85.11 21.12
CA ASP A 247 39.86 85.58 22.05
C ASP A 247 40.33 86.97 21.58
N GLY A 248 39.61 88.03 21.89
CA GLY A 248 39.98 89.32 21.38
C GLY A 248 38.74 89.91 20.79
N LEU A 249 37.77 89.08 20.50
CA LEU A 249 36.62 89.56 19.74
C LEU A 249 37.05 90.35 18.52
N GLY A 250 38.07 89.84 17.83
CA GLY A 250 38.64 90.52 16.68
C GLY A 250 38.39 89.82 15.36
N ARG A 251 39.18 90.19 14.35
CA ARG A 251 39.01 89.64 13.01
C ARG A 251 40.35 89.20 12.43
N TYR A 252 40.31 88.55 11.28
CA TYR A 252 41.50 88.32 10.48
C TYR A 252 41.29 89.02 9.15
N VAL A 253 42.37 89.24 8.43
CA VAL A 253 42.30 90.07 7.25
C VAL A 253 42.90 89.43 5.99
N ILE A 254 42.18 89.54 4.89
CA ILE A 254 42.66 89.10 3.61
C ILE A 254 43.12 90.33 2.88
N GLY A 255 44.33 90.31 2.33
CA GLY A 255 44.87 91.43 1.59
C GLY A 255 44.37 91.47 0.15
N GLN A 256 44.98 92.35 -0.65
CA GLN A 256 44.73 92.39 -2.08
C GLN A 256 45.36 91.17 -2.74
N ASP A 257 46.23 90.49 -2.00
CA ASP A 257 46.92 89.31 -2.51
C ASP A 257 45.93 88.26 -3.03
N GLY A 258 44.91 87.92 -2.24
CA GLY A 258 44.68 88.51 -0.93
C GLY A 258 44.69 87.50 0.19
N ASN A 259 45.56 86.49 0.08
CA ASN A 259 45.68 85.47 1.11
C ASN A 259 45.70 86.08 2.50
N PRO A 260 45.03 85.43 3.44
CA PRO A 260 44.93 85.97 4.81
C PRO A 260 46.29 86.49 5.27
N ILE A 261 46.29 87.48 6.15
CA ILE A 261 47.53 88.05 6.65
C ILE A 261 48.13 87.19 7.77
N ARG A 262 49.36 86.74 7.56
CA ARG A 262 50.03 85.90 8.54
C ARG A 262 51.12 86.69 9.27
N GLU A 263 52.05 85.99 9.91
CA GLU A 263 53.15 86.61 10.62
C GLU A 263 54.30 85.65 10.63
N GLU A 264 55.42 86.05 11.22
CA GLU A 264 56.47 85.08 11.56
C GLU A 264 57.83 85.47 11.00
N GLY A 274 53.50 79.72 9.56
CA GLY A 274 53.12 81.11 9.83
C GLY A 274 52.29 81.24 11.08
N GLU A 275 51.48 82.30 11.15
CA GLU A 275 50.62 82.49 12.30
C GLU A 275 49.58 83.59 12.08
N LEU A 276 48.33 83.30 12.42
CA LEU A 276 47.25 84.25 12.26
C LEU A 276 47.42 85.45 13.18
N LYS A 277 46.66 86.51 12.91
CA LYS A 277 46.74 87.72 13.72
C LYS A 277 45.43 87.98 14.45
N PHE A 278 45.24 89.22 14.91
CA PHE A 278 44.04 89.59 15.63
C PHE A 278 43.80 91.10 15.56
N PHE A 279 43.36 91.57 14.40
CA PHE A 279 43.10 92.99 14.20
C PHE A 279 41.81 93.41 14.89
N SER A 280 41.94 94.33 15.85
CA SER A 280 40.78 94.83 16.59
C SER A 280 39.66 95.32 15.68
N GLN A 281 38.44 94.87 15.95
CA GLN A 281 37.27 95.30 15.19
C GLN A 281 37.12 96.82 15.08
N LYS A 282 37.69 97.55 16.04
CA LYS A 282 37.67 99.01 15.99
C LYS A 282 38.61 99.49 14.88
N LYS A 283 39.74 98.82 14.71
CA LYS A 283 40.77 99.18 13.74
C LYS A 283 40.30 99.46 12.31
N LYS A 284 41.15 100.11 11.53
CA LYS A 284 40.71 100.71 10.27
C LYS A 284 41.71 100.55 9.16
N LEU A 285 41.45 99.66 8.21
CA LEU A 285 42.49 99.42 7.21
C LEU A 285 42.13 99.66 5.74
N GLU A 286 43.16 99.47 4.92
CA GLU A 286 43.16 99.77 3.50
C GLU A 286 41.96 99.37 2.67
N GLU A 287 41.81 100.07 1.56
CA GLU A 287 40.79 99.79 0.56
C GLU A 287 40.98 98.41 -0.04
N ASN A 288 42.24 97.99 -0.18
CA ASN A 288 42.58 96.73 -0.84
C ASN A 288 42.41 95.51 0.07
N GLN A 289 41.68 95.67 1.17
CA GLN A 289 41.56 94.60 2.15
C GLN A 289 40.15 94.47 2.71
N ARG A 290 39.78 93.24 3.05
CA ARG A 290 38.48 92.97 3.66
C ARG A 290 38.57 91.83 4.68
N TYR A 291 37.52 91.66 5.48
CA TYR A 291 37.54 90.68 6.56
C TYR A 291 37.41 89.23 6.08
N MET A 292 38.22 88.36 6.68
CA MET A 292 38.17 86.94 6.41
C MET A 292 36.81 86.38 6.83
N ARG A 293 36.18 85.66 5.92
CA ARG A 293 34.85 85.13 6.15
C ARG A 293 34.91 83.87 7.01
N VAL A 294 33.76 83.48 7.56
CA VAL A 294 33.66 82.24 8.32
C VAL A 294 34.00 81.05 7.43
N ASP A 295 33.43 81.05 6.22
CA ASP A 295 33.63 79.96 5.28
C ASP A 295 35.09 79.84 4.84
N GLU A 296 35.82 80.95 4.91
CA GLU A 296 37.25 80.95 4.60
C GLU A 296 38.07 80.44 5.78
N TYR A 297 37.59 80.67 7.00
CA TYR A 297 38.30 80.23 8.19
C TYR A 297 38.26 78.72 8.38
N LEU A 298 37.08 78.14 8.15
CA LEU A 298 36.88 76.71 8.35
C LEU A 298 37.60 75.87 7.30
N LYS A 299 37.92 76.48 6.16
CA LYS A 299 38.58 75.75 5.07
C LYS A 299 40.11 75.74 5.19
N LEU A 300 40.64 76.44 6.19
CA LEU A 300 42.08 76.41 6.46
C LEU A 300 42.52 75.01 6.87
N ASP A 301 43.72 74.62 6.47
CA ASP A 301 44.24 73.29 6.76
C ASP A 301 44.43 73.07 8.27
N GLU A 302 44.82 74.13 8.97
CA GLU A 302 45.07 74.05 10.40
C GLU A 302 43.78 73.86 11.19
N VAL A 303 42.69 74.45 10.70
CA VAL A 303 41.39 74.32 11.34
C VAL A 303 40.78 72.94 11.07
N GLN A 304 40.97 72.44 9.86
CA GLN A 304 40.39 71.16 9.45
C GLN A 304 41.04 69.96 10.13
N LYS A 305 42.28 70.11 10.57
CA LYS A 305 42.98 69.02 11.25
C LYS A 305 42.60 68.95 12.72
N ARG A 306 42.01 70.03 13.24
CA ARG A 306 41.64 70.07 14.65
C ARG A 306 40.12 70.13 14.86
N PHE A 307 39.38 70.39 13.78
CA PHE A 307 37.94 70.56 13.88
C PHE A 307 37.24 69.83 12.75
N PRO A 308 36.46 68.83 13.10
CA PRO A 308 35.78 68.06 12.07
C PRO A 308 34.46 68.67 11.61
N GLY A 309 34.26 69.99 11.66
CA GLY A 309 33.00 70.40 11.10
C GLY A 309 32.83 71.22 9.86
N ALA A 310 33.71 71.03 8.89
CA ALA A 310 33.58 71.65 7.57
C ALA A 310 34.12 70.68 6.52
N GLY A 311 33.32 70.39 5.48
CA GLY A 311 32.01 70.98 5.28
C GLY A 311 30.85 70.17 5.84
N LYS A 312 30.18 70.76 6.83
CA LYS A 312 28.98 70.20 7.43
C LYS A 312 28.00 71.27 7.85
N LYS A 313 26.80 70.86 8.22
CA LYS A 313 25.73 71.78 8.54
C LYS A 313 24.95 71.28 9.75
N LEU A 314 24.54 72.20 10.62
CA LEU A 314 23.66 71.85 11.73
C LEU A 314 22.45 72.77 11.72
N ASP A 315 21.26 72.18 11.76
CA ASP A 315 20.04 72.97 11.82
C ASP A 315 19.89 73.58 13.20
N GLY A 316 19.26 74.76 13.26
CA GLY A 316 19.01 75.41 14.54
C GLY A 316 17.63 75.06 15.06
N GLY A 317 17.31 75.51 16.27
CA GLY A 317 16.01 75.27 16.85
C GLY A 317 15.73 73.78 17.08
N LEU A 318 14.45 73.46 17.30
CA LEU A 318 14.05 72.08 17.50
C LEU A 318 13.53 71.44 16.22
N PRO A 319 14.05 70.25 15.88
CA PRO A 319 13.53 69.48 14.74
C PRO A 319 12.05 69.17 14.94
N GLY A 320 11.22 69.51 13.96
CA GLY A 320 9.79 69.28 14.07
C GLY A 320 9.01 70.54 14.38
N LEU A 321 9.67 71.52 14.99
CA LEU A 321 9.02 72.79 15.30
C LEU A 321 9.37 73.84 14.25
N LYS A 322 8.40 74.70 13.94
CA LYS A 322 8.66 75.85 13.07
C LYS A 322 9.28 76.96 13.92
N GLU A 323 9.51 78.12 13.30
CA GLU A 323 10.13 79.23 14.01
C GLU A 323 9.17 79.89 15.01
N TYR A 324 7.89 79.95 14.67
CA TYR A 324 6.92 80.59 15.54
C TYR A 324 6.63 79.73 16.77
N GLN A 325 6.79 78.42 16.62
CA GLN A 325 6.54 77.48 17.72
C GLN A 325 7.75 77.41 18.64
N TYR A 326 8.94 77.58 18.08
CA TYR A 326 10.17 77.56 18.84
C TYR A 326 10.21 78.75 19.81
N LEU A 327 9.80 79.91 19.32
CA LEU A 327 9.80 81.13 20.14
C LEU A 327 8.73 81.08 21.23
N GLN A 328 7.61 80.43 20.95
CA GLN A 328 6.56 80.27 21.97
C GLN A 328 7.01 79.26 23.01
N ARG A 329 8.02 78.47 22.68
CA ARG A 329 8.61 77.53 23.62
C ARG A 329 9.71 78.22 24.43
N LEU A 330 10.52 79.02 23.75
CA LEU A 330 11.61 79.75 24.41
C LEU A 330 11.07 80.77 25.40
N ASN A 331 9.79 81.10 25.28
CA ASN A 331 9.15 82.06 26.17
C ASN A 331 8.12 81.40 27.07
N SER A 332 8.20 80.07 27.18
CA SER A 332 7.32 79.33 28.07
C SER A 332 7.62 79.65 29.53
N ILE A 333 6.77 79.19 30.43
CA ILE A 333 6.98 79.41 31.85
C ILE A 333 8.02 78.41 32.39
N ASN A 334 8.25 77.35 31.62
CA ASN A 334 9.25 76.35 31.99
C ASN A 334 10.67 76.91 32.00
N ARG A 335 10.93 77.87 31.12
CA ARG A 335 12.21 78.57 31.11
C ARG A 335 12.45 79.22 32.47
N ALA A 336 11.42 79.84 33.01
CA ALA A 336 11.50 80.49 34.31
C ALA A 336 11.59 79.46 35.44
N ARG A 337 11.03 78.27 35.20
CA ARG A 337 11.08 77.20 36.20
C ARG A 337 12.47 76.58 36.26
N CYS A 338 13.18 76.57 35.13
CA CYS A 338 14.55 76.06 35.09
C CYS A 338 15.49 77.02 35.80
N GLU A 339 15.14 78.30 35.79
CA GLU A 339 15.99 79.33 36.38
C GLU A 339 15.67 79.58 37.85
N ASN A 340 14.60 78.98 38.35
CA ASN A 340 14.14 79.24 39.72
C ASN A 340 13.93 77.98 40.56
N ASP A 341 13.63 76.86 39.91
CA ASP A 341 13.43 75.60 40.62
C ASP A 341 14.61 74.67 40.36
N VAL A 342 15.37 74.37 41.42
CA VAL A 342 16.52 73.48 41.34
C VAL A 342 16.11 72.06 40.94
N ASP A 343 15.11 71.53 41.63
CA ASP A 343 14.65 70.17 41.38
C ASP A 343 14.03 70.01 40.00
N PHE A 344 13.54 71.10 39.43
CA PHE A 344 12.95 71.06 38.10
C PHE A 344 14.02 71.10 37.01
N CYS A 345 14.96 72.02 37.14
CA CYS A 345 16.04 72.15 36.15
C CYS A 345 16.92 70.90 36.13
N LEU A 346 17.19 70.36 37.31
CA LEU A 346 17.96 69.12 37.42
C LEU A 346 17.20 67.96 36.80
N GLY A 347 15.87 67.96 36.95
CA GLY A 347 15.04 66.92 36.37
C GLY A 347 15.02 67.01 34.86
N GLN A 348 15.02 68.24 34.35
CA GLN A 348 15.07 68.48 32.91
C GLN A 348 16.38 67.96 32.32
N LEU A 349 17.47 68.23 33.03
CA LEU A 349 18.79 67.82 32.57
C LEU A 349 18.99 66.32 32.67
N GLN A 350 18.47 65.72 33.74
CA GLN A 350 18.55 64.27 33.93
C GLN A 350 17.87 63.51 32.81
N THR A 351 16.73 64.03 32.36
CA THR A 351 15.98 63.42 31.26
C THR A 351 16.77 63.53 29.96
N ALA A 352 17.35 64.70 29.72
CA ALA A 352 18.15 64.94 28.53
C ALA A 352 19.43 64.10 28.55
N HIS A 353 20.10 64.07 29.70
CA HIS A 353 21.33 63.30 29.86
C HIS A 353 21.07 61.81 29.65
N HIS A 354 19.91 61.34 30.12
CA HIS A 354 19.55 59.94 29.99
C HIS A 354 19.21 59.57 28.55
N GLN A 355 18.64 60.54 27.83
CA GLN A 355 18.27 60.32 26.43
C GLN A 355 19.51 60.26 25.52
N THR A 356 20.57 60.96 25.92
CA THR A 356 21.81 60.97 25.16
C THR A 356 22.52 59.61 25.21
N LYS A 357 22.05 58.73 26.08
CA LYS A 357 22.62 57.40 26.21
C LYS A 357 21.82 56.36 25.44
N ILE A 358 20.56 56.68 25.16
CA ILE A 358 19.68 55.77 24.43
C ILE A 358 19.71 56.07 22.92
N THR A 359 19.67 57.36 22.58
CA THR A 359 19.66 57.80 21.18
C THR A 359 20.76 57.19 20.28
N PRO A 360 22.03 57.21 20.73
CA PRO A 360 23.07 56.66 19.85
C PRO A 360 22.94 55.16 19.63
N ILE A 361 22.33 54.45 20.57
CA ILE A 361 22.11 53.00 20.42
C ILE A 361 21.11 52.72 19.31
N LYS A 362 20.02 53.49 19.29
CA LYS A 362 18.98 53.32 18.27
C LYS A 362 19.50 53.69 16.88
N ARG A 363 20.48 54.58 16.83
CA ARG A 363 21.10 54.99 15.57
C ARG A 363 21.84 53.83 14.91
N ALA A 364 22.46 52.98 15.72
CA ALA A 364 23.34 51.94 15.21
C ALA A 364 22.59 50.75 14.65
N PHE A 365 21.27 50.77 14.73
CA PHE A 365 20.46 49.66 14.22
C PHE A 365 19.26 50.19 13.45
N GLN A 366 18.56 49.30 12.74
CA GLN A 366 17.34 49.66 12.05
C GLN A 366 16.30 50.14 13.06
N SER A 367 15.47 51.08 12.64
CA SER A 367 14.38 51.54 13.49
C SER A 367 13.26 50.51 13.50
N SER A 368 12.42 50.57 14.54
CA SER A 368 11.21 49.77 14.58
C SER A 368 10.05 50.69 14.92
N SER A 369 8.89 50.44 14.30
CA SER A 369 7.72 51.26 14.55
C SER A 369 6.81 50.66 15.60
N GLU A 370 6.60 49.34 15.51
CA GLU A 370 5.64 48.66 16.38
C GLU A 370 6.25 48.12 17.67
N LYS A 371 5.59 48.42 18.78
CA LYS A 371 6.08 48.05 20.11
C LYS A 371 5.64 46.64 20.48
N ALA A 372 4.50 46.21 19.94
CA ALA A 372 3.91 44.93 20.31
C ALA A 372 4.63 43.74 19.71
N ARG A 373 4.46 42.57 20.33
CA ARG A 373 4.97 41.32 19.77
C ARG A 373 4.36 41.08 18.40
N ARG A 374 5.12 40.43 17.52
CA ARG A 374 4.63 40.11 16.20
C ARG A 374 3.53 39.05 16.27
N GLN A 375 2.82 38.86 15.15
CA GLN A 375 1.78 37.84 15.06
C GLN A 375 2.43 36.46 15.00
N PRO A 376 1.66 35.41 15.31
CA PRO A 376 2.23 34.06 15.28
C PRO A 376 2.71 33.68 13.88
N ASN A 377 3.84 32.99 13.79
CA ASN A 377 4.28 32.43 12.52
C ASN A 377 3.75 31.01 12.33
N MET A 378 4.12 30.35 11.27
CA MET A 378 3.53 29.07 11.05
C MET A 378 3.97 27.97 11.98
N ASP A 379 5.19 28.00 12.49
CA ASP A 379 5.61 26.99 13.45
C ASP A 379 5.08 27.22 14.87
N GLU A 380 4.74 28.47 15.19
CA GLU A 380 4.19 28.78 16.51
C GLU A 380 2.72 28.38 16.57
N ILE A 381 2.01 28.57 15.47
CA ILE A 381 0.63 28.11 15.33
C ILE A 381 0.59 26.59 15.45
N ALA A 382 1.54 25.92 14.81
CA ALA A 382 1.64 24.47 14.86
C ALA A 382 2.06 23.98 16.24
N ALA A 383 2.95 24.72 16.89
CA ALA A 383 3.41 24.36 18.22
C ALA A 383 2.27 24.43 19.23
N ALA A 384 1.38 25.39 19.04
CA ALA A 384 0.23 25.54 19.92
C ALA A 384 -0.73 24.36 19.78
N ARG A 385 -0.91 23.87 18.55
CA ARG A 385 -1.76 22.71 18.30
C ARG A 385 -1.21 21.48 18.99
N ILE A 386 0.08 21.24 18.80
CA ILE A 386 0.77 20.09 19.38
C ILE A 386 0.73 20.12 20.90
N VAL A 387 0.98 21.30 21.48
CA VAL A 387 0.90 21.48 22.93
C VAL A 387 -0.52 21.20 23.43
N GLN A 388 -1.52 21.63 22.68
CA GLN A 388 -2.91 21.42 23.04
C GLN A 388 -3.31 19.96 23.01
N GLN A 389 -2.76 19.21 22.05
CA GLN A 389 -3.13 17.81 21.87
C GLN A 389 -2.41 16.89 22.85
N ILE A 390 -1.17 17.24 23.20
CA ILE A 390 -0.46 16.55 24.27
C ILE A 390 -1.20 16.81 25.57
N MET A 391 -1.76 17.97 25.71
CA MET A 391 -2.41 18.37 26.92
C MET A 391 -3.76 17.71 27.01
N ALA A 392 -4.39 17.50 25.87
CA ALA A 392 -5.71 16.88 25.83
C ALA A 392 -5.65 15.37 26.09
N ASN A 393 -4.59 14.74 25.59
CA ASN A 393 -4.40 13.30 25.83
C ASN A 393 -3.01 12.99 26.36
N PRO A 394 -2.83 13.14 27.68
CA PRO A 394 -1.56 12.87 28.37
C PRO A 394 -1.09 11.42 28.21
N ASP A 395 -1.98 10.54 27.74
CA ASP A 395 -1.63 9.16 27.44
C ASP A 395 -0.48 9.05 26.44
N CYS A 396 -0.29 10.10 25.64
CA CYS A 396 0.73 10.12 24.61
C CYS A 396 2.14 10.39 25.17
N ILE A 397 2.23 10.56 26.48
CA ILE A 397 3.52 10.87 27.11
C ILE A 397 4.25 9.62 27.57
N HIS A 398 5.44 9.40 27.02
CA HIS A 398 6.27 8.26 27.39
C HIS A 398 7.60 8.73 27.96
N ASP A 399 8.39 7.80 28.50
CA ASP A 399 9.61 8.13 29.23
C ASP A 399 10.70 8.70 28.33
N ASP A 400 10.58 8.45 27.03
CA ASP A 400 11.65 8.73 26.08
C ASP A 400 11.19 9.69 25.00
N HIS A 401 9.88 9.81 24.83
CA HIS A 401 9.30 10.54 23.72
C HIS A 401 7.82 10.79 23.95
N VAL A 402 7.23 11.60 23.08
CA VAL A 402 5.79 11.74 23.02
C VAL A 402 5.31 11.10 21.71
N PHE A 403 4.25 10.31 21.77
CA PHE A 403 3.73 9.67 20.57
C PHE A 403 2.33 10.15 20.22
N LEU A 404 2.25 11.08 19.27
CA LEU A 404 0.98 11.65 18.84
C LEU A 404 0.67 11.34 17.39
N ASN A 405 -0.51 10.78 17.15
CA ASN A 405 -1.04 10.54 15.81
C ASN A 405 -0.04 9.94 14.81
N GLY A 406 0.73 8.95 15.27
CA GLY A 406 1.65 8.26 14.39
C GLY A 406 3.06 8.85 14.36
N GLN A 407 3.23 10.01 14.98
CA GLN A 407 4.54 10.65 14.98
C GLN A 407 5.21 10.56 16.35
N LYS A 408 6.54 10.49 16.34
CA LYS A 408 7.33 10.38 17.56
C LYS A 408 8.07 11.67 17.82
N LEU A 409 7.71 12.37 18.89
CA LEU A 409 8.34 13.63 19.24
C LEU A 409 9.38 13.41 20.35
N GLU A 410 10.64 13.63 20.04
CA GLU A 410 11.71 13.39 21.00
C GLU A 410 12.25 14.67 21.60
N GLU A 411 13.25 14.54 22.48
CA GLU A 411 13.78 15.65 23.27
C GLU A 411 14.21 16.86 22.44
N LYS A 412 14.84 16.62 21.30
CA LYS A 412 15.33 17.70 20.45
C LYS A 412 14.18 18.54 19.88
N PHE A 413 13.06 17.89 19.59
CA PHE A 413 11.89 18.59 19.06
C PHE A 413 11.39 19.65 20.03
N PHE A 414 11.41 19.32 21.32
CA PHE A 414 10.90 20.23 22.34
C PHE A 414 11.91 21.31 22.72
N ARG A 415 13.20 20.98 22.65
CA ARG A 415 14.25 21.97 22.87
C ARG A 415 14.25 22.99 21.72
N ASP A 416 13.80 22.55 20.56
CA ASP A 416 13.73 23.42 19.39
C ASP A 416 12.58 24.41 19.47
N LEU A 417 11.48 23.99 20.11
CA LEU A 417 10.36 24.89 20.35
C LEU A 417 10.77 25.96 21.35
N LEU A 418 11.46 25.54 22.40
CA LEU A 418 11.95 26.43 23.44
C LEU A 418 12.91 27.49 22.90
N ALA A 419 13.55 27.19 21.77
CA ALA A 419 14.60 28.05 21.25
C ALA A 419 14.18 28.88 20.04
N LYS A 420 13.19 28.39 19.29
CA LYS A 420 12.80 29.04 18.04
C LYS A 420 11.42 29.69 18.08
N CYS A 421 10.56 29.20 18.97
CA CYS A 421 9.22 29.76 19.11
C CYS A 421 9.20 30.84 20.19
N ASP A 422 8.43 31.90 19.95
CA ASP A 422 8.14 32.86 21.01
C ASP A 422 7.03 32.25 21.85
N MET A 423 7.41 31.71 23.01
CA MET A 423 6.49 31.01 23.89
C MET A 423 5.29 31.87 24.26
N ALA A 424 5.53 33.16 24.46
CA ALA A 424 4.45 34.07 24.85
C ALA A 424 3.39 34.12 23.75
N ILE A 425 3.85 34.11 22.50
CA ILE A 425 2.96 34.08 21.35
C ILE A 425 2.23 32.74 21.28
N VAL A 426 2.96 31.65 21.55
CA VAL A 426 2.36 30.32 21.56
C VAL A 426 1.28 30.22 22.64
N GLY A 427 1.57 30.80 23.80
CA GLY A 427 0.61 30.83 24.89
C GLY A 427 -0.64 31.62 24.54
N SER A 428 -0.49 32.62 23.68
CA SER A 428 -1.62 33.45 23.26
C SER A 428 -2.59 32.64 22.41
N LEU A 429 -2.13 31.50 21.90
CA LEU A 429 -2.95 30.65 21.06
C LEU A 429 -3.57 29.50 21.83
N LEU A 430 -3.42 29.54 23.16
CA LEU A 430 -3.97 28.49 24.03
C LEU A 430 -5.25 28.98 24.71
N ASN A 431 -6.07 28.05 25.18
CA ASN A 431 -7.34 28.40 25.81
C ASN A 431 -7.51 27.83 27.22
N ASP A 432 -8.62 28.15 27.86
CA ASP A 432 -8.87 27.73 29.24
C ASP A 432 -8.97 26.22 29.41
N THR A 433 -9.38 25.53 28.34
CA THR A 433 -9.46 24.07 28.37
C THR A 433 -8.06 23.49 28.54
N ASP A 434 -7.10 24.07 27.84
CA ASP A 434 -5.70 23.65 27.94
C ASP A 434 -5.17 23.90 29.35
N ILE A 435 -5.50 25.07 29.90
CA ILE A 435 -5.15 25.40 31.28
C ILE A 435 -5.78 24.41 32.24
N ARG A 436 -7.07 24.12 32.01
CA ARG A 436 -7.82 23.20 32.86
C ARG A 436 -7.23 21.79 32.79
N ASN A 437 -6.65 21.46 31.64
CA ASN A 437 -6.06 20.13 31.45
C ASN A 437 -4.70 19.93 32.14
N ILE A 438 -4.22 20.96 32.81
CA ILE A 438 -2.97 20.84 33.57
C ILE A 438 -3.13 19.82 34.69
N ASP A 439 -4.30 19.82 35.32
CA ASP A 439 -4.62 18.84 36.36
C ASP A 439 -4.61 17.41 35.84
N THR A 440 -5.09 17.22 34.62
CA THR A 440 -5.06 15.91 33.99
C THR A 440 -3.63 15.49 33.68
N LEU A 441 -2.83 16.46 33.22
CA LEU A 441 -1.42 16.21 32.92
C LEU A 441 -0.66 15.85 34.19
N MET A 442 -0.96 16.53 35.26
CA MET A 442 -0.26 16.34 36.51
C MET A 442 -0.55 15.05 37.21
N GLN A 443 -1.71 14.47 36.98
CA GLN A 443 -2.04 13.15 37.50
C GLN A 443 -1.24 12.08 36.75
N HIS A 444 -1.09 12.25 35.45
CA HIS A 444 -0.29 11.33 34.65
C HIS A 444 1.19 11.46 35.01
N GLU A 445 1.56 12.65 35.47
CA GLU A 445 2.95 12.91 35.86
C GLU A 445 3.03 13.02 37.37
N ARG A 446 2.23 12.24 38.07
CA ARG A 446 2.15 12.28 39.53
C ARG A 446 3.47 11.93 40.18
N ASN A 447 4.13 10.90 39.66
CA ASN A 447 5.36 10.40 40.25
C ASN A 447 6.62 10.84 39.50
N THR A 448 6.44 11.66 38.48
CA THR A 448 7.58 12.23 37.75
C THR A 448 8.40 13.11 38.68
N GLU A 449 9.69 12.81 38.80
CA GLU A 449 10.57 13.51 39.73
C GLU A 449 11.27 14.68 39.04
N PHE A 450 11.22 15.85 39.68
CA PHE A 450 11.89 17.03 39.17
C PHE A 450 13.15 17.30 39.99
N HIS A 451 14.20 17.77 39.32
CA HIS A 451 15.46 18.03 39.99
C HIS A 451 15.88 19.48 39.91
N SER A 452 16.17 20.09 41.06
CA SER A 452 16.72 21.43 41.10
C SER A 452 18.12 21.41 40.49
N THR A 453 18.58 22.57 40.03
CA THR A 453 19.96 22.68 39.56
C THR A 453 20.89 22.56 40.75
N ASP A 454 20.39 22.98 41.92
CA ASP A 454 21.06 22.77 43.19
C ASP A 454 21.07 21.27 43.49
N ALA A 455 22.20 20.62 43.21
CA ALA A 455 22.30 19.16 43.32
C ALA A 455 22.32 18.65 44.76
N LYS A 456 22.21 19.57 45.72
CA LYS A 456 22.11 19.20 47.13
C LYS A 456 20.66 18.97 47.52
N ALA A 457 19.75 19.51 46.73
CA ALA A 457 18.32 19.39 46.99
C ALA A 457 17.78 18.04 46.56
N LYS A 458 16.81 17.52 47.33
CA LYS A 458 16.22 16.23 47.04
C LYS A 458 15.22 16.34 45.89
N PRO A 459 15.05 15.24 45.13
CA PRO A 459 14.08 15.24 44.03
C PRO A 459 12.66 15.43 44.56
N VAL A 460 11.84 16.14 43.79
CA VAL A 460 10.45 16.38 44.15
C VAL A 460 9.53 15.76 43.11
N LYS A 461 8.52 15.03 43.56
CA LYS A 461 7.55 14.47 42.62
C LYS A 461 6.58 15.54 42.14
N LEU A 462 6.62 15.80 40.83
CA LEU A 462 5.92 16.93 40.23
C LEU A 462 4.41 16.94 40.47
N GLY A 463 3.71 15.97 39.88
CA GLY A 463 2.26 15.92 39.94
C GLY A 463 1.70 15.75 41.34
N GLU A 464 2.43 15.06 42.20
CA GLU A 464 1.99 14.84 43.58
C GLU A 464 2.09 16.11 44.40
N THR A 465 3.13 16.89 44.15
CA THR A 465 3.34 18.16 44.85
C THR A 465 2.36 19.21 44.35
N TRP A 466 2.08 19.15 43.05
CA TRP A 466 1.09 20.02 42.43
C TRP A 466 -0.29 19.80 43.05
N GLU A 467 -0.69 18.54 43.14
CA GLU A 467 -2.00 18.16 43.64
C GLU A 467 -2.16 18.44 45.14
N LYS A 468 -1.10 18.24 45.91
CA LYS A 468 -1.21 18.26 47.36
C LYS A 468 -0.71 19.54 48.04
N THR A 469 0.04 20.36 47.32
CA THR A 469 0.62 21.56 47.92
C THR A 469 0.33 22.82 47.11
N ILE A 470 0.47 22.72 45.79
CA ILE A 470 0.32 23.89 44.92
C ILE A 470 -1.14 24.30 44.67
N ARG A 471 -1.97 23.33 44.26
CA ARG A 471 -3.35 23.67 43.90
C ARG A 471 -4.29 23.86 45.07
N SER A 472 -5.25 24.78 44.88
CA SER A 472 -6.14 25.21 45.94
C SER A 472 -7.60 25.16 45.51
N GLY A 473 -7.89 24.41 44.44
CA GLY A 473 -9.25 24.29 43.96
C GLY A 473 -9.64 25.41 43.01
N GLY A 474 -10.94 25.60 42.82
CA GLY A 474 -11.45 26.68 42.00
C GLY A 474 -11.45 26.36 40.51
N GLY A 475 -11.79 27.36 39.70
CA GLY A 475 -11.82 27.20 38.26
C GLY A 475 -10.48 27.47 37.59
N VAL A 476 -10.51 27.81 36.31
CA VAL A 476 -9.28 28.03 35.54
C VAL A 476 -8.40 29.15 36.08
N THR A 477 -9.00 30.27 36.44
CA THR A 477 -8.24 31.43 36.90
C THR A 477 -7.37 31.09 38.11
N GLN A 478 -7.89 30.25 39.00
CA GLN A 478 -7.12 29.84 40.16
C GLN A 478 -5.97 28.90 39.77
N ILE A 479 -6.21 28.05 38.77
CA ILE A 479 -5.15 27.19 38.24
C ILE A 479 -4.00 28.04 37.71
N LYS A 480 -4.34 29.07 36.96
CA LYS A 480 -3.36 30.00 36.41
C LYS A 480 -2.56 30.65 37.54
N HIS A 481 -3.25 31.13 38.57
CA HIS A 481 -2.60 31.69 39.75
C HIS A 481 -1.67 30.67 40.42
N ASP A 482 -2.14 29.42 40.49
CA ASP A 482 -1.34 28.35 41.10
C ASP A 482 -0.09 28.05 40.28
N LEU A 483 -0.22 28.04 38.96
CA LEU A 483 0.92 27.79 38.08
C LEU A 483 1.97 28.89 38.17
N ILE A 484 1.50 30.13 38.22
CA ILE A 484 2.38 31.28 38.39
C ILE A 484 3.10 31.22 39.74
N PHE A 485 2.37 30.80 40.77
CA PHE A 485 2.92 30.67 42.12
C PHE A 485 4.04 29.63 42.14
N LEU A 486 3.80 28.50 41.47
CA LEU A 486 4.81 27.45 41.33
C LEU A 486 6.08 28.01 40.71
N MET A 487 5.92 28.83 39.68
CA MET A 487 7.06 29.40 38.97
C MET A 487 7.74 30.54 39.74
N GLN A 488 7.03 31.10 40.70
CA GLN A 488 7.57 32.21 41.49
C GLN A 488 8.31 31.77 42.74
N ASN A 489 7.85 30.69 43.36
CA ASN A 489 8.30 30.34 44.71
C ASN A 489 9.06 29.02 44.85
N ASP A 490 8.78 28.05 43.97
CA ASP A 490 9.41 26.75 44.09
C ASP A 490 10.68 26.60 43.25
N ALA A 491 11.83 26.74 43.89
CA ALA A 491 13.13 26.69 43.22
C ALA A 491 13.43 25.33 42.58
N TRP A 492 12.89 24.26 43.17
CA TRP A 492 13.07 22.92 42.61
C TRP A 492 12.44 22.85 41.21
N TYR A 493 11.46 23.70 40.96
CA TYR A 493 10.78 23.72 39.67
C TYR A 493 11.41 24.73 38.71
N HIS A 494 11.55 25.98 39.14
CA HIS A 494 11.95 27.03 38.21
C HIS A 494 13.43 27.07 37.83
N THR A 495 14.32 26.59 38.71
CA THR A 495 15.74 26.50 38.37
C THR A 495 15.95 25.54 37.21
N ARG A 496 15.22 24.42 37.24
CA ARG A 496 15.29 23.42 36.19
C ARG A 496 14.65 23.94 34.90
N VAL A 497 13.47 24.54 35.03
CA VAL A 497 12.75 25.09 33.88
C VAL A 497 13.53 26.21 33.20
N ASN A 498 14.08 27.13 33.98
CA ASN A 498 14.86 28.24 33.44
C ASN A 498 16.13 27.78 32.73
N ALA A 499 16.80 26.78 33.31
CA ALA A 499 18.02 26.25 32.72
C ALA A 499 17.76 25.60 31.37
N ILE A 500 16.68 24.83 31.28
CA ILE A 500 16.32 24.15 30.04
C ILE A 500 15.85 25.14 28.97
N ALA A 501 14.97 26.06 29.35
CA ALA A 501 14.47 27.07 28.43
C ALA A 501 15.61 27.91 27.86
N GLN A 502 16.63 28.15 28.67
CA GLN A 502 17.78 28.94 28.25
C GLN A 502 18.91 28.09 27.65
N ASN A 503 18.68 26.78 27.56
CA ASN A 503 19.64 25.86 26.93
C ASN A 503 21.02 25.89 27.61
N ARG A 504 21.01 25.85 28.95
CA ARG A 504 22.24 25.90 29.74
C ARG A 504 22.17 24.88 30.86
N ASP A 505 21.30 23.88 30.69
CA ASP A 505 21.12 22.84 31.68
C ASP A 505 22.05 21.66 31.45
N LYS A 506 22.24 20.83 32.48
CA LYS A 506 22.97 19.59 32.34
C LYS A 506 22.26 18.45 33.09
N ASP A 507 22.25 17.28 32.47
CA ASP A 507 21.66 16.08 33.08
C ASP A 507 20.19 16.29 33.45
N SER A 508 19.39 16.70 32.48
CA SER A 508 17.96 16.84 32.67
C SER A 508 17.24 15.64 32.04
N THR A 509 16.13 15.24 32.64
CA THR A 509 15.34 14.14 32.09
C THR A 509 14.52 14.63 30.89
N PHE A 510 14.01 13.70 30.10
CA PHE A 510 13.17 14.05 28.97
C PHE A 510 11.91 14.78 29.43
N LYS A 511 11.27 14.24 30.46
CA LYS A 511 10.02 14.79 30.97
C LYS A 511 10.21 16.20 31.54
N GLU A 512 11.39 16.48 32.07
CA GLU A 512 11.71 17.83 32.54
C GLU A 512 11.74 18.80 31.36
N VAL A 513 12.30 18.35 30.23
CA VAL A 513 12.32 19.14 29.02
C VAL A 513 10.89 19.34 28.50
N LEU A 514 10.13 18.24 28.47
CA LEU A 514 8.75 18.27 28.01
C LEU A 514 7.88 19.22 28.82
N ILE A 515 8.00 19.13 30.14
CA ILE A 515 7.24 20.00 31.03
C ILE A 515 7.62 21.46 30.80
N THR A 516 8.91 21.73 30.67
CA THR A 516 9.40 23.08 30.37
C THR A 516 8.78 23.60 29.08
N ALA A 517 8.68 22.74 28.07
CA ALA A 517 8.13 23.14 26.78
C ALA A 517 6.61 23.30 26.82
N LEU A 518 5.95 22.58 27.72
CA LEU A 518 4.50 22.67 27.87
C LEU A 518 4.09 23.79 28.81
N MET A 519 4.89 23.98 29.86
CA MET A 519 4.55 24.93 30.91
C MET A 519 4.88 26.37 30.54
N THR A 520 6.00 26.57 29.86
CA THR A 520 6.43 27.93 29.51
C THR A 520 5.34 28.71 28.76
N PRO A 521 4.77 28.13 27.68
CA PRO A 521 3.70 28.89 27.02
C PRO A 521 2.43 28.95 27.85
N LEU A 522 2.23 27.96 28.73
CA LEU A 522 1.05 27.96 29.59
C LEU A 522 1.19 28.96 30.74
N THR A 523 2.41 29.19 31.18
CA THR A 523 2.67 30.16 32.24
C THR A 523 2.56 31.58 31.68
N ASN A 524 2.92 31.75 30.41
CA ASN A 524 2.77 33.04 29.75
C ASN A 524 1.30 33.41 29.55
N LYS A 525 0.48 32.46 29.13
CA LYS A 525 -0.96 32.70 28.99
C LYS A 525 -1.58 33.07 30.33
N SER A 526 -1.22 32.31 31.37
CA SER A 526 -1.70 32.57 32.72
C SER A 526 -1.34 33.99 33.15
N LEU A 527 -0.10 34.39 32.88
CA LEU A 527 0.36 35.74 33.21
C LEU A 527 -0.41 36.81 32.45
N MET A 528 -0.58 36.65 31.15
CA MET A 528 -1.29 37.59 30.35
C MET A 528 -2.77 37.68 30.65
N ASP A 529 -3.36 36.59 31.11
CA ASP A 529 -4.79 36.57 31.40
C ASP A 529 -5.13 37.12 32.79
N THR A 530 -4.16 37.08 33.70
CA THR A 530 -4.39 37.48 35.08
C THR A 530 -3.83 38.86 35.44
N SER A 531 -2.84 39.32 34.69
CA SER A 531 -2.22 40.62 34.96
C SER A 531 -3.15 41.76 34.59
N ARG A 532 -3.12 42.82 35.40
CA ARG A 532 -3.94 44.00 35.14
C ARG A 532 -3.23 45.31 35.46
N SER A 533 -1.99 45.20 35.95
CA SER A 533 -1.18 46.38 36.19
C SER A 533 -0.80 47.02 34.87
N PRO A 534 -0.69 48.35 34.84
CA PRO A 534 -0.04 48.98 33.69
C PRO A 534 1.44 48.61 33.71
N ALA A 535 2.05 48.45 32.55
CA ALA A 535 3.45 48.02 32.47
C ALA A 535 4.40 49.05 33.06
N PRO A 536 5.18 48.64 34.07
CA PRO A 536 6.21 49.51 34.63
C PRO A 536 7.36 49.68 33.62
N LYS A 537 8.16 50.73 33.80
CA LYS A 537 9.24 51.01 32.86
C LYS A 537 10.62 50.87 33.49
N THR A 538 10.64 50.44 34.75
CA THR A 538 11.88 50.15 35.44
C THR A 538 11.73 48.87 36.24
N LEU A 539 12.38 47.81 35.77
CA LEU A 539 12.32 46.52 36.45
C LEU A 539 13.70 46.12 36.95
N PHE A 540 13.75 45.44 38.08
CA PHE A 540 15.01 45.02 38.66
C PHE A 540 15.12 43.50 38.70
N ARG A 541 16.24 42.98 38.20
CA ARG A 541 16.46 41.54 38.18
C ARG A 541 17.76 41.19 38.89
N GLY A 542 17.68 40.27 39.84
CA GLY A 542 18.83 39.87 40.60
C GLY A 542 19.40 38.54 40.14
N LEU A 543 20.72 38.44 40.11
CA LEU A 543 21.39 37.22 39.70
C LEU A 543 22.51 36.87 40.67
N ASP A 544 22.75 35.57 40.84
CA ASP A 544 23.89 35.11 41.63
C ASP A 544 24.93 34.52 40.68
N LEU A 545 25.86 35.35 40.26
CA LEU A 545 26.85 34.96 39.25
C LEU A 545 28.21 34.63 39.86
N SER A 546 28.98 33.80 39.16
CA SER A 546 30.36 33.54 39.54
C SER A 546 31.19 34.79 39.31
N GLU A 547 32.35 34.87 39.96
CA GLU A 547 33.21 36.04 39.84
C GLU A 547 33.76 36.17 38.42
N GLU A 548 34.06 35.02 37.80
CA GLU A 548 34.56 35.00 36.43
C GLU A 548 33.52 35.52 35.45
N PHE A 549 32.28 35.03 35.59
CA PHE A 549 31.22 35.42 34.67
C PHE A 549 30.87 36.89 34.80
N LYS A 550 30.82 37.41 36.02
CA LYS A 550 30.47 38.80 36.25
C LYS A 550 31.48 39.75 35.61
N ASN A 551 32.77 39.49 35.83
CA ASN A 551 33.82 40.32 35.26
C ASN A 551 33.80 40.31 33.74
N LYS A 552 33.37 39.20 33.15
CA LYS A 552 33.22 39.12 31.70
C LYS A 552 32.07 40.01 31.26
N LEU A 553 30.96 39.95 31.97
CA LEU A 553 29.83 40.82 31.70
C LEU A 553 30.19 42.29 31.91
N ILE A 554 31.08 42.53 32.87
CA ILE A 554 31.48 43.90 33.20
C ILE A 554 32.22 44.59 32.05
N ASN A 555 33.31 44.00 31.57
CA ASN A 555 34.04 44.61 30.46
C ASN A 555 33.38 44.40 29.09
N GLN A 556 32.37 43.53 29.03
CA GLN A 556 31.51 43.46 27.86
C GLN A 556 30.66 44.73 27.85
N ALA A 557 30.08 45.05 29.00
CA ALA A 557 29.26 46.25 29.14
C ALA A 557 30.10 47.51 28.98
N GLU A 558 31.26 47.55 29.63
CA GLU A 558 32.14 48.72 29.54
C GLU A 558 32.65 48.97 28.12
N THR A 559 32.85 47.89 27.35
CA THR A 559 33.29 48.02 25.96
C THR A 559 32.17 48.62 25.11
N ILE A 560 30.95 48.14 25.33
CA ILE A 560 29.77 48.66 24.64
C ILE A 560 29.54 50.13 24.97
N ILE A 561 29.59 50.47 26.25
CA ILE A 561 29.38 51.85 26.70
C ILE A 561 30.43 52.79 26.12
N ALA A 562 31.68 52.35 26.10
CA ALA A 562 32.78 53.18 25.61
C ALA A 562 32.66 53.46 24.11
N ASN A 563 31.89 52.63 23.41
CA ASN A 563 31.74 52.77 21.97
C ASN A 563 30.36 53.28 21.57
N THR A 564 29.62 53.80 22.53
CA THR A 564 28.34 54.44 22.26
C THR A 564 28.45 55.91 22.65
N THR A 565 28.52 56.78 21.64
CA THR A 565 28.69 58.21 21.90
C THR A 565 27.73 59.03 21.04
N GLU A 566 27.39 60.22 21.52
CA GLU A 566 26.70 61.20 20.68
C GLU A 566 27.74 61.86 19.79
N HIS A 567 27.28 62.63 18.80
CA HIS A 567 28.21 63.27 17.87
C HIS A 567 27.61 64.49 17.19
N LEU A 568 28.48 65.35 16.67
CA LEU A 568 28.04 66.52 15.91
C LEU A 568 28.24 66.29 14.42
N PHE A 569 29.40 65.74 14.06
CA PHE A 569 29.80 65.63 12.66
C PHE A 569 30.23 64.23 12.26
N THR A 570 30.69 63.45 13.22
CA THR A 570 31.27 62.15 12.91
C THR A 570 30.52 60.98 13.55
N ASP A 571 29.71 60.29 12.75
CA ASP A 571 28.89 59.19 13.23
C ASP A 571 29.71 57.90 13.37
N LEU A 572 29.82 57.41 14.61
CA LEU A 572 30.51 56.16 14.88
C LEU A 572 29.51 55.03 15.16
N SER A 573 28.36 55.09 14.50
CA SER A 573 27.29 54.10 14.71
C SER A 573 27.74 52.68 14.37
N THR A 574 28.53 52.54 13.32
CA THR A 574 28.98 51.23 12.86
C THR A 574 29.83 50.51 13.90
N GLU A 575 30.59 51.28 14.68
CA GLU A 575 31.41 50.70 15.74
C GLU A 575 30.54 50.29 16.92
N ALA A 576 29.48 51.04 17.15
CA ALA A 576 28.51 50.70 18.19
C ALA A 576 27.83 49.37 17.85
N PHE A 577 27.36 49.26 16.61
CA PHE A 577 26.78 48.03 16.08
C PHE A 577 27.72 46.84 16.32
N LYS A 578 28.98 47.02 15.93
CA LYS A 578 29.97 45.97 15.99
C LYS A 578 30.26 45.50 17.42
N GLN A 579 30.35 46.44 18.34
CA GLN A 579 30.68 46.10 19.72
C GLN A 579 29.50 45.53 20.50
N ILE A 580 28.30 46.00 20.19
CA ILE A 580 27.09 45.51 20.84
C ILE A 580 26.83 44.05 20.47
N LYS A 581 26.88 43.74 19.17
CA LYS A 581 26.68 42.36 18.73
C LYS A 581 27.79 41.45 19.26
N LEU A 582 28.98 42.00 19.45
CA LEU A 582 30.10 41.22 20.00
C LEU A 582 29.92 40.94 21.49
N ASN A 583 29.46 41.94 22.23
CA ASN A 583 29.42 41.84 23.69
C ASN A 583 28.01 41.71 24.29
N ASP A 584 27.00 41.59 23.44
CA ASP A 584 25.61 41.49 23.92
C ASP A 584 25.41 40.29 24.82
N PHE A 585 24.74 40.51 25.95
CA PHE A 585 24.39 39.44 26.87
C PHE A 585 22.89 39.41 27.19
N SER A 586 22.09 39.76 26.19
CA SER A 586 20.63 39.76 26.33
C SER A 586 20.09 38.35 26.56
N GLN A 587 20.86 37.34 26.18
CA GLN A 587 20.42 35.96 26.27
C GLN A 587 20.43 35.43 27.71
N VAL A 588 20.93 36.25 28.64
CA VAL A 588 20.89 35.92 30.06
C VAL A 588 19.46 36.13 30.58
N SER A 589 18.70 36.96 29.88
CA SER A 589 17.32 37.27 30.28
C SER A 589 16.28 36.81 29.27
N ALA A 590 16.68 35.92 28.37
CA ALA A 590 15.80 35.50 27.27
C ALA A 590 15.29 34.07 27.42
N ARG A 591 14.30 33.73 26.59
CA ARG A 591 13.82 32.35 26.42
C ARG A 591 13.02 31.76 27.59
N THR A 592 12.88 32.51 28.67
CA THR A 592 12.17 31.99 29.85
C THR A 592 11.33 33.08 30.51
N CYS A 593 10.33 32.66 31.30
CA CYS A 593 9.57 33.61 32.09
C CYS A 593 10.47 34.14 33.20
N ALA A 594 11.07 35.31 32.97
CA ALA A 594 12.07 35.86 33.88
C ALA A 594 11.45 36.74 34.97
N SER A 595 11.86 36.47 36.21
CA SER A 595 11.29 37.16 37.36
C SER A 595 11.97 38.49 37.65
N THR A 596 11.17 39.55 37.76
CA THR A 596 11.68 40.90 38.05
C THR A 596 10.86 41.60 39.14
N SER A 597 11.35 42.76 39.57
CA SER A 597 10.65 43.55 40.58
C SER A 597 10.82 45.05 40.33
N THR A 598 9.84 45.83 40.75
CA THR A 598 9.93 47.28 40.68
C THR A 598 10.70 47.83 41.87
N ASN A 599 10.98 46.95 42.83
CA ASN A 599 11.72 47.31 44.03
C ASN A 599 13.12 46.69 44.03
N ILE A 600 14.14 47.53 43.90
CA ILE A 600 15.52 47.09 43.84
C ILE A 600 15.95 46.34 45.09
N GLU A 601 15.22 46.55 46.19
CA GLU A 601 15.57 45.94 47.45
C GLU A 601 15.20 44.45 47.53
N VAL A 602 14.33 44.01 46.62
CA VAL A 602 14.00 42.58 46.54
C VAL A 602 15.21 41.75 46.07
N PRO A 603 15.83 42.12 44.92
CA PRO A 603 17.01 41.34 44.54
C PRO A 603 18.22 41.67 45.40
N ARG A 604 18.29 42.90 45.92
CA ARG A 604 19.45 43.36 46.67
C ARG A 604 19.48 42.87 48.12
N THR A 605 18.39 43.08 48.85
CA THR A 605 18.34 42.74 50.26
C THR A 605 17.89 41.30 50.52
N ILE A 606 16.67 40.98 50.11
CA ILE A 606 16.08 39.66 50.38
C ILE A 606 16.89 38.52 49.76
N PHE A 607 17.15 38.60 48.46
CA PHE A 607 17.86 37.54 47.77
C PHE A 607 19.38 37.69 47.83
N GLY A 608 19.84 38.89 48.20
CA GLY A 608 21.27 39.15 48.33
C GLY A 608 22.06 38.81 47.09
N SER A 609 21.62 39.35 45.95
CA SER A 609 22.26 39.08 44.68
C SER A 609 23.53 39.91 44.51
N ASN A 610 24.55 39.31 43.90
CA ASN A 610 25.78 40.02 43.61
C ASN A 610 25.68 40.77 42.29
N THR A 611 24.65 40.44 41.51
CA THR A 611 24.44 41.09 40.23
C THR A 611 22.99 41.57 40.10
N ILE A 612 22.81 42.84 39.77
CA ILE A 612 21.48 43.40 39.59
C ILE A 612 21.35 44.06 38.22
N PHE A 613 20.32 43.67 37.46
CA PHE A 613 20.04 44.32 36.20
C PHE A 613 18.95 45.38 36.40
N GLU A 614 19.30 46.64 36.17
CA GLU A 614 18.31 47.71 36.17
C GLU A 614 17.75 47.80 34.76
N ILE A 615 16.63 47.13 34.52
CA ILE A 615 16.06 47.04 33.19
C ILE A 615 15.12 48.20 32.89
N LEU A 616 15.48 49.02 31.92
CA LEU A 616 14.67 50.18 31.53
C LEU A 616 13.91 49.92 30.22
N ASP A 617 12.62 50.24 30.22
CA ASP A 617 11.78 49.98 29.05
C ASP A 617 10.88 51.18 28.77
N PRO A 618 11.47 52.30 28.34
CA PRO A 618 10.69 53.53 28.12
C PRO A 618 9.77 53.43 26.91
N ASP A 619 10.10 52.55 25.97
CA ASP A 619 9.33 52.42 24.74
C ASP A 619 8.28 51.33 24.81
N GLY A 620 8.13 50.70 25.98
CA GLY A 620 7.12 49.68 26.18
C GLY A 620 7.30 48.47 25.26
N LEU A 621 8.46 47.86 25.33
CA LEU A 621 8.80 46.78 24.41
C LEU A 621 8.79 45.40 25.09
N LEU A 622 8.87 45.38 26.42
CA LEU A 622 9.03 44.13 27.15
C LEU A 622 7.71 43.43 27.49
N HIS A 623 6.65 44.21 27.64
CA HIS A 623 5.33 43.68 27.98
C HIS A 623 5.32 42.79 29.22
N PRO A 624 5.74 43.35 30.37
CA PRO A 624 5.78 42.51 31.58
C PRO A 624 4.39 42.28 32.13
N LYS A 625 4.23 41.19 32.88
CA LYS A 625 2.95 40.87 33.50
C LYS A 625 3.13 40.73 35.00
N GLN A 626 2.18 41.24 35.77
CA GLN A 626 2.30 41.21 37.23
C GLN A 626 2.14 39.80 37.79
N VAL A 627 3.09 39.39 38.63
CA VAL A 627 3.05 38.09 39.28
C VAL A 627 2.39 38.23 40.64
N GLY A 628 1.15 37.76 40.76
CA GLY A 628 0.41 37.86 42.01
C GLY A 628 0.20 39.30 42.46
N GLU A 635 1.21 44.69 44.14
CA GLU A 635 2.53 44.16 44.46
C GLU A 635 3.57 44.57 43.41
N SER A 636 4.83 44.21 43.68
CA SER A 636 5.95 44.72 42.90
C SER A 636 6.61 43.69 41.98
N GLU A 637 6.15 42.44 42.02
CA GLU A 637 6.78 41.38 41.25
C GLU A 637 6.19 41.21 39.85
N TYR A 638 7.07 41.13 38.86
CA TYR A 638 6.64 41.02 37.47
C TYR A 638 7.40 39.92 36.74
N SER A 639 6.87 39.51 35.59
CA SER A 639 7.54 38.51 34.76
C SER A 639 7.67 39.04 33.34
N ILE A 640 8.86 38.88 32.76
CA ILE A 640 9.06 39.25 31.36
C ILE A 640 9.46 38.02 30.54
N TYR A 641 8.94 37.94 29.32
CA TYR A 641 9.42 36.97 28.36
C TYR A 641 10.00 37.77 27.20
N LEU A 642 11.32 37.80 27.11
CA LEU A 642 12.00 38.66 26.15
C LEU A 642 11.62 38.34 24.70
N PRO A 643 11.06 39.35 24.00
CA PRO A 643 10.77 39.22 22.57
C PRO A 643 12.03 38.90 21.77
N GLU A 644 11.87 38.26 20.63
CA GLU A 644 13.02 37.77 19.85
C GLU A 644 13.88 38.89 19.26
N ASP A 645 13.30 40.08 19.12
CA ASP A 645 14.01 41.19 18.48
C ASP A 645 14.33 42.33 19.44
N VAL A 646 14.34 42.04 20.74
CA VAL A 646 14.67 43.06 21.73
C VAL A 646 15.99 42.72 22.43
N ALA A 647 16.90 43.69 22.44
CA ALA A 647 18.18 43.53 23.14
C ALA A 647 18.20 44.39 24.39
N LEU A 648 18.82 43.87 25.45
CA LEU A 648 19.01 44.65 26.67
C LEU A 648 20.42 45.24 26.67
N VAL A 649 20.54 46.42 26.07
CA VAL A 649 21.85 47.07 25.89
C VAL A 649 22.26 47.85 27.13
N PRO A 650 23.48 47.59 27.63
CA PRO A 650 24.02 48.30 28.80
C PRO A 650 24.37 49.75 28.49
N ILE A 651 24.04 50.64 29.41
CA ILE A 651 24.38 52.05 29.28
C ILE A 651 25.18 52.52 30.48
N LYS A 652 25.22 51.70 31.52
CA LYS A 652 25.87 52.08 32.76
C LYS A 652 26.17 50.87 33.64
N VAL A 653 27.37 50.86 34.24
CA VAL A 653 27.75 49.83 35.19
C VAL A 653 28.22 50.50 36.48
N SER A 654 27.66 50.08 37.61
CA SER A 654 28.01 50.69 38.89
C SER A 654 28.46 49.64 39.90
N PHE A 655 29.45 50.01 40.71
CA PHE A 655 29.78 49.20 41.88
C PHE A 655 28.85 49.62 43.01
N ASP A 656 28.23 48.65 43.67
CA ASP A 656 27.16 48.94 44.61
C ASP A 656 27.53 48.57 46.05
N GLY A 657 28.75 48.07 46.25
CA GLY A 657 29.20 47.69 47.58
C GLY A 657 29.33 46.18 47.74
N LYS A 658 29.25 45.72 48.99
CA LYS A 658 29.38 44.30 49.29
C LYS A 658 28.02 43.68 49.65
N THR A 659 27.84 42.41 49.30
CA THR A 659 26.62 41.70 49.68
C THR A 659 26.69 41.27 51.14
N GLY A 660 25.86 40.30 51.53
CA GLY A 660 25.90 39.79 52.89
C GLY A 660 27.09 38.90 53.12
N LYS A 661 27.55 38.23 52.06
CA LYS A 661 28.66 37.29 52.15
C LYS A 661 29.98 37.94 51.72
N GLY A 662 30.03 39.26 51.74
CA GLY A 662 31.26 39.99 51.46
C GLY A 662 31.69 40.02 50.00
N LYS A 663 30.80 39.61 49.09
CA LYS A 663 31.11 39.64 47.67
C LYS A 663 30.68 40.97 47.08
N ASP A 664 31.39 41.44 46.06
CA ASP A 664 31.09 42.71 45.42
C ASP A 664 29.78 42.65 44.63
N ARG A 665 28.95 43.68 44.80
CA ARG A 665 27.69 43.76 44.06
C ARG A 665 27.76 44.82 42.98
N HIS A 666 27.32 44.47 41.77
CA HIS A 666 27.29 45.42 40.66
C HIS A 666 25.88 45.61 40.11
N ILE A 667 25.61 46.83 39.65
CA ILE A 667 24.33 47.12 39.00
C ILE A 667 24.54 47.43 37.52
N PHE A 668 23.92 46.63 36.67
CA PHE A 668 23.95 46.88 35.24
C PHE A 668 22.66 47.57 34.83
N THR A 669 22.77 48.74 34.22
CA THR A 669 21.58 49.44 33.73
C THR A 669 21.40 49.14 32.25
N LEU A 670 20.30 48.47 31.92
CA LEU A 670 20.06 48.01 30.55
C LEU A 670 18.84 48.70 29.95
N VAL A 671 18.91 49.01 28.66
CA VAL A 671 17.78 49.62 27.97
C VAL A 671 17.24 48.67 26.91
N ALA A 672 15.93 48.47 26.91
CA ALA A 672 15.28 47.62 25.93
C ALA A 672 15.25 48.33 24.57
N VAL A 673 15.82 47.69 23.56
CA VAL A 673 15.84 48.26 22.21
C VAL A 673 15.34 47.23 21.20
N LYS A 674 14.38 47.64 20.37
CA LYS A 674 13.81 46.74 19.36
C LYS A 674 14.39 47.05 17.98
N SER A 675 14.77 46.00 17.26
CA SER A 675 15.33 46.15 15.92
C SER A 675 15.30 44.85 15.14
N PRO A 676 14.99 44.93 13.84
CA PRO A 676 15.08 43.79 12.93
C PRO A 676 16.49 43.19 12.91
N ASP A 677 17.49 44.00 13.23
CA ASP A 677 18.87 43.53 13.32
C ASP A 677 19.06 42.53 14.47
N PHE A 678 18.10 42.49 15.38
CA PHE A 678 18.15 41.57 16.52
C PHE A 678 17.35 40.30 16.23
N THR A 679 16.58 40.31 15.15
CA THR A 679 15.76 39.17 14.75
C THR A 679 16.64 37.97 14.41
N PRO A 680 16.40 36.83 15.07
CA PRO A 680 17.18 35.62 14.82
C PRO A 680 16.71 34.92 13.56
N ARG A 681 17.59 34.19 12.90
CA ARG A 681 17.18 33.45 11.71
C ARG A 681 17.07 31.96 12.00
N HIS A 682 15.83 31.47 11.92
CA HIS A 682 15.56 30.05 12.10
C HIS A 682 14.92 29.48 10.85
N GLU A 683 15.23 28.22 10.53
CA GLU A 683 14.61 27.55 9.40
C GLU A 683 13.21 27.11 9.81
N SER A 684 12.23 27.38 8.94
CA SER A 684 10.85 27.01 9.24
C SER A 684 10.65 25.49 9.17
N GLY A 685 9.50 25.03 9.64
CA GLY A 685 9.13 23.63 9.49
C GLY A 685 9.49 22.72 10.65
N TYR A 686 10.11 23.27 11.69
CA TYR A 686 10.53 22.48 12.84
C TYR A 686 9.35 21.94 13.64
N ALA A 687 8.21 22.63 13.55
CA ALA A 687 6.99 22.18 14.22
C ALA A 687 5.88 21.90 13.21
N VAL A 688 5.83 22.70 12.15
CA VAL A 688 4.85 22.51 11.07
C VAL A 688 5.03 21.15 10.42
N GLY A 689 6.29 20.72 10.28
CA GLY A 689 6.62 19.43 9.71
C GLY A 689 5.86 18.26 10.32
N PRO A 690 6.14 17.95 11.60
CA PRO A 690 5.50 16.82 12.28
C PRO A 690 3.98 16.96 12.39
N LEU A 691 3.45 18.18 12.46
CA LEU A 691 2.00 18.36 12.57
C LEU A 691 1.28 17.88 11.30
N LEU A 692 1.80 18.28 10.14
CA LEU A 692 1.21 17.91 8.86
C LEU A 692 1.18 16.39 8.67
N LYS A 693 2.19 15.70 9.20
CA LYS A 693 2.25 14.25 9.12
C LYS A 693 1.26 13.59 10.08
N MET A 694 0.80 14.31 11.07
CA MET A 694 -0.15 13.79 12.02
C MET A 694 -1.54 13.98 11.48
N GLN A 695 -1.66 14.68 10.36
CA GLN A 695 -2.97 14.97 9.77
C GLN A 695 -3.17 14.26 8.42
N THR A 696 -2.20 13.43 8.05
CA THR A 696 -2.30 12.67 6.82
C THR A 696 -3.44 11.65 6.91
N PRO A 697 -4.43 11.77 6.02
CA PRO A 697 -5.65 10.95 6.05
C PRO A 697 -5.39 9.48 5.73
N LYS A 698 -5.99 8.64 6.52
CA LYS A 698 -5.87 7.23 6.36
C LYS A 698 -7.21 6.86 5.85
N LEU A 699 -7.44 7.09 4.57
CA LEU A 699 -8.77 7.08 3.98
C LEU A 699 -9.30 5.69 3.78
N GLU A 700 -9.88 5.14 4.82
CA GLU A 700 -10.26 3.73 4.89
C GLU A 700 -11.47 3.40 4.01
N GLU A 701 -12.40 4.34 3.92
CA GLU A 701 -13.61 4.15 3.13
C GLU A 701 -13.28 3.91 1.66
N ILE A 702 -12.40 4.74 1.12
CA ILE A 702 -11.98 4.62 -0.27
C ILE A 702 -11.19 3.32 -0.49
N GLN A 703 -10.39 2.94 0.50
CA GLN A 703 -9.64 1.69 0.44
C GLN A 703 -10.58 0.48 0.45
N ARG A 704 -11.67 0.58 1.20
CA ARG A 704 -12.71 -0.45 1.19
C ARG A 704 -13.42 -0.46 -0.16
N LEU A 705 -13.61 0.73 -0.72
CA LEU A 705 -14.24 0.88 -2.03
C LEU A 705 -13.44 0.16 -3.10
N VAL A 706 -12.12 0.27 -3.01
CA VAL A 706 -11.21 -0.39 -3.93
C VAL A 706 -11.30 -1.92 -3.79
N GLU A 707 -11.21 -2.39 -2.55
CA GLU A 707 -11.21 -3.82 -2.28
C GLU A 707 -12.54 -4.48 -2.67
N GLN A 708 -13.61 -3.72 -2.56
CA GLN A 708 -14.94 -4.17 -3.00
C GLN A 708 -14.93 -4.47 -4.49
N ALA A 709 -14.29 -3.59 -5.26
CA ALA A 709 -14.21 -3.73 -6.71
C ALA A 709 -13.23 -4.82 -7.11
N ARG A 710 -12.49 -5.36 -6.14
CA ARG A 710 -11.56 -6.44 -6.39
C ARG A 710 -12.18 -7.80 -6.09
N GLU A 711 -13.32 -7.77 -5.40
CA GLU A 711 -14.02 -9.01 -5.06
C GLU A 711 -14.50 -9.75 -6.31
N GLU A 712 -14.35 -11.06 -6.30
CA GLU A 712 -14.59 -11.89 -7.48
C GLU A 712 -16.04 -12.29 -7.61
N PRO A 713 -16.49 -12.50 -8.87
CA PRO A 713 -17.82 -13.03 -9.13
C PRO A 713 -17.87 -14.54 -8.87
N ASP A 714 -18.95 -15.03 -8.28
CA ASP A 714 -19.13 -16.46 -8.10
C ASP A 714 -19.64 -17.06 -9.40
N LEU A 715 -18.71 -17.33 -10.32
CA LEU A 715 -19.06 -17.89 -11.63
C LEU A 715 -19.62 -19.30 -11.49
N GLU A 716 -19.04 -20.07 -10.57
CA GLU A 716 -19.50 -21.43 -10.30
C GLU A 716 -20.97 -21.45 -9.95
N ARG A 717 -21.41 -20.44 -9.20
CA ARG A 717 -22.81 -20.31 -8.81
C ARG A 717 -23.72 -20.13 -10.02
N VAL A 718 -23.29 -19.28 -10.96
CA VAL A 718 -24.06 -19.03 -12.17
C VAL A 718 -24.07 -20.26 -13.08
N PHE A 719 -22.93 -20.94 -13.17
CA PHE A 719 -22.84 -22.15 -13.96
C PHE A 719 -23.68 -23.27 -13.34
N ASN A 720 -23.57 -23.42 -12.03
CA ASN A 720 -24.37 -24.41 -11.31
C ASN A 720 -25.85 -24.11 -11.41
N LEU A 721 -26.19 -22.83 -11.50
CA LEU A 721 -27.58 -22.43 -11.64
C LEU A 721 -28.11 -22.84 -13.02
N GLN A 722 -27.26 -22.72 -14.03
CA GLN A 722 -27.61 -23.18 -15.37
C GLN A 722 -27.94 -24.66 -15.38
N SER A 723 -27.16 -25.43 -14.63
CA SER A 723 -27.38 -26.86 -14.51
C SER A 723 -28.74 -27.16 -13.88
N ARG A 724 -29.03 -26.47 -12.78
CA ARG A 724 -30.31 -26.64 -12.08
C ARG A 724 -31.49 -26.24 -12.96
N VAL A 725 -31.37 -25.11 -13.64
CA VAL A 725 -32.43 -24.63 -14.53
C VAL A 725 -32.73 -25.65 -15.62
N ALA A 726 -31.68 -26.20 -16.24
CA ALA A 726 -31.83 -27.24 -17.24
C ALA A 726 -32.51 -28.47 -16.65
N ARG A 727 -31.98 -28.94 -15.52
CA ARG A 727 -32.52 -30.11 -14.84
C ARG A 727 -33.93 -29.86 -14.29
N GLN A 728 -34.25 -28.60 -14.00
CA GLN A 728 -35.59 -28.21 -13.62
C GLN A 728 -36.48 -28.10 -14.86
N ALA A 729 -35.85 -27.89 -16.01
CA ALA A 729 -36.59 -27.66 -17.24
C ALA A 729 -37.10 -28.94 -17.90
N LYS A 730 -36.27 -29.98 -17.96
CA LYS A 730 -36.66 -31.18 -18.69
C LYS A 730 -37.73 -32.02 -17.99
N PHE A 731 -38.40 -31.43 -17.01
CA PHE A 731 -39.63 -32.00 -16.46
C PHE A 731 -40.73 -30.95 -16.44
N SER A 732 -41.75 -31.16 -17.26
CA SER A 732 -42.88 -30.23 -17.33
C SER A 732 -43.69 -30.25 -16.04
N THR A 733 -43.57 -29.18 -15.26
CA THR A 733 -44.29 -29.07 -14.00
C THR A 733 -45.50 -28.17 -14.13
N GLU A 734 -45.27 -26.86 -14.01
CA GLU A 734 -46.36 -25.88 -14.10
C GLU A 734 -46.37 -25.22 -15.48
N SER A 735 -47.57 -24.80 -15.90
CA SER A 735 -47.73 -24.14 -17.19
C SER A 735 -47.54 -22.64 -17.08
N GLY A 736 -46.56 -22.11 -17.80
CA GLY A 736 -45.65 -22.93 -18.59
C GLY A 736 -44.23 -22.77 -18.07
N TYR A 737 -44.07 -23.00 -16.77
CA TYR A 737 -42.78 -22.85 -16.10
C TYR A 737 -41.63 -23.40 -16.94
N LYS A 738 -41.85 -24.54 -17.58
CA LYS A 738 -40.82 -25.16 -18.40
C LYS A 738 -40.44 -24.25 -19.58
N THR A 739 -41.43 -23.70 -20.26
CA THR A 739 -41.17 -22.80 -21.38
C THR A 739 -40.53 -21.50 -20.88
N PHE A 740 -40.92 -21.10 -19.67
CA PHE A 740 -40.37 -19.90 -19.04
C PHE A 740 -38.89 -20.09 -18.75
N LEU A 741 -38.54 -21.26 -18.23
CA LEU A 741 -37.15 -21.59 -17.93
C LEU A 741 -36.29 -21.65 -19.18
N ASN A 742 -36.85 -22.18 -20.26
CA ASN A 742 -36.11 -22.39 -21.50
C ASN A 742 -35.96 -21.13 -22.37
N GLU A 743 -36.93 -20.23 -22.28
CA GLU A 743 -36.99 -19.08 -23.19
C GLU A 743 -36.72 -17.73 -22.54
N LYS A 744 -36.79 -17.67 -21.21
CA LYS A 744 -36.62 -16.40 -20.50
C LYS A 744 -35.47 -16.43 -19.48
N VAL A 745 -35.33 -17.54 -18.78
CA VAL A 745 -34.32 -17.68 -17.73
C VAL A 745 -32.95 -18.11 -18.28
N ALA A 746 -32.94 -19.25 -18.97
CA ALA A 746 -31.69 -19.82 -19.49
C ALA A 746 -30.84 -18.89 -20.37
N PRO A 747 -31.47 -18.13 -21.30
CA PRO A 747 -30.64 -17.21 -22.09
C PRO A 747 -29.99 -16.13 -21.22
N VAL A 748 -30.72 -15.61 -20.25
CA VAL A 748 -30.20 -14.59 -19.34
C VAL A 748 -28.98 -15.09 -18.56
N LEU A 749 -29.07 -16.30 -18.06
CA LEU A 749 -27.95 -16.92 -17.34
C LEU A 749 -26.74 -17.15 -18.25
N GLU A 750 -27.01 -17.49 -19.51
CA GLU A 750 -25.95 -17.67 -20.49
C GLU A 750 -25.26 -16.35 -20.81
N GLN A 751 -26.06 -15.29 -20.97
CA GLN A 751 -25.54 -13.96 -21.25
C GLN A 751 -24.82 -13.39 -20.03
N SER A 752 -25.37 -13.62 -18.85
CA SER A 752 -24.76 -13.15 -17.61
C SER A 752 -23.39 -13.78 -17.40
N LEU A 753 -23.30 -15.10 -17.62
CA LEU A 753 -22.05 -15.82 -17.47
C LEU A 753 -20.99 -15.32 -18.46
N ASN A 754 -21.39 -15.16 -19.72
CA ASN A 754 -20.49 -14.65 -20.74
C ASN A 754 -20.07 -13.21 -20.49
N GLY A 755 -20.96 -12.44 -19.88
CA GLY A 755 -20.66 -11.06 -19.54
C GLY A 755 -19.78 -10.95 -18.31
N LEU A 756 -19.69 -12.03 -17.54
CA LEU A 756 -18.88 -12.05 -16.32
C LEU A 756 -17.55 -12.75 -16.53
N LEU A 757 -17.52 -13.71 -17.47
CA LEU A 757 -16.25 -14.33 -17.89
C LEU A 757 -15.37 -13.27 -18.52
N ASP A 758 -15.89 -12.60 -19.54
CA ASP A 758 -15.31 -11.36 -20.03
C ASP A 758 -15.70 -10.30 -19.02
N ASN A 759 -15.13 -9.11 -19.12
CA ASN A 759 -15.53 -8.03 -18.24
C ASN A 759 -16.44 -7.05 -18.98
N ASN A 760 -17.08 -7.54 -20.04
CA ASN A 760 -17.93 -6.72 -20.89
C ASN A 760 -19.12 -6.13 -20.13
N VAL A 761 -19.07 -4.82 -19.89
CA VAL A 761 -20.12 -4.11 -19.18
C VAL A 761 -21.30 -3.84 -20.09
N THR A 762 -21.07 -3.90 -21.40
CA THR A 762 -22.13 -3.68 -22.37
C THR A 762 -23.06 -4.89 -22.43
N ILE A 763 -22.49 -6.08 -22.34
CA ILE A 763 -23.28 -7.31 -22.24
C ILE A 763 -24.01 -7.33 -20.90
N LEU A 764 -23.31 -6.92 -19.84
CA LEU A 764 -23.87 -6.91 -18.49
C LEU A 764 -25.00 -5.91 -18.33
N GLY A 765 -24.82 -4.71 -18.86
CA GLY A 765 -25.85 -3.69 -18.81
C GLY A 765 -27.09 -4.10 -19.60
N LYS A 766 -26.87 -4.83 -20.69
CA LYS A 766 -27.96 -5.29 -21.54
C LYS A 766 -28.79 -6.40 -20.89
N VAL A 767 -28.11 -7.35 -20.27
CA VAL A 767 -28.79 -8.51 -19.68
C VAL A 767 -29.61 -8.14 -18.45
N LEU A 768 -29.24 -7.03 -17.80
CA LEU A 768 -29.96 -6.55 -16.62
C LEU A 768 -31.42 -6.25 -16.96
N SER A 769 -31.63 -5.70 -18.16
CA SER A 769 -32.97 -5.37 -18.62
C SER A 769 -33.67 -6.61 -19.13
N ALA A 770 -32.92 -7.71 -19.25
CA ALA A 770 -33.45 -8.95 -19.78
C ALA A 770 -33.91 -9.92 -18.70
N PHE A 771 -33.48 -9.67 -17.46
CA PHE A 771 -33.93 -10.47 -16.33
C PHE A 771 -35.45 -10.38 -16.22
N PRO A 772 -36.12 -11.51 -16.00
CA PRO A 772 -37.58 -11.55 -15.90
C PRO A 772 -38.10 -10.66 -14.77
N SER A 773 -39.24 -10.00 -15.01
CA SER A 773 -39.86 -9.16 -14.00
C SER A 773 -40.46 -10.03 -12.90
N ASP A 774 -40.75 -9.43 -11.76
CA ASP A 774 -41.37 -10.17 -10.65
C ASP A 774 -42.77 -10.63 -11.06
N GLY A 775 -43.43 -9.81 -11.87
CA GLY A 775 -44.75 -10.14 -12.38
C GLY A 775 -44.74 -11.42 -13.20
N GLN A 776 -43.70 -11.59 -13.99
CA GLN A 776 -43.54 -12.80 -14.80
C GLN A 776 -43.28 -14.02 -13.92
N TRP A 777 -42.57 -13.81 -12.81
CA TRP A 777 -42.32 -14.87 -11.84
C TRP A 777 -43.56 -15.17 -11.00
N SER A 778 -44.43 -14.17 -10.86
CA SER A 778 -45.63 -14.30 -10.03
C SER A 778 -46.60 -15.34 -10.60
N ALA A 779 -46.39 -15.74 -11.84
CA ALA A 779 -47.26 -16.70 -12.50
C ALA A 779 -47.03 -18.13 -12.03
N PHE A 780 -45.88 -18.37 -11.38
CA PHE A 780 -45.52 -19.71 -10.94
C PHE A 780 -45.33 -19.76 -9.43
N ASN A 781 -46.06 -20.64 -8.76
CA ASN A 781 -46.08 -20.68 -7.30
C ASN A 781 -45.52 -21.96 -6.68
N SER A 782 -44.88 -22.81 -7.49
CA SER A 782 -44.30 -24.04 -6.96
C SER A 782 -43.13 -23.76 -6.02
N VAL A 783 -42.81 -24.75 -5.19
CA VAL A 783 -41.71 -24.64 -4.25
C VAL A 783 -40.40 -24.38 -5.00
N GLU A 784 -40.23 -25.08 -6.11
CA GLU A 784 -39.03 -24.96 -6.92
C GLU A 784 -38.97 -23.67 -7.75
N ALA A 785 -40.13 -23.08 -8.03
CA ALA A 785 -40.18 -21.82 -8.76
C ALA A 785 -39.81 -20.63 -7.86
N ARG A 786 -40.27 -20.68 -6.62
CA ARG A 786 -39.92 -19.67 -5.63
C ARG A 786 -38.44 -19.78 -5.26
N GLN A 787 -37.97 -21.02 -5.23
CA GLN A 787 -36.56 -21.30 -4.94
C GLN A 787 -35.71 -20.82 -6.11
N MET A 788 -36.29 -20.73 -7.29
CA MET A 788 -35.55 -20.26 -8.44
C MET A 788 -35.51 -18.74 -8.52
N LYS A 789 -36.61 -18.10 -8.20
CA LYS A 789 -36.65 -16.63 -8.17
C LYS A 789 -35.60 -16.06 -7.21
N ILE A 790 -35.49 -16.65 -6.03
CA ILE A 790 -34.54 -16.20 -5.02
C ILE A 790 -33.10 -16.34 -5.50
N GLN A 791 -32.81 -17.44 -6.19
CA GLN A 791 -31.49 -17.63 -6.79
C GLN A 791 -31.27 -16.66 -7.93
N MET A 792 -32.30 -16.42 -8.72
CA MET A 792 -32.21 -15.51 -9.82
C MET A 792 -31.94 -14.11 -9.40
N ASP A 793 -32.53 -13.69 -8.29
CA ASP A 793 -32.29 -12.37 -7.73
C ASP A 793 -30.84 -12.19 -7.30
N ALA A 794 -30.23 -13.27 -6.83
CA ALA A 794 -28.83 -13.24 -6.40
C ALA A 794 -27.89 -13.03 -7.58
N ILE A 795 -28.18 -13.70 -8.69
CA ILE A 795 -27.39 -13.55 -9.90
C ILE A 795 -27.58 -12.15 -10.48
N LYS A 796 -28.80 -11.64 -10.40
CA LYS A 796 -29.09 -10.28 -10.88
C LYS A 796 -28.29 -9.24 -10.09
N GLN A 797 -28.27 -9.39 -8.77
CA GLN A 797 -27.49 -8.50 -7.90
C GLN A 797 -26.00 -8.61 -8.16
N MET A 798 -25.59 -9.77 -8.61
CA MET A 798 -24.21 -10.04 -8.92
C MET A 798 -23.82 -9.36 -10.20
N VAL A 799 -24.72 -9.37 -11.14
CA VAL A 799 -24.53 -8.71 -12.44
C VAL A 799 -24.56 -7.19 -12.27
N GLU A 800 -25.52 -6.71 -11.48
CA GLU A 800 -25.69 -5.28 -11.25
C GLU A 800 -24.48 -4.67 -10.56
N LYS A 801 -23.96 -5.37 -9.55
CA LYS A 801 -22.79 -4.92 -8.78
C LYS A 801 -21.61 -4.55 -9.66
N LYS A 802 -21.36 -5.35 -10.69
CA LYS A 802 -20.23 -5.11 -11.60
C LYS A 802 -20.61 -4.21 -12.78
N ALA A 803 -21.86 -4.27 -13.21
CA ALA A 803 -22.32 -3.42 -14.29
C ALA A 803 -22.34 -1.95 -13.86
N VAL A 804 -22.57 -1.72 -12.57
CA VAL A 804 -22.58 -0.38 -12.00
C VAL A 804 -21.17 0.08 -11.66
N LEU A 805 -20.37 -0.81 -11.07
CA LEU A 805 -19.00 -0.47 -10.71
C LEU A 805 -18.10 -0.24 -11.93
N GLU A 806 -17.96 -1.26 -12.77
CA GLU A 806 -17.11 -1.15 -13.95
C GLU A 806 -17.71 -0.23 -15.02
N GLY A 807 -19.03 -0.08 -15.03
CA GLY A 807 -19.70 0.65 -16.08
C GLY A 807 -20.00 2.11 -15.78
N GLN A 808 -20.09 2.46 -14.50
CA GLN A 808 -20.49 3.81 -14.10
C GLN A 808 -19.60 4.46 -13.05
N ILE A 809 -19.46 3.80 -11.90
CA ILE A 809 -18.76 4.40 -10.76
C ILE A 809 -17.25 4.48 -10.94
N LEU A 810 -16.61 3.35 -11.23
CA LEU A 810 -15.16 3.34 -11.45
C LEU A 810 -14.64 4.24 -12.58
N PRO A 811 -15.37 4.32 -13.71
CA PRO A 811 -14.90 5.27 -14.72
C PRO A 811 -15.21 6.72 -14.35
N ALA A 812 -16.22 6.94 -13.52
CA ALA A 812 -16.54 8.29 -13.05
C ALA A 812 -15.44 8.80 -12.12
N LEU A 813 -14.99 7.91 -11.23
CA LEU A 813 -13.93 8.25 -10.28
C LEU A 813 -12.59 8.42 -10.99
N ALA A 814 -12.43 7.74 -12.12
CA ALA A 814 -11.21 7.84 -12.91
C ALA A 814 -11.17 9.17 -13.67
N GLN A 815 -12.34 9.59 -14.17
CA GLN A 815 -12.44 10.85 -14.89
C GLN A 815 -12.39 12.04 -13.95
N CYS A 816 -12.75 11.83 -12.70
CA CYS A 816 -12.64 12.85 -11.67
C CYS A 816 -11.17 13.11 -11.36
N GLN A 817 -10.43 12.04 -11.13
CA GLN A 817 -9.00 12.12 -10.83
C GLN A 817 -8.22 12.70 -12.01
N ASN A 818 -8.62 12.36 -13.23
CA ASN A 818 -7.98 12.90 -14.42
C ASN A 818 -8.20 14.39 -14.58
N ALA A 819 -9.34 14.87 -14.10
CA ALA A 819 -9.66 16.30 -14.15
C ALA A 819 -8.93 17.06 -13.03
N LEU A 820 -8.77 16.40 -11.89
CA LEU A 820 -8.02 16.97 -10.78
C LEU A 820 -6.53 17.04 -11.11
N GLU A 821 -6.03 16.00 -11.77
CA GLU A 821 -4.63 15.95 -12.19
C GLU A 821 -4.31 17.03 -13.23
N LYS A 822 -5.35 17.54 -13.88
CA LYS A 822 -5.19 18.67 -14.80
C LYS A 822 -5.66 19.96 -14.11
N GLN A 823 -5.87 19.87 -12.80
CA GLN A 823 -6.32 21.00 -11.99
C GLN A 823 -7.59 21.65 -12.54
N ASN A 824 -8.46 20.83 -13.12
CA ASN A 824 -9.76 21.29 -13.59
C ASN A 824 -10.85 20.83 -12.63
N ILE A 825 -11.03 21.57 -11.54
CA ILE A 825 -11.96 21.18 -10.49
C ILE A 825 -13.42 21.23 -10.97
N ALA A 826 -13.68 22.04 -12.00
CA ALA A 826 -15.00 22.11 -12.58
C ALA A 826 -15.37 20.78 -13.22
N GLY A 827 -14.44 20.23 -13.99
CA GLY A 827 -14.65 18.96 -14.67
C GLY A 827 -14.63 17.77 -13.73
N ALA A 828 -13.93 17.91 -12.60
CA ALA A 828 -13.87 16.85 -11.60
C ALA A 828 -15.23 16.60 -10.99
N LEU A 829 -15.97 17.68 -10.74
CA LEU A 829 -17.30 17.57 -10.16
C LEU A 829 -18.34 17.14 -11.19
N GLN A 830 -18.09 17.45 -12.45
CA GLN A 830 -18.95 17.00 -13.53
C GLN A 830 -18.77 15.51 -13.76
N ALA A 831 -17.61 14.99 -13.41
CA ALA A 831 -17.31 13.57 -13.55
C ALA A 831 -18.19 12.74 -12.64
N LEU A 832 -18.40 13.22 -11.42
CA LEU A 832 -19.26 12.51 -10.46
C LEU A 832 -20.74 12.78 -10.72
N ARG A 833 -21.06 14.02 -11.09
CA ARG A 833 -22.45 14.45 -11.21
C ARG A 833 -23.12 14.04 -12.51
N ASN A 834 -22.35 13.95 -13.60
CA ASN A 834 -22.92 13.61 -14.89
C ASN A 834 -22.71 12.15 -15.28
N ILE A 835 -23.02 11.25 -14.36
CA ILE A 835 -22.95 9.82 -14.64
C ILE A 835 -24.13 9.37 -15.48
N PRO A 836 -23.84 8.89 -16.70
CA PRO A 836 -24.89 8.45 -17.64
C PRO A 836 -25.47 7.11 -17.21
N SER A 837 -26.74 6.87 -17.51
CA SER A 837 -27.38 5.62 -17.16
C SER A 837 -27.10 4.56 -18.23
N LEU A 838 -27.02 3.30 -17.81
CA LEU A 838 -26.73 2.19 -18.72
C LEU A 838 -27.76 2.09 -19.84
N VAL B 3 -3.64 -71.54 -15.02
CA VAL B 3 -4.39 -71.13 -16.21
C VAL B 3 -3.47 -70.39 -17.18
N PRO B 4 -2.88 -71.13 -18.13
CA PRO B 4 -1.95 -70.55 -19.11
C PRO B 4 -2.61 -69.51 -20.01
N THR B 5 -1.81 -68.70 -20.68
CA THR B 5 -2.33 -67.71 -21.62
C THR B 5 -2.60 -68.36 -22.97
N TRP B 6 -3.81 -68.17 -23.49
CA TRP B 6 -4.19 -68.71 -24.80
C TRP B 6 -3.37 -68.05 -25.90
N ASN B 7 -3.13 -68.78 -26.98
CA ASN B 7 -2.31 -68.26 -28.07
C ASN B 7 -3.12 -67.54 -29.15
N GLY B 8 -4.43 -67.48 -28.96
CA GLY B 8 -5.29 -66.80 -29.91
C GLY B 8 -5.94 -67.74 -30.90
N PHE B 9 -5.66 -69.04 -30.77
CA PHE B 9 -6.27 -70.05 -31.63
C PHE B 9 -7.79 -69.94 -31.62
N SER B 10 -8.39 -69.99 -32.80
CA SER B 10 -9.84 -69.85 -32.91
C SER B 10 -10.39 -70.72 -34.03
N LEU B 11 -11.62 -71.18 -33.84
CA LEU B 11 -12.33 -71.95 -34.85
C LEU B 11 -12.51 -71.13 -36.14
N TYR B 12 -12.50 -69.81 -35.99
CA TYR B 12 -12.85 -68.92 -37.09
C TYR B 12 -11.65 -68.34 -37.83
N THR B 13 -10.45 -68.75 -37.43
CA THR B 13 -9.22 -68.25 -38.08
C THR B 13 -8.22 -69.35 -38.41
N ASP B 14 -8.40 -70.53 -37.83
CA ASP B 14 -7.53 -71.66 -38.12
C ASP B 14 -7.93 -72.30 -39.46
N GLU B 15 -6.97 -72.42 -40.36
CA GLU B 15 -7.23 -72.95 -41.70
C GLU B 15 -7.32 -74.47 -41.71
N THR B 16 -6.57 -75.11 -40.81
CA THR B 16 -6.54 -76.57 -40.73
C THR B 16 -7.92 -77.12 -40.41
N VAL B 17 -8.53 -76.58 -39.35
CA VAL B 17 -9.87 -76.99 -38.94
C VAL B 17 -10.91 -76.64 -39.99
N ARG B 18 -10.77 -75.45 -40.60
CA ARG B 18 -11.67 -75.01 -41.65
C ARG B 18 -11.63 -75.96 -42.84
N ASN B 19 -10.43 -76.43 -43.20
CA ASN B 19 -10.28 -77.37 -44.30
C ASN B 19 -10.85 -78.75 -43.99
N ALA B 20 -10.79 -79.15 -42.73
CA ALA B 20 -11.36 -80.43 -42.31
C ALA B 20 -12.89 -80.36 -42.36
N ALA B 21 -13.42 -79.15 -42.25
CA ALA B 21 -14.86 -78.94 -42.31
C ALA B 21 -15.36 -78.92 -43.75
N ARG B 22 -14.48 -78.52 -44.67
CA ARG B 22 -14.80 -78.54 -46.09
C ARG B 22 -14.82 -79.98 -46.62
N TYR B 23 -13.72 -80.69 -46.37
CA TYR B 23 -13.57 -82.09 -46.77
C TYR B 23 -14.76 -82.91 -46.27
N ALA B 24 -15.17 -82.63 -45.02
CA ALA B 24 -16.32 -83.30 -44.44
C ALA B 24 -17.59 -82.98 -45.23
N TYR B 25 -17.78 -81.72 -45.57
CA TYR B 25 -18.95 -81.32 -46.34
C TYR B 25 -18.89 -81.78 -47.79
N ASP B 26 -17.71 -81.64 -48.34
CA ASP B 26 -17.50 -81.91 -49.73
C ASP B 26 -17.64 -83.38 -50.05
N ASN B 27 -17.23 -84.26 -49.15
CA ASN B 27 -17.29 -85.69 -49.40
C ASN B 27 -18.31 -86.48 -48.62
N TYR B 28 -19.10 -85.83 -47.81
CA TYR B 28 -20.20 -86.45 -47.12
C TYR B 28 -20.96 -85.22 -46.79
N LEU B 29 -22.03 -85.31 -46.04
CA LEU B 29 -22.60 -84.08 -45.47
C LEU B 29 -23.26 -83.21 -46.50
N GLY B 30 -22.57 -82.88 -47.58
CA GLY B 30 -23.30 -82.23 -48.65
C GLY B 30 -23.93 -83.20 -49.63
N LYS B 31 -23.77 -84.50 -49.35
CA LYS B 31 -24.26 -85.54 -50.25
C LYS B 31 -25.57 -86.14 -49.75
N PRO B 32 -26.44 -86.53 -50.69
CA PRO B 32 -27.73 -87.15 -50.36
C PRO B 32 -27.59 -88.40 -49.50
N TYR B 33 -28.55 -88.63 -48.62
CA TYR B 33 -28.59 -89.86 -47.82
C TYR B 33 -28.89 -91.04 -48.74
N THR B 34 -28.22 -92.16 -48.48
CA THR B 34 -28.43 -93.38 -49.27
C THR B 34 -29.34 -94.35 -48.53
N GLY B 35 -29.70 -93.99 -47.29
CA GLY B 35 -30.59 -94.80 -46.48
C GLY B 35 -32.04 -94.48 -46.73
N THR B 36 -32.90 -94.94 -45.82
CA THR B 36 -34.35 -94.77 -45.98
C THR B 36 -34.87 -93.57 -45.20
N VAL B 37 -34.37 -93.38 -43.99
CA VAL B 37 -34.95 -92.42 -43.05
C VAL B 37 -34.55 -90.97 -43.29
N GLU B 38 -35.54 -90.15 -43.66
CA GLU B 38 -35.34 -88.73 -43.92
C GLU B 38 -34.25 -88.48 -44.96
N ALA B 39 -34.20 -89.35 -45.96
CA ALA B 39 -33.28 -89.18 -47.08
C ALA B 39 -33.79 -88.08 -48.01
N THR B 40 -35.10 -87.83 -47.95
CA THR B 40 -35.73 -86.82 -48.77
C THR B 40 -35.23 -85.43 -48.38
N PRO B 41 -34.68 -84.70 -49.36
CA PRO B 41 -34.08 -83.38 -49.10
C PRO B 41 -35.14 -82.35 -48.69
N VAL B 42 -34.70 -81.30 -48.00
CA VAL B 42 -35.56 -80.18 -47.66
C VAL B 42 -35.04 -78.94 -48.40
N ASN B 43 -35.92 -77.99 -48.68
CA ASN B 43 -35.54 -76.80 -49.44
C ASN B 43 -35.81 -75.51 -48.67
N PHE B 44 -34.78 -74.67 -48.55
CA PHE B 44 -34.92 -73.38 -47.87
C PHE B 44 -34.64 -72.23 -48.83
N GLY B 45 -35.68 -71.44 -49.10
CA GLY B 45 -35.55 -70.27 -49.96
C GLY B 45 -35.06 -70.58 -51.37
N GLY B 46 -35.36 -71.78 -51.86
CA GLY B 46 -34.95 -72.17 -53.20
C GLY B 46 -33.67 -72.96 -53.25
N GLN B 47 -33.01 -73.13 -52.10
CA GLN B 47 -31.77 -73.89 -52.04
C GLN B 47 -31.96 -75.18 -51.24
N MET B 48 -31.46 -76.28 -51.76
CA MET B 48 -31.69 -77.55 -51.13
C MET B 48 -30.73 -77.95 -50.08
N VAL B 49 -31.25 -78.64 -49.10
CA VAL B 49 -30.41 -79.19 -48.04
C VAL B 49 -30.62 -80.70 -47.95
N TYR B 50 -29.54 -81.45 -48.09
CA TYR B 50 -29.63 -82.90 -48.08
C TYR B 50 -29.63 -83.49 -46.67
N ARG B 51 -28.90 -82.87 -45.77
CA ARG B 51 -28.89 -83.26 -44.37
C ARG B 51 -29.15 -82.11 -43.44
N GLN B 52 -30.41 -81.79 -43.30
CA GLN B 52 -30.94 -80.74 -42.50
C GLN B 52 -30.62 -80.85 -41.04
N HIS B 53 -30.60 -82.08 -40.54
CA HIS B 53 -30.40 -82.33 -39.13
C HIS B 53 -28.95 -82.50 -38.81
N HIS B 54 -28.42 -83.67 -39.17
CA HIS B 54 -27.04 -83.94 -38.91
C HIS B 54 -26.14 -83.61 -40.06
N GLY B 55 -26.04 -82.34 -40.41
CA GLY B 55 -25.24 -81.89 -41.53
C GLY B 55 -24.11 -80.96 -41.13
N LEU B 56 -23.88 -79.94 -41.95
CA LEU B 56 -22.75 -79.03 -41.75
C LEU B 56 -22.97 -78.04 -40.61
N ALA B 57 -24.14 -77.40 -40.60
CA ALA B 57 -24.47 -76.43 -39.57
C ALA B 57 -24.46 -77.06 -38.18
N HIS B 58 -25.00 -78.27 -38.08
CA HIS B 58 -24.93 -79.03 -36.84
C HIS B 58 -23.49 -79.31 -36.44
N THR B 59 -22.70 -79.78 -37.41
CA THR B 59 -21.32 -80.16 -37.17
C THR B 59 -20.49 -78.95 -36.73
N LEU B 60 -20.64 -77.83 -37.44
CA LEU B 60 -19.89 -76.62 -37.13
C LEU B 60 -20.24 -76.08 -35.74
N ARG B 61 -21.50 -76.23 -35.32
CA ARG B 61 -21.93 -75.76 -34.01
C ARG B 61 -21.31 -76.58 -32.88
N THR B 62 -21.21 -77.88 -33.07
CA THR B 62 -20.55 -78.76 -32.11
C THR B 62 -19.11 -78.31 -31.89
N MET B 63 -18.47 -77.94 -32.97
CA MET B 63 -17.16 -77.40 -32.94
C MET B 63 -17.11 -76.09 -32.21
N ALA B 64 -18.10 -75.25 -32.44
CA ALA B 64 -18.22 -73.95 -31.77
C ALA B 64 -18.54 -74.10 -30.28
N TYR B 65 -19.31 -75.12 -29.95
CA TYR B 65 -19.64 -75.41 -28.54
C TYR B 65 -18.38 -75.79 -27.78
N ALA B 66 -17.56 -76.64 -28.39
CA ALA B 66 -16.32 -77.10 -27.77
C ALA B 66 -15.39 -75.93 -27.44
N GLU B 67 -15.32 -74.96 -28.34
CA GLU B 67 -14.48 -73.79 -28.15
C GLU B 67 -14.92 -72.97 -26.93
N ILE B 68 -16.21 -72.70 -26.84
CA ILE B 68 -16.74 -71.88 -25.75
C ILE B 68 -16.78 -72.64 -24.43
N ILE B 69 -16.94 -73.96 -24.49
CA ILE B 69 -16.90 -74.80 -23.30
C ILE B 69 -15.50 -74.73 -22.67
N VAL B 70 -14.47 -74.78 -23.51
CA VAL B 70 -13.10 -74.61 -23.07
C VAL B 70 -12.87 -73.20 -22.52
N GLU B 71 -13.36 -72.20 -23.25
CA GLU B 71 -13.27 -70.80 -22.83
C GLU B 71 -13.86 -70.60 -21.44
N GLU B 72 -15.07 -71.12 -21.24
CA GLU B 72 -15.78 -70.93 -19.98
C GLU B 72 -15.15 -71.72 -18.83
N ALA B 73 -14.54 -72.86 -19.15
CA ALA B 73 -13.86 -73.67 -18.14
C ALA B 73 -12.63 -72.95 -17.59
N ARG B 74 -11.87 -72.33 -18.49
CA ARG B 74 -10.69 -71.57 -18.11
C ARG B 74 -11.06 -70.37 -17.23
N LYS B 75 -12.25 -69.81 -17.46
CA LYS B 75 -12.75 -68.70 -16.65
C LYS B 75 -13.14 -69.19 -15.26
N ALA B 76 -13.89 -70.27 -15.22
CA ALA B 76 -14.34 -70.85 -13.95
C ALA B 76 -13.16 -71.24 -13.09
N LYS B 77 -12.11 -71.75 -13.72
CA LYS B 77 -10.88 -72.12 -13.03
C LYS B 77 -10.23 -70.86 -12.45
N LEU B 78 -10.25 -69.77 -13.20
CA LEU B 78 -9.63 -68.52 -12.77
C LEU B 78 -10.47 -67.83 -11.70
N ARG B 79 -11.76 -68.16 -11.64
CA ARG B 79 -12.65 -67.60 -10.63
C ARG B 79 -12.56 -68.35 -9.30
N GLY B 80 -11.86 -69.49 -9.32
CA GLY B 80 -11.66 -70.26 -8.11
C GLY B 80 -12.53 -71.50 -8.00
N GLU B 81 -13.27 -71.80 -9.07
CA GLU B 81 -14.18 -72.93 -9.05
C GLU B 81 -13.46 -74.25 -9.28
N SER B 82 -13.94 -75.31 -8.63
CA SER B 82 -13.36 -76.64 -8.78
C SER B 82 -14.13 -77.42 -9.85
N LEU B 83 -13.43 -77.80 -10.91
CA LEU B 83 -14.06 -78.49 -12.02
C LEU B 83 -13.83 -79.99 -11.93
N LYS B 84 -14.67 -80.77 -12.63
CA LYS B 84 -14.55 -82.23 -12.60
C LYS B 84 -13.22 -82.67 -13.19
N THR B 85 -12.53 -83.57 -12.48
CA THR B 85 -11.21 -84.03 -12.89
C THR B 85 -11.27 -85.36 -13.63
N PHE B 86 -10.24 -85.63 -14.43
CA PHE B 86 -10.13 -86.91 -15.12
C PHE B 86 -9.18 -87.83 -14.35
N ALA B 87 -8.80 -88.94 -14.97
CA ALA B 87 -7.91 -89.91 -14.34
C ALA B 87 -6.57 -89.29 -13.93
N ASP B 88 -5.97 -88.54 -14.86
CA ASP B 88 -4.67 -87.92 -14.60
C ASP B 88 -4.79 -86.59 -13.83
N GLY B 89 -5.99 -86.32 -13.32
CA GLY B 89 -6.21 -85.14 -12.51
C GLY B 89 -6.42 -83.88 -13.31
N ARG B 90 -6.47 -84.00 -14.63
CA ARG B 90 -6.67 -82.85 -15.49
C ARG B 90 -8.14 -82.42 -15.53
N THR B 91 -8.36 -81.23 -16.08
CA THR B 91 -9.68 -80.61 -16.12
C THR B 91 -9.85 -79.99 -17.50
N LEU B 92 -11.09 -79.89 -17.99
CA LEU B 92 -11.38 -79.27 -19.29
C LEU B 92 -10.67 -77.93 -19.51
N ALA B 93 -10.36 -77.24 -18.42
CA ALA B 93 -9.64 -75.96 -18.50
C ALA B 93 -8.18 -76.16 -18.91
N ASP B 94 -7.66 -77.36 -18.73
CA ASP B 94 -6.27 -77.65 -19.07
C ASP B 94 -6.08 -77.97 -20.56
N VAL B 95 -7.17 -77.98 -21.31
CA VAL B 95 -7.12 -78.25 -22.75
C VAL B 95 -6.31 -77.18 -23.49
N THR B 96 -5.36 -77.62 -24.29
CA THR B 96 -4.45 -76.72 -25.01
C THR B 96 -4.96 -76.41 -26.41
N PRO B 97 -4.50 -75.29 -26.99
CA PRO B 97 -4.84 -74.92 -28.38
C PRO B 97 -4.60 -76.04 -29.38
N GLU B 98 -3.42 -76.65 -29.32
CA GLU B 98 -3.09 -77.77 -30.20
C GLU B 98 -4.06 -78.93 -30.01
N GLU B 99 -4.42 -79.18 -28.75
CA GLU B 99 -5.32 -80.27 -28.39
C GLU B 99 -6.73 -79.99 -28.91
N LEU B 100 -7.22 -78.77 -28.69
CA LEU B 100 -8.55 -78.37 -29.11
C LEU B 100 -8.73 -78.47 -30.62
N ARG B 101 -7.67 -78.16 -31.37
CA ARG B 101 -7.71 -78.27 -32.82
C ARG B 101 -7.93 -79.71 -33.26
N LYS B 102 -7.30 -80.64 -32.57
CA LYS B 102 -7.47 -82.06 -32.87
C LYS B 102 -8.88 -82.53 -32.51
N ILE B 103 -9.50 -81.88 -31.53
CA ILE B 103 -10.88 -82.20 -31.14
C ILE B 103 -11.85 -81.80 -32.25
N MET B 104 -11.72 -80.58 -32.74
CA MET B 104 -12.60 -80.05 -33.74
C MET B 104 -12.52 -80.77 -35.05
N ILE B 105 -11.33 -81.14 -35.48
CA ILE B 105 -11.12 -81.94 -36.68
C ILE B 105 -11.86 -83.27 -36.56
N ALA B 106 -11.80 -83.89 -35.40
CA ALA B 106 -12.51 -85.13 -35.14
C ALA B 106 -14.02 -84.88 -35.09
N GLN B 107 -14.41 -83.72 -34.55
CA GLN B 107 -15.82 -83.34 -34.51
C GLN B 107 -16.39 -83.13 -35.91
N ALA B 108 -15.53 -82.71 -36.83
CA ALA B 108 -15.94 -82.45 -38.21
C ALA B 108 -16.41 -83.72 -38.91
N PHE B 109 -15.92 -84.87 -38.43
CA PHE B 109 -16.22 -86.15 -39.05
C PHE B 109 -17.15 -87.02 -38.21
N PHE B 110 -17.53 -86.54 -37.03
CA PHE B 110 -18.30 -87.35 -36.09
C PHE B 110 -19.67 -87.78 -36.62
N VAL B 111 -20.08 -87.20 -37.74
CA VAL B 111 -21.41 -87.49 -38.27
C VAL B 111 -21.39 -87.68 -39.80
N THR B 112 -20.19 -87.71 -40.38
CA THR B 112 -20.03 -87.92 -41.81
C THR B 112 -20.47 -89.32 -42.25
N GLY B 113 -20.24 -90.30 -41.38
CA GLY B 113 -20.51 -91.69 -41.72
C GLY B 113 -21.96 -92.11 -41.57
N ARG B 114 -22.87 -91.14 -41.55
CA ARG B 114 -24.29 -91.44 -41.47
C ARG B 114 -24.89 -91.68 -42.85
N ASP B 115 -25.73 -92.70 -42.96
CA ASP B 115 -26.38 -93.02 -44.22
C ASP B 115 -27.82 -92.50 -44.23
N ASP B 116 -28.35 -92.24 -43.05
CA ASP B 116 -29.66 -91.59 -42.89
C ASP B 116 -29.84 -91.06 -41.47
N GLU B 117 -31.08 -90.88 -41.04
CA GLU B 117 -31.36 -90.31 -39.73
C GLU B 117 -31.93 -91.30 -38.72
N GLU B 118 -31.47 -92.55 -38.76
CA GLU B 118 -31.89 -93.53 -37.76
C GLU B 118 -31.00 -93.49 -36.52
N SER B 119 -31.60 -93.22 -35.37
CA SER B 119 -30.86 -93.17 -34.11
C SER B 119 -31.39 -94.22 -33.12
N SER B 120 -31.87 -95.33 -33.65
CA SER B 120 -32.30 -96.46 -32.83
C SER B 120 -31.66 -97.73 -33.34
N LYS B 121 -30.68 -97.57 -34.22
CA LYS B 121 -29.97 -98.71 -34.70
C LYS B 121 -28.97 -98.18 -35.68
N ASN B 122 -27.98 -98.99 -36.00
CA ASN B 122 -26.92 -98.58 -36.91
C ASN B 122 -25.89 -97.71 -36.27
N TYR B 123 -25.92 -97.59 -34.96
CA TYR B 123 -25.06 -96.61 -34.32
C TYR B 123 -23.62 -97.02 -34.58
N GLU B 124 -23.38 -98.33 -34.50
CA GLU B 124 -22.06 -98.91 -34.65
C GLU B 124 -21.54 -98.73 -36.07
N LYS B 125 -22.37 -99.10 -37.04
CA LYS B 125 -22.00 -99.01 -38.45
C LYS B 125 -21.68 -97.59 -38.88
N TYR B 126 -22.57 -96.65 -38.55
CA TYR B 126 -22.40 -95.25 -38.91
C TYR B 126 -21.12 -94.65 -38.32
N HIS B 127 -20.86 -94.96 -37.06
CA HIS B 127 -19.67 -94.44 -36.39
C HIS B 127 -18.40 -95.12 -36.89
N GLU B 128 -18.53 -96.35 -37.39
CA GLU B 128 -17.42 -97.02 -38.05
C GLU B 128 -17.12 -96.34 -39.38
N GLN B 129 -18.17 -95.88 -40.05
CA GLN B 129 -18.03 -95.18 -41.33
C GLN B 129 -17.44 -93.79 -41.13
N SER B 130 -17.85 -93.13 -40.06
CA SER B 130 -17.31 -91.82 -39.71
C SER B 130 -15.82 -91.94 -39.40
N ARG B 131 -15.46 -93.00 -38.69
CA ARG B 131 -14.05 -93.28 -38.37
C ARG B 131 -13.24 -93.49 -39.65
N ASP B 132 -13.80 -94.23 -40.59
CA ASP B 132 -13.14 -94.47 -41.87
C ASP B 132 -12.98 -93.17 -42.65
N ALA B 133 -14.03 -92.35 -42.64
CA ALA B 133 -14.00 -91.06 -43.34
C ALA B 133 -12.92 -90.14 -42.78
N PHE B 134 -12.76 -90.14 -41.47
CA PHE B 134 -11.75 -89.32 -40.81
C PHE B 134 -10.33 -89.78 -41.12
N LEU B 135 -10.11 -91.09 -41.05
CA LEU B 135 -8.81 -91.66 -41.35
C LEU B 135 -8.43 -91.42 -42.82
N LYS B 136 -9.44 -91.42 -43.68
CA LYS B 136 -9.24 -91.21 -45.12
C LYS B 136 -8.77 -89.78 -45.38
N TYR B 137 -9.24 -88.84 -44.57
CA TYR B 137 -8.82 -87.45 -44.65
C TYR B 137 -7.38 -87.30 -44.16
N VAL B 138 -7.10 -87.88 -42.99
CA VAL B 138 -5.78 -87.85 -42.40
C VAL B 138 -4.73 -88.45 -43.34
N GLU B 139 -5.08 -89.56 -43.98
CA GLU B 139 -4.17 -90.22 -44.92
C GLU B 139 -3.93 -89.36 -46.16
N GLU B 140 -4.99 -88.74 -46.66
CA GLU B 140 -4.88 -87.87 -47.85
C GLU B 140 -4.00 -86.67 -47.61
N ASN B 141 -4.15 -86.05 -46.44
CA ASN B 141 -3.36 -84.89 -46.09
C ASN B 141 -2.27 -85.24 -45.09
N LYS B 142 -1.74 -86.47 -45.22
CA LYS B 142 -0.70 -86.99 -44.34
C LYS B 142 0.46 -86.03 -44.16
N SER B 143 0.95 -85.49 -45.27
CA SER B 143 2.10 -84.59 -45.25
C SER B 143 1.85 -83.31 -44.44
N THR B 144 0.59 -82.91 -44.33
CA THR B 144 0.24 -81.65 -43.69
C THR B 144 -0.05 -81.80 -42.20
N LEU B 145 -0.80 -82.84 -41.84
CA LEU B 145 -1.35 -82.99 -40.50
C LEU B 145 -0.39 -83.57 -39.46
N ILE B 146 0.72 -84.15 -39.92
CA ILE B 146 1.70 -84.73 -39.02
C ILE B 146 3.10 -84.23 -39.39
N PRO B 147 3.90 -83.82 -38.39
CA PRO B 147 3.61 -83.84 -36.95
C PRO B 147 2.95 -82.57 -36.42
N ASP B 148 2.73 -81.58 -37.29
CA ASP B 148 2.29 -80.26 -36.86
C ASP B 148 0.91 -80.24 -36.18
N VAL B 149 -0.03 -81.03 -36.67
CA VAL B 149 -1.34 -81.14 -36.05
C VAL B 149 -1.40 -82.37 -35.14
N PHE B 150 -1.32 -83.55 -35.74
CA PHE B 150 -1.24 -84.80 -34.99
C PHE B 150 0.22 -85.20 -34.87
N LYS B 151 0.62 -85.77 -33.74
CA LYS B 151 2.03 -86.08 -33.50
C LYS B 151 2.51 -87.38 -34.17
N ASP B 152 1.66 -88.40 -34.16
CA ASP B 152 1.93 -89.64 -34.89
C ASP B 152 0.65 -90.36 -35.28
N GLU B 153 0.78 -91.59 -35.77
CA GLU B 153 -0.39 -92.38 -36.12
C GLU B 153 -1.13 -92.90 -34.90
N LYS B 154 -0.41 -93.00 -33.78
CA LYS B 154 -1.05 -93.39 -32.52
C LYS B 154 -1.96 -92.27 -32.04
N ASP B 155 -1.59 -91.04 -32.37
CA ASP B 155 -2.39 -89.87 -32.03
C ASP B 155 -3.66 -89.85 -32.88
N VAL B 156 -3.50 -90.08 -34.18
CA VAL B 156 -4.63 -90.15 -35.11
C VAL B 156 -5.60 -91.25 -34.71
N LYS B 157 -5.04 -92.40 -34.30
CA LYS B 157 -5.83 -93.52 -33.81
C LYS B 157 -6.70 -93.14 -32.62
N PHE B 158 -6.16 -92.29 -31.74
CA PHE B 158 -6.88 -91.87 -30.54
C PHE B 158 -8.15 -91.11 -30.90
N TYR B 159 -8.03 -90.15 -31.80
CA TYR B 159 -9.18 -89.33 -32.19
C TYR B 159 -10.11 -90.08 -33.14
N ALA B 160 -9.59 -91.12 -33.78
CA ALA B 160 -10.43 -92.01 -34.57
C ALA B 160 -11.23 -92.93 -33.64
N ASP B 161 -10.63 -93.28 -32.51
CA ASP B 161 -11.29 -94.12 -31.51
C ASP B 161 -12.46 -93.41 -30.85
N VAL B 162 -12.31 -92.09 -30.62
CA VAL B 162 -13.38 -91.28 -30.04
C VAL B 162 -14.56 -91.17 -31.01
N ILE B 163 -14.24 -91.07 -32.30
CA ILE B 163 -15.27 -91.00 -33.33
C ILE B 163 -16.02 -92.33 -33.47
N GLU B 164 -15.31 -93.45 -33.35
CA GLU B 164 -15.95 -94.76 -33.47
C GLU B 164 -16.84 -95.07 -32.27
N ASP B 165 -16.38 -94.70 -31.07
CA ASP B 165 -17.19 -94.80 -29.86
C ASP B 165 -17.68 -96.23 -29.60
N LYS B 166 -16.73 -97.16 -29.43
CA LYS B 166 -17.07 -98.55 -29.22
C LYS B 166 -17.73 -98.81 -27.87
N ASP B 167 -17.14 -98.30 -26.80
CA ASP B 167 -17.56 -98.65 -25.45
C ASP B 167 -18.29 -97.53 -24.70
N HIS B 168 -18.50 -96.41 -25.38
CA HIS B 168 -19.19 -95.26 -24.79
C HIS B 168 -18.48 -94.75 -23.54
N LYS B 169 -17.16 -94.67 -23.62
CA LYS B 169 -16.35 -94.07 -22.57
C LYS B 169 -16.35 -92.56 -22.76
N TRP B 170 -17.44 -91.92 -22.35
CA TRP B 170 -17.65 -90.50 -22.64
C TRP B 170 -17.14 -89.57 -21.53
N ALA B 171 -16.40 -90.14 -20.58
CA ALA B 171 -15.82 -89.35 -19.51
C ALA B 171 -14.36 -89.75 -19.29
N ASP B 172 -13.76 -90.34 -20.32
CA ASP B 172 -12.39 -90.84 -20.24
C ASP B 172 -11.37 -89.72 -20.38
N SER B 173 -11.64 -88.78 -21.29
CA SER B 173 -10.68 -87.73 -21.61
C SER B 173 -11.42 -86.48 -22.05
N PRO B 174 -10.72 -85.32 -22.07
CA PRO B 174 -11.30 -84.10 -22.62
C PRO B 174 -11.85 -84.30 -24.03
N ALA B 175 -11.19 -85.15 -24.81
CA ALA B 175 -11.62 -85.45 -26.17
C ALA B 175 -13.00 -86.10 -26.21
N HIS B 176 -13.19 -87.12 -25.38
CA HIS B 176 -14.47 -87.82 -25.31
C HIS B 176 -15.58 -86.91 -24.83
N VAL B 177 -15.27 -86.04 -23.86
CA VAL B 177 -16.27 -85.16 -23.27
C VAL B 177 -16.73 -84.06 -24.24
N LEU B 178 -15.77 -83.32 -24.79
CA LEU B 178 -16.09 -82.23 -25.71
C LEU B 178 -16.87 -82.69 -26.95
N VAL B 179 -16.53 -83.86 -27.45
CA VAL B 179 -17.23 -84.43 -28.60
C VAL B 179 -18.65 -84.88 -28.21
N ASN B 180 -18.76 -85.55 -27.07
CA ASN B 180 -20.06 -85.97 -26.56
C ASN B 180 -20.92 -84.79 -26.13
N GLN B 181 -20.35 -83.88 -25.36
CA GLN B 181 -21.08 -82.70 -24.90
C GLN B 181 -21.47 -81.80 -26.06
N GLY B 182 -20.53 -81.57 -26.97
CA GLY B 182 -20.80 -80.76 -28.15
C GLY B 182 -21.95 -81.31 -28.96
N HIS B 183 -22.07 -82.63 -29.01
CA HIS B 183 -23.16 -83.28 -29.74
C HIS B 183 -24.49 -83.16 -29.00
N MET B 184 -24.44 -83.08 -27.69
CA MET B 184 -25.62 -83.03 -26.86
C MET B 184 -26.16 -81.63 -26.66
N VAL B 185 -25.32 -80.64 -26.74
CA VAL B 185 -25.73 -79.25 -26.61
C VAL B 185 -26.61 -78.85 -27.80
N ASP B 186 -26.39 -79.48 -28.94
CA ASP B 186 -27.16 -79.20 -30.15
C ASP B 186 -28.53 -79.87 -30.12
N LEU B 187 -28.78 -80.61 -29.08
CA LEU B 187 -29.98 -81.39 -28.95
C LEU B 187 -31.05 -80.65 -28.22
N VAL B 188 -30.72 -79.46 -27.75
CA VAL B 188 -31.67 -78.58 -27.15
C VAL B 188 -32.34 -77.80 -28.24
N ARG B 189 -33.52 -78.19 -28.73
CA ARG B 189 -34.03 -77.38 -29.85
C ARG B 189 -35.41 -76.83 -29.54
N VAL B 190 -36.44 -77.60 -29.87
CA VAL B 190 -37.82 -77.17 -29.65
C VAL B 190 -38.70 -78.27 -29.08
N LYS B 191 -38.17 -79.49 -29.04
CA LYS B 191 -38.92 -80.63 -28.51
C LYS B 191 -39.60 -80.26 -27.19
N GLN B 192 -40.86 -80.67 -27.04
CA GLN B 192 -41.61 -80.34 -25.83
C GLN B 192 -41.63 -81.51 -24.84
N PRO B 193 -41.61 -81.19 -23.54
CA PRO B 193 -41.48 -79.84 -23.00
C PRO B 193 -40.03 -79.35 -22.96
N PRO B 194 -39.80 -78.10 -23.35
CA PRO B 194 -38.46 -77.54 -23.50
C PRO B 194 -37.68 -77.56 -22.18
N GLU B 195 -38.40 -77.40 -21.08
CA GLU B 195 -37.78 -77.30 -19.76
C GLU B 195 -37.10 -78.60 -19.35
N SER B 196 -37.72 -79.74 -19.69
CA SER B 196 -37.17 -81.04 -19.35
C SER B 196 -35.90 -81.34 -20.15
N TYR B 197 -35.90 -80.94 -21.43
CA TYR B 197 -34.74 -81.12 -22.29
C TYR B 197 -33.58 -80.24 -21.84
N LEU B 198 -33.87 -78.96 -21.60
CA LEU B 198 -32.85 -78.02 -21.16
C LEU B 198 -32.21 -78.43 -19.85
N GLU B 199 -33.04 -78.78 -18.87
CA GLU B 199 -32.56 -79.20 -17.56
C GLU B 199 -31.63 -80.42 -17.66
N TYR B 200 -32.00 -81.38 -18.51
CA TYR B 200 -31.22 -82.60 -18.64
C TYR B 200 -29.83 -82.36 -19.22
N TYR B 201 -29.77 -81.67 -20.35
CA TYR B 201 -28.50 -81.39 -21.01
C TYR B 201 -27.66 -80.38 -20.22
N PHE B 202 -28.33 -79.53 -19.46
CA PHE B 202 -27.65 -78.60 -18.56
C PHE B 202 -26.92 -79.41 -17.49
N SER B 203 -27.61 -80.39 -16.93
CA SER B 203 -27.08 -81.18 -15.83
C SER B 203 -25.98 -82.14 -16.27
N GLN B 204 -25.93 -82.44 -17.57
CA GLN B 204 -24.91 -83.31 -18.11
C GLN B 204 -23.57 -82.58 -18.23
N LEU B 205 -23.63 -81.31 -18.60
CA LEU B 205 -22.44 -80.51 -18.82
C LEU B 205 -21.96 -79.84 -17.53
N GLN B 206 -22.88 -79.60 -16.61
CA GLN B 206 -22.60 -78.84 -15.38
C GLN B 206 -21.45 -79.33 -14.49
N PRO B 207 -21.34 -80.66 -14.26
CA PRO B 207 -20.23 -81.10 -13.39
C PRO B 207 -18.86 -80.76 -13.96
N TRP B 208 -18.73 -80.75 -15.28
CA TRP B 208 -17.44 -80.55 -15.93
C TRP B 208 -16.92 -79.11 -15.84
N ILE B 209 -17.82 -78.14 -15.94
CA ILE B 209 -17.41 -76.73 -16.03
C ILE B 209 -18.06 -75.80 -15.01
N GLY B 210 -19.06 -76.28 -14.28
CA GLY B 210 -19.74 -75.46 -13.28
C GLY B 210 -21.02 -74.83 -13.79
N SER B 211 -21.82 -74.29 -12.87
CA SER B 211 -23.12 -73.73 -13.21
C SER B 211 -23.02 -72.41 -13.99
N THR B 212 -22.13 -71.53 -13.57
CA THR B 212 -21.92 -70.24 -14.22
C THR B 212 -21.47 -70.42 -15.66
N ALA B 213 -20.56 -71.37 -15.88
CA ALA B 213 -20.06 -71.66 -17.22
C ALA B 213 -21.10 -72.38 -18.06
N THR B 214 -21.93 -73.20 -17.42
CA THR B 214 -22.94 -73.97 -18.14
C THR B 214 -24.10 -73.07 -18.58
N GLU B 215 -24.42 -72.05 -17.78
CA GLU B 215 -25.41 -71.06 -18.17
C GLU B 215 -24.91 -70.28 -19.38
N ALA B 216 -23.61 -70.01 -19.41
CA ALA B 216 -23.00 -69.25 -20.49
C ALA B 216 -23.04 -70.00 -21.81
N VAL B 217 -22.81 -71.31 -21.75
CA VAL B 217 -22.80 -72.13 -22.94
C VAL B 217 -24.19 -72.26 -23.56
N PHE B 218 -25.20 -72.49 -22.73
CA PHE B 218 -26.56 -72.64 -23.23
C PHE B 218 -27.22 -71.31 -23.59
N ALA B 219 -26.68 -70.22 -23.05
CA ALA B 219 -27.11 -68.89 -23.48
C ALA B 219 -26.47 -68.57 -24.83
N THR B 220 -25.20 -68.90 -24.97
CA THR B 220 -24.49 -68.72 -26.23
C THR B 220 -25.05 -69.65 -27.30
N GLN B 221 -25.47 -70.84 -26.89
CA GLN B 221 -26.04 -71.82 -27.81
C GLN B 221 -27.29 -71.28 -28.50
N ARG B 222 -28.11 -70.57 -27.74
CA ARG B 222 -29.31 -69.95 -28.28
C ARG B 222 -28.96 -68.90 -29.32
N GLN B 223 -27.86 -68.17 -29.09
CA GLN B 223 -27.41 -67.15 -30.02
C GLN B 223 -26.82 -67.78 -31.29
N PHE B 224 -26.21 -68.96 -31.13
CA PHE B 224 -25.67 -69.69 -32.26
C PHE B 224 -26.80 -70.24 -33.13
N PHE B 225 -27.91 -70.58 -32.49
CA PHE B 225 -29.10 -71.04 -33.19
C PHE B 225 -29.73 -69.93 -34.02
N HIS B 226 -29.85 -68.74 -33.43
CA HIS B 226 -30.32 -67.57 -34.16
C HIS B 226 -29.43 -67.27 -35.36
N ALA B 227 -28.12 -67.38 -35.14
CA ALA B 227 -27.13 -67.07 -36.17
C ALA B 227 -27.16 -68.07 -37.31
N THR B 228 -27.61 -69.29 -37.03
CA THR B 228 -27.68 -70.33 -38.05
C THR B 228 -29.11 -70.70 -38.37
N TYR B 229 -30.04 -69.82 -38.01
CA TYR B 229 -31.44 -69.93 -38.41
C TYR B 229 -32.13 -71.20 -37.94
N GLU B 230 -31.95 -71.53 -36.66
CA GLU B 230 -32.66 -72.63 -36.04
C GLU B 230 -33.62 -72.07 -34.98
N ALA B 231 -34.77 -72.71 -34.80
CA ALA B 231 -35.76 -72.22 -33.84
C ALA B 231 -35.25 -72.33 -32.41
N VAL B 232 -35.60 -71.34 -31.59
CA VAL B 232 -35.21 -71.36 -30.19
C VAL B 232 -36.44 -71.43 -29.27
N ALA B 233 -36.43 -72.39 -28.35
CA ALA B 233 -37.59 -72.63 -27.49
C ALA B 233 -37.67 -71.65 -26.32
N GLY B 234 -38.88 -71.45 -25.82
CA GLY B 234 -39.08 -70.65 -24.62
C GLY B 234 -38.91 -71.51 -23.39
N PHE B 235 -39.05 -70.91 -22.21
CA PHE B 235 -38.90 -71.64 -20.95
C PHE B 235 -39.90 -71.11 -19.93
N ASP B 236 -40.62 -72.02 -19.29
CA ASP B 236 -41.61 -71.66 -18.28
C ASP B 236 -41.53 -72.63 -17.11
N SER B 237 -41.03 -72.16 -15.97
CA SER B 237 -40.84 -73.01 -14.80
C SER B 237 -42.18 -73.41 -14.17
N GLU B 238 -43.24 -72.74 -14.62
CA GLU B 238 -44.57 -72.99 -14.09
C GLU B 238 -45.44 -73.77 -15.07
N ASN B 239 -44.82 -74.26 -16.14
CA ASN B 239 -45.51 -75.07 -17.14
C ASN B 239 -46.18 -76.28 -16.50
N LYS B 240 -47.39 -76.60 -16.96
CA LYS B 240 -48.18 -77.66 -16.33
C LYS B 240 -48.18 -78.97 -17.12
N GLU B 241 -47.36 -79.05 -18.16
CA GLU B 241 -47.20 -80.31 -18.90
C GLU B 241 -46.60 -81.37 -18.00
N PRO B 242 -46.83 -82.65 -18.34
CA PRO B 242 -46.17 -83.72 -17.59
C PRO B 242 -44.67 -83.70 -17.87
N HIS B 243 -43.85 -83.86 -16.84
CA HIS B 243 -42.39 -83.88 -17.00
C HIS B 243 -41.95 -85.02 -17.90
N LEU B 244 -40.92 -84.78 -18.70
CA LEU B 244 -40.36 -85.82 -19.54
C LEU B 244 -38.97 -86.22 -19.08
N VAL B 245 -38.86 -87.41 -18.51
CA VAL B 245 -37.56 -87.96 -18.12
C VAL B 245 -36.81 -88.32 -19.39
N VAL B 246 -35.93 -87.41 -19.83
CA VAL B 246 -35.24 -87.54 -21.12
C VAL B 246 -34.49 -88.87 -21.29
N ASP B 247 -33.77 -89.29 -20.25
CA ASP B 247 -33.04 -90.55 -20.30
C ASP B 247 -34.00 -91.73 -20.32
N GLY B 248 -34.43 -92.12 -21.51
CA GLY B 248 -35.36 -93.22 -21.66
C GLY B 248 -36.75 -92.78 -22.07
N LEU B 249 -36.94 -91.46 -22.16
CA LEU B 249 -38.22 -90.87 -22.51
C LEU B 249 -39.37 -91.40 -21.66
N GLY B 250 -39.19 -91.36 -20.34
CA GLY B 250 -40.19 -91.85 -19.42
C GLY B 250 -40.86 -90.75 -18.61
N ARG B 251 -41.50 -91.14 -17.51
CA ARG B 251 -42.20 -90.18 -16.65
C ARG B 251 -41.98 -90.49 -15.18
N TYR B 252 -42.14 -89.48 -14.34
CA TYR B 252 -42.17 -89.66 -12.89
C TYR B 252 -43.61 -89.49 -12.46
N VAL B 253 -44.01 -90.10 -11.35
CA VAL B 253 -45.42 -90.04 -10.93
C VAL B 253 -45.67 -89.52 -9.52
N ILE B 254 -46.84 -88.94 -9.35
CA ILE B 254 -47.28 -88.51 -8.05
C ILE B 254 -48.41 -89.38 -7.49
N GLY B 255 -48.11 -90.01 -6.37
CA GLY B 255 -49.06 -90.82 -5.65
C GLY B 255 -49.66 -89.95 -4.58
N GLN B 256 -50.51 -90.64 -3.84
CA GLN B 256 -51.63 -90.12 -3.13
C GLN B 256 -51.19 -89.69 -1.80
N ASP B 257 -50.10 -90.27 -1.30
CA ASP B 257 -49.42 -89.62 -0.21
C ASP B 257 -49.04 -88.20 -0.66
N GLY B 258 -49.08 -87.98 -1.97
CA GLY B 258 -48.88 -86.66 -2.53
C GLY B 258 -47.41 -86.41 -2.58
N ASN B 259 -46.68 -87.50 -2.48
CA ASN B 259 -45.25 -87.53 -2.57
C ASN B 259 -44.73 -88.23 -3.80
N PRO B 260 -43.87 -87.54 -4.52
CA PRO B 260 -43.26 -88.18 -5.69
C PRO B 260 -42.81 -89.60 -5.35
N ILE B 261 -43.19 -90.56 -6.18
CA ILE B 261 -42.83 -91.96 -5.94
C ILE B 261 -41.33 -92.18 -6.10
N ARG B 262 -40.70 -92.68 -5.02
CA ARG B 262 -39.27 -92.91 -4.99
C ARG B 262 -38.98 -94.33 -4.52
N GLU B 263 -37.95 -94.95 -5.09
CA GLU B 263 -37.52 -96.28 -4.67
C GLU B 263 -36.27 -96.20 -3.79
N LEU B 276 -34.83 -91.22 -7.87
CA LEU B 276 -36.27 -91.39 -7.72
C LEU B 276 -36.84 -92.27 -8.83
N LYS B 277 -37.96 -92.94 -8.54
CA LYS B 277 -38.44 -94.04 -9.38
C LYS B 277 -38.84 -93.66 -10.81
N PHE B 278 -38.20 -94.31 -11.78
CA PHE B 278 -38.52 -94.14 -13.18
C PHE B 278 -39.77 -94.94 -13.54
N PHE B 279 -40.64 -94.33 -14.36
CA PHE B 279 -41.80 -95.04 -14.89
C PHE B 279 -41.82 -94.94 -16.40
N SER B 280 -42.19 -96.05 -17.06
CA SER B 280 -42.33 -96.04 -18.51
C SER B 280 -43.64 -95.37 -18.89
N GLN B 281 -43.66 -94.79 -20.09
CA GLN B 281 -44.84 -94.08 -20.58
C GLN B 281 -46.01 -95.04 -20.83
N LYS B 282 -45.70 -96.33 -20.87
CA LYS B 282 -46.71 -97.36 -21.12
C LYS B 282 -47.39 -97.85 -19.85
N LYS B 283 -46.61 -98.02 -18.79
CA LYS B 283 -47.10 -98.62 -17.54
C LYS B 283 -48.33 -97.92 -16.99
N LYS B 284 -49.30 -98.71 -16.55
CA LYS B 284 -50.57 -98.18 -16.06
C LYS B 284 -50.46 -97.71 -14.61
N LEU B 285 -51.23 -96.68 -14.28
CA LEU B 285 -51.18 -96.09 -12.94
C LEU B 285 -52.42 -96.47 -12.13
N GLU B 286 -52.29 -96.52 -10.81
CA GLU B 286 -53.36 -96.99 -9.94
C GLU B 286 -54.50 -95.97 -9.83
N GLU B 287 -55.35 -96.16 -8.82
CA GLU B 287 -56.49 -95.28 -8.58
C GLU B 287 -56.09 -93.82 -8.50
N ASN B 288 -55.08 -93.54 -7.68
CA ASN B 288 -54.61 -92.18 -7.50
C ASN B 288 -53.12 -92.09 -7.76
N GLN B 289 -52.74 -92.15 -9.03
CA GLN B 289 -51.37 -91.89 -9.45
C GLN B 289 -51.40 -90.91 -10.61
N ARG B 290 -50.43 -89.99 -10.64
CA ARG B 290 -50.37 -89.00 -11.70
C ARG B 290 -48.93 -88.58 -11.99
N TYR B 291 -48.58 -88.51 -13.26
CA TYR B 291 -47.24 -88.11 -13.67
C TYR B 291 -46.92 -86.71 -13.17
N MET B 292 -45.79 -86.60 -12.50
CA MET B 292 -45.31 -85.36 -11.99
C MET B 292 -45.11 -84.43 -13.14
N ARG B 293 -45.61 -83.22 -12.96
CA ARG B 293 -45.54 -82.15 -13.96
C ARG B 293 -44.16 -81.48 -13.91
N VAL B 294 -43.82 -80.77 -14.97
CA VAL B 294 -42.52 -80.11 -15.07
C VAL B 294 -42.33 -79.05 -13.98
N ASP B 295 -43.39 -78.32 -13.66
CA ASP B 295 -43.33 -77.31 -12.60
C ASP B 295 -43.02 -77.95 -11.25
N GLU B 296 -43.52 -79.17 -11.06
CA GLU B 296 -43.23 -79.92 -9.84
C GLU B 296 -41.78 -80.39 -9.88
N TYR B 297 -41.33 -80.76 -11.07
CA TYR B 297 -39.97 -81.26 -11.25
C TYR B 297 -38.93 -80.19 -11.01
N LEU B 298 -39.21 -78.98 -11.49
CA LEU B 298 -38.26 -77.87 -11.37
C LEU B 298 -38.20 -77.33 -9.93
N LYS B 299 -39.13 -77.76 -9.09
CA LYS B 299 -39.22 -77.28 -7.72
C LYS B 299 -38.57 -78.20 -6.70
N LEU B 300 -38.24 -79.43 -7.12
CA LEU B 300 -37.59 -80.39 -6.24
C LEU B 300 -36.27 -79.83 -5.71
N ASP B 301 -36.00 -80.06 -4.42
CA ASP B 301 -34.80 -79.55 -3.77
C ASP B 301 -33.52 -80.01 -4.48
N GLU B 302 -33.58 -81.22 -5.05
CA GLU B 302 -32.44 -81.79 -5.74
C GLU B 302 -32.21 -81.17 -7.11
N VAL B 303 -33.28 -80.68 -7.73
CA VAL B 303 -33.20 -80.07 -9.05
C VAL B 303 -32.82 -78.60 -8.96
N GLN B 304 -33.45 -77.87 -8.04
CA GLN B 304 -33.12 -76.47 -7.80
C GLN B 304 -31.66 -76.31 -7.38
N LYS B 305 -31.11 -77.35 -6.77
CA LYS B 305 -29.74 -77.31 -6.26
C LYS B 305 -28.72 -77.40 -7.39
N ARG B 306 -29.13 -77.97 -8.52
CA ARG B 306 -28.24 -78.13 -9.67
C ARG B 306 -28.73 -77.36 -10.89
N PHE B 307 -29.97 -76.87 -10.83
CA PHE B 307 -30.57 -76.13 -11.94
C PHE B 307 -31.22 -74.86 -11.44
N PRO B 308 -30.80 -73.70 -11.97
CA PRO B 308 -31.28 -72.39 -11.53
C PRO B 308 -32.50 -71.92 -12.33
N GLY B 309 -33.22 -72.84 -12.97
CA GLY B 309 -34.34 -72.48 -13.81
C GLY B 309 -35.63 -72.19 -13.06
N ALA B 310 -35.65 -72.53 -11.78
CA ALA B 310 -36.86 -72.39 -10.97
C ALA B 310 -37.29 -70.92 -10.80
N GLY B 311 -38.53 -70.63 -11.15
CA GLY B 311 -39.07 -69.29 -11.00
C GLY B 311 -38.68 -68.36 -12.13
N LYS B 312 -38.15 -68.92 -13.22
CA LYS B 312 -37.66 -68.11 -14.31
C LYS B 312 -38.43 -68.34 -15.61
N LYS B 313 -38.24 -67.45 -16.57
CA LYS B 313 -38.97 -67.50 -17.84
C LYS B 313 -38.08 -67.02 -18.98
N LEU B 314 -38.17 -67.70 -20.13
CA LEU B 314 -37.43 -67.26 -21.31
C LEU B 314 -38.36 -67.20 -22.51
N ASP B 315 -38.23 -66.14 -23.30
CA ASP B 315 -39.06 -65.99 -24.49
C ASP B 315 -38.46 -66.72 -25.68
N GLY B 316 -39.29 -67.46 -26.40
CA GLY B 316 -38.84 -68.14 -27.61
C GLY B 316 -38.74 -67.17 -28.76
N GLY B 317 -38.22 -67.63 -29.88
CA GLY B 317 -38.10 -66.79 -31.06
C GLY B 317 -37.09 -65.67 -30.93
N LEU B 318 -37.23 -64.66 -31.78
CA LEU B 318 -36.34 -63.49 -31.75
C LEU B 318 -37.09 -62.24 -31.28
N PRO B 319 -36.49 -61.52 -30.32
CA PRO B 319 -37.09 -60.29 -29.79
C PRO B 319 -37.20 -59.22 -30.87
N GLY B 320 -38.40 -58.70 -31.09
CA GLY B 320 -38.64 -57.72 -32.12
C GLY B 320 -39.35 -58.34 -33.32
N LEU B 321 -39.26 -59.67 -33.42
CA LEU B 321 -39.93 -60.40 -34.48
C LEU B 321 -41.20 -61.06 -33.98
N LYS B 322 -42.24 -61.05 -34.81
CA LYS B 322 -43.47 -61.76 -34.49
C LYS B 322 -43.47 -63.12 -35.19
N GLU B 323 -44.43 -63.97 -34.81
CA GLU B 323 -44.57 -65.32 -35.35
C GLU B 323 -44.32 -65.44 -36.84
N TYR B 324 -45.07 -64.69 -37.63
CA TYR B 324 -44.98 -64.76 -39.09
C TYR B 324 -43.65 -64.22 -39.62
N GLN B 325 -43.04 -63.32 -38.85
CA GLN B 325 -41.73 -62.76 -39.23
C GLN B 325 -40.63 -63.75 -38.89
N TYR B 326 -40.74 -64.36 -37.71
CA TYR B 326 -39.75 -65.33 -37.24
C TYR B 326 -39.76 -66.56 -38.14
N LEU B 327 -40.96 -67.00 -38.51
CA LEU B 327 -41.13 -68.19 -39.35
C LEU B 327 -40.64 -67.95 -40.77
N GLN B 328 -40.73 -66.72 -41.25
CA GLN B 328 -40.19 -66.37 -42.55
C GLN B 328 -38.67 -66.36 -42.54
N ARG B 329 -38.11 -65.97 -41.39
CA ARG B 329 -36.66 -65.94 -41.22
C ARG B 329 -36.09 -67.37 -41.24
N LEU B 330 -36.76 -68.29 -40.57
CA LEU B 330 -36.33 -69.68 -40.52
C LEU B 330 -36.34 -70.30 -41.92
N ASN B 331 -37.24 -69.82 -42.78
CA ASN B 331 -37.35 -70.31 -44.14
C ASN B 331 -36.57 -69.47 -45.15
N SER B 332 -35.55 -68.76 -44.67
CA SER B 332 -34.69 -67.97 -45.54
C SER B 332 -33.66 -68.84 -46.25
N ILE B 333 -33.10 -68.32 -47.34
CA ILE B 333 -32.04 -69.03 -48.06
C ILE B 333 -30.78 -69.11 -47.20
N ASN B 334 -30.65 -68.19 -46.25
CA ASN B 334 -29.49 -68.16 -45.38
C ASN B 334 -29.36 -69.41 -44.50
N ARG B 335 -30.49 -70.06 -44.22
CA ARG B 335 -30.48 -71.35 -43.54
C ARG B 335 -29.73 -72.35 -44.40
N ALA B 336 -30.04 -72.36 -45.69
CA ALA B 336 -29.39 -73.26 -46.63
C ALA B 336 -27.91 -72.93 -46.80
N ARG B 337 -27.60 -71.63 -46.74
CA ARG B 337 -26.21 -71.18 -46.85
C ARG B 337 -25.41 -71.65 -45.64
N CYS B 338 -26.05 -71.68 -44.48
CA CYS B 338 -25.42 -72.20 -43.26
C CYS B 338 -25.15 -73.69 -43.41
N GLU B 339 -26.02 -74.38 -44.14
CA GLU B 339 -25.92 -75.83 -44.30
C GLU B 339 -25.02 -76.22 -45.46
N ASN B 340 -24.72 -75.28 -46.34
CA ASN B 340 -23.97 -75.58 -47.56
C ASN B 340 -22.63 -74.83 -47.70
N ASP B 341 -22.56 -73.63 -47.14
CA ASP B 341 -21.37 -72.80 -47.25
C ASP B 341 -20.59 -72.76 -45.93
N VAL B 342 -19.42 -73.37 -45.91
CA VAL B 342 -18.56 -73.41 -44.73
C VAL B 342 -18.14 -72.00 -44.27
N ASP B 343 -17.69 -71.19 -45.22
CA ASP B 343 -17.25 -69.83 -44.91
C ASP B 343 -18.38 -68.95 -44.41
N PHE B 344 -19.60 -69.26 -44.81
CA PHE B 344 -20.76 -68.48 -44.40
C PHE B 344 -21.24 -68.86 -43.00
N CYS B 345 -21.37 -70.16 -42.75
CA CYS B 345 -21.85 -70.65 -41.47
C CYS B 345 -20.86 -70.33 -40.34
N LEU B 346 -19.57 -70.35 -40.67
CA LEU B 346 -18.54 -69.99 -39.72
C LEU B 346 -18.56 -68.48 -39.45
N GLY B 347 -18.88 -67.70 -40.48
CA GLY B 347 -18.94 -66.25 -40.36
C GLY B 347 -20.10 -65.80 -39.50
N GLN B 348 -21.19 -66.55 -39.56
CA GLN B 348 -22.36 -66.28 -38.74
C GLN B 348 -22.06 -66.54 -37.27
N LEU B 349 -21.46 -67.68 -37.00
CA LEU B 349 -21.10 -68.07 -35.64
C LEU B 349 -20.07 -67.13 -35.03
N GLN B 350 -19.07 -66.75 -35.81
CA GLN B 350 -18.04 -65.81 -35.38
C GLN B 350 -18.66 -64.49 -34.91
N THR B 351 -19.60 -63.98 -35.68
CA THR B 351 -20.28 -62.73 -35.35
C THR B 351 -21.08 -62.88 -34.05
N ALA B 352 -21.75 -64.00 -33.91
CA ALA B 352 -22.54 -64.28 -32.70
C ALA B 352 -21.63 -64.50 -31.50
N HIS B 353 -20.52 -65.20 -31.71
CA HIS B 353 -19.55 -65.47 -30.65
C HIS B 353 -18.92 -64.18 -30.14
N HIS B 354 -18.58 -63.28 -31.05
CA HIS B 354 -17.97 -62.00 -30.69
C HIS B 354 -18.93 -61.13 -29.90
N GLN B 355 -20.23 -61.23 -30.22
CA GLN B 355 -21.23 -60.41 -29.56
C GLN B 355 -21.48 -60.85 -28.12
N THR B 356 -21.25 -62.12 -27.84
CA THR B 356 -21.43 -62.66 -26.49
C THR B 356 -20.33 -62.20 -25.55
N LYS B 357 -19.30 -61.55 -26.10
CA LYS B 357 -18.21 -61.01 -25.30
C LYS B 357 -18.49 -59.55 -24.95
N ILE B 358 -19.32 -58.91 -25.77
CA ILE B 358 -19.62 -57.49 -25.62
C ILE B 358 -20.91 -57.27 -24.83
N THR B 359 -21.94 -58.05 -25.16
CA THR B 359 -23.25 -57.93 -24.53
C THR B 359 -23.26 -57.96 -22.98
N PRO B 360 -22.52 -58.90 -22.36
CA PRO B 360 -22.53 -58.89 -20.88
C PRO B 360 -21.88 -57.66 -20.28
N ILE B 361 -20.93 -57.05 -21.00
CA ILE B 361 -20.26 -55.84 -20.53
C ILE B 361 -21.22 -54.65 -20.49
N LYS B 362 -21.89 -54.39 -21.62
CA LYS B 362 -22.86 -53.30 -21.72
C LYS B 362 -23.98 -53.45 -20.69
N ARG B 363 -24.27 -54.69 -20.34
CA ARG B 363 -25.35 -55.02 -19.41
C ARG B 363 -25.03 -54.60 -17.98
N ALA B 364 -23.75 -54.63 -17.64
CA ALA B 364 -23.33 -54.38 -16.26
C ALA B 364 -23.19 -52.90 -15.91
N PHE B 365 -23.45 -52.02 -16.88
CA PHE B 365 -23.27 -50.58 -16.64
C PHE B 365 -24.48 -49.76 -17.07
N GLN B 366 -24.66 -48.61 -16.42
CA GLN B 366 -25.71 -47.67 -16.79
C GLN B 366 -25.52 -47.27 -18.25
N SER B 367 -26.54 -47.46 -19.06
CA SER B 367 -26.45 -47.14 -20.47
C SER B 367 -26.53 -45.64 -20.70
N SER B 368 -26.11 -45.21 -21.89
CA SER B 368 -26.22 -43.82 -22.28
C SER B 368 -26.63 -43.76 -23.75
N SER B 369 -27.30 -42.68 -24.14
CA SER B 369 -27.74 -42.52 -25.52
C SER B 369 -26.90 -41.49 -26.25
N GLU B 370 -26.14 -40.71 -25.48
CA GLU B 370 -25.26 -39.70 -26.06
C GLU B 370 -23.90 -40.29 -26.39
N LYS B 371 -23.50 -40.18 -27.65
CA LYS B 371 -22.23 -40.71 -28.11
C LYS B 371 -21.14 -39.65 -28.14
N ALA B 372 -21.53 -38.39 -27.94
CA ALA B 372 -20.59 -37.27 -28.05
C ALA B 372 -19.97 -36.93 -26.70
N ARG B 373 -18.91 -36.14 -26.72
CA ARG B 373 -18.36 -35.59 -25.48
C ARG B 373 -19.38 -34.66 -24.87
N ARG B 374 -19.40 -34.59 -23.55
CA ARG B 374 -20.31 -33.71 -22.83
C ARG B 374 -19.95 -32.25 -23.10
N GLN B 375 -20.84 -31.35 -22.69
CA GLN B 375 -20.57 -29.92 -22.79
C GLN B 375 -19.52 -29.52 -21.78
N PRO B 376 -18.82 -28.38 -22.01
CA PRO B 376 -17.76 -27.96 -21.08
C PRO B 376 -18.27 -27.72 -19.66
N ASN B 377 -17.47 -28.06 -18.65
CA ASN B 377 -17.76 -27.65 -17.29
C ASN B 377 -17.12 -26.29 -17.02
N MET B 378 -17.37 -25.71 -15.85
CA MET B 378 -16.88 -24.38 -15.57
C MET B 378 -15.38 -24.21 -15.61
N ASP B 379 -14.67 -25.22 -15.17
CA ASP B 379 -13.22 -25.15 -15.16
C ASP B 379 -12.61 -25.32 -16.55
N GLU B 380 -13.24 -26.14 -17.39
CA GLU B 380 -12.79 -26.29 -18.78
C GLU B 380 -12.94 -24.97 -19.53
N ILE B 381 -14.04 -24.27 -19.26
CA ILE B 381 -14.28 -22.95 -19.85
C ILE B 381 -13.22 -21.96 -19.38
N ALA B 382 -12.94 -21.96 -18.08
CA ALA B 382 -11.94 -21.06 -17.52
C ALA B 382 -10.54 -21.38 -18.02
N ALA B 383 -10.20 -22.65 -18.06
CA ALA B 383 -8.89 -23.10 -18.53
C ALA B 383 -8.68 -22.71 -20.00
N ALA B 384 -9.76 -22.69 -20.77
CA ALA B 384 -9.70 -22.28 -22.16
C ALA B 384 -9.36 -20.80 -22.27
N ARG B 385 -9.93 -19.99 -21.37
CA ARG B 385 -9.64 -18.56 -21.34
C ARG B 385 -8.17 -18.31 -21.02
N ILE B 386 -7.65 -19.05 -20.05
CA ILE B 386 -6.27 -18.92 -19.62
C ILE B 386 -5.30 -19.31 -20.75
N VAL B 387 -5.58 -20.40 -21.44
CA VAL B 387 -4.76 -20.83 -22.57
C VAL B 387 -4.73 -19.76 -23.67
N GLN B 388 -5.89 -19.17 -23.95
CA GLN B 388 -5.99 -18.14 -24.97
C GLN B 388 -5.17 -16.90 -24.63
N GLN B 389 -5.15 -16.52 -23.36
CA GLN B 389 -4.39 -15.37 -22.91
C GLN B 389 -2.88 -15.60 -23.01
N ILE B 390 -2.45 -16.81 -22.64
CA ILE B 390 -1.03 -17.15 -22.71
C ILE B 390 -0.54 -17.19 -24.15
N MET B 391 -1.38 -17.70 -25.02
CA MET B 391 -1.06 -17.81 -26.41
C MET B 391 -0.96 -16.46 -27.07
N ALA B 392 -1.69 -15.51 -26.54
CA ALA B 392 -1.71 -14.14 -27.03
C ALA B 392 -0.56 -13.33 -26.44
N ASN B 393 -0.21 -13.63 -25.19
CA ASN B 393 0.91 -12.98 -24.53
C ASN B 393 1.99 -13.96 -24.10
N PRO B 394 2.79 -14.46 -25.06
CA PRO B 394 3.88 -15.39 -24.73
C PRO B 394 4.99 -14.67 -23.96
N ASP B 395 4.84 -13.35 -23.84
CA ASP B 395 5.73 -12.52 -23.04
C ASP B 395 5.57 -12.88 -21.56
N CYS B 396 4.47 -13.54 -21.23
CA CYS B 396 4.18 -13.93 -19.87
C CYS B 396 4.91 -15.20 -19.47
N ILE B 397 5.63 -15.79 -20.43
CA ILE B 397 6.29 -17.06 -20.19
C ILE B 397 7.72 -16.88 -19.68
N HIS B 398 7.95 -17.36 -18.46
CA HIS B 398 9.29 -17.38 -17.89
C HIS B 398 9.80 -18.82 -17.82
N ASP B 399 10.87 -19.04 -17.06
CA ASP B 399 11.50 -20.36 -17.00
C ASP B 399 10.96 -21.20 -15.85
N ASP B 400 10.59 -20.52 -14.77
CA ASP B 400 10.13 -21.18 -13.55
C ASP B 400 8.61 -21.13 -13.45
N HIS B 401 8.00 -20.23 -14.23
CA HIS B 401 6.59 -19.91 -14.02
C HIS B 401 5.99 -19.15 -15.21
N VAL B 402 4.68 -18.96 -15.15
CA VAL B 402 3.98 -18.05 -16.04
C VAL B 402 3.46 -16.90 -15.20
N PHE B 403 3.78 -15.66 -15.61
CA PHE B 403 3.24 -14.50 -14.93
C PHE B 403 2.24 -13.77 -15.80
N LEU B 404 0.97 -13.88 -15.46
CA LEU B 404 -0.10 -13.34 -16.28
C LEU B 404 -1.12 -12.57 -15.43
N ASN B 405 -1.25 -11.28 -15.72
CA ASN B 405 -2.20 -10.41 -15.01
C ASN B 405 -2.11 -10.48 -13.49
N GLY B 406 -0.93 -10.18 -12.96
CA GLY B 406 -0.71 -10.15 -11.53
C GLY B 406 -0.91 -11.48 -10.84
N GLN B 407 -0.70 -12.57 -11.58
CA GLN B 407 -0.87 -13.91 -11.02
C GLN B 407 0.23 -14.85 -11.51
N LYS B 408 0.68 -15.74 -10.64
CA LYS B 408 1.75 -16.67 -11.00
C LYS B 408 1.22 -18.10 -11.13
N LEU B 409 1.42 -18.68 -12.31
CA LEU B 409 1.02 -20.06 -12.56
C LEU B 409 2.26 -20.93 -12.71
N GLU B 410 2.35 -21.96 -11.86
CA GLU B 410 3.53 -22.81 -11.84
C GLU B 410 3.22 -24.20 -12.41
N GLU B 411 4.17 -25.13 -12.25
CA GLU B 411 4.06 -26.46 -12.85
C GLU B 411 2.82 -27.22 -12.37
N LYS B 412 2.49 -27.09 -11.10
CA LYS B 412 1.35 -27.77 -10.50
C LYS B 412 0.04 -27.46 -11.21
N PHE B 413 -0.18 -26.17 -11.49
CA PHE B 413 -1.41 -25.70 -12.12
C PHE B 413 -1.64 -26.38 -13.46
N PHE B 414 -0.63 -26.38 -14.31
CA PHE B 414 -0.75 -26.93 -15.65
C PHE B 414 -0.89 -28.45 -15.66
N ARG B 415 -0.31 -29.10 -14.65
CA ARG B 415 -0.47 -30.55 -14.50
C ARG B 415 -1.90 -30.89 -14.08
N ASP B 416 -2.48 -30.03 -13.26
CA ASP B 416 -3.87 -30.23 -12.82
C ASP B 416 -4.84 -30.08 -13.99
N LEU B 417 -4.53 -29.16 -14.91
CA LEU B 417 -5.32 -28.99 -16.13
C LEU B 417 -5.24 -30.23 -17.01
N LEU B 418 -4.03 -30.76 -17.16
CA LEU B 418 -3.78 -31.95 -17.97
C LEU B 418 -4.52 -33.18 -17.44
N ALA B 419 -4.79 -33.19 -16.13
CA ALA B 419 -5.32 -34.38 -15.48
C ALA B 419 -6.81 -34.31 -15.16
N LYS B 420 -7.36 -33.09 -15.12
CA LYS B 420 -8.75 -32.90 -14.72
C LYS B 420 -9.63 -32.40 -15.86
N CYS B 421 -9.05 -31.67 -16.80
CA CYS B 421 -9.80 -31.16 -17.95
C CYS B 421 -9.80 -32.15 -19.10
N ASP B 422 -10.93 -32.26 -19.79
CA ASP B 422 -10.97 -32.95 -21.07
C ASP B 422 -10.42 -31.97 -22.09
N MET B 423 -9.18 -32.16 -22.51
CA MET B 423 -8.53 -31.22 -23.38
C MET B 423 -9.05 -31.21 -24.79
N ALA B 424 -9.86 -32.16 -25.17
CA ALA B 424 -10.56 -32.11 -26.44
C ALA B 424 -11.72 -31.13 -26.36
N ILE B 425 -12.33 -31.03 -25.17
CA ILE B 425 -13.40 -30.07 -24.92
C ILE B 425 -12.84 -28.65 -24.84
N VAL B 426 -11.71 -28.50 -24.15
CA VAL B 426 -11.02 -27.22 -24.06
C VAL B 426 -10.62 -26.72 -25.44
N GLY B 427 -10.16 -27.64 -26.28
CA GLY B 427 -9.79 -27.32 -27.65
C GLY B 427 -10.96 -26.88 -28.50
N SER B 428 -12.17 -27.28 -28.10
CA SER B 428 -13.39 -26.90 -28.83
C SER B 428 -13.79 -25.47 -28.48
N LEU B 429 -13.15 -24.92 -27.45
CA LEU B 429 -13.43 -23.55 -27.02
C LEU B 429 -12.38 -22.58 -27.55
N LEU B 430 -11.38 -23.11 -28.24
CA LEU B 430 -10.32 -22.29 -28.81
C LEU B 430 -10.69 -21.88 -30.24
N ASN B 431 -10.03 -20.83 -30.74
CA ASN B 431 -10.35 -20.32 -32.08
C ASN B 431 -9.13 -20.20 -32.98
N ASP B 432 -9.35 -19.75 -34.21
CA ASP B 432 -8.27 -19.64 -35.20
C ASP B 432 -7.23 -18.58 -34.85
N THR B 433 -7.58 -17.64 -33.99
CA THR B 433 -6.63 -16.66 -33.49
C THR B 433 -5.59 -17.35 -32.60
N ASP B 434 -6.08 -18.27 -31.76
CA ASP B 434 -5.21 -19.05 -30.88
C ASP B 434 -4.27 -19.94 -31.70
N ILE B 435 -4.78 -20.51 -32.79
CA ILE B 435 -3.99 -21.37 -33.66
C ILE B 435 -2.88 -20.58 -34.36
N ARG B 436 -3.19 -19.37 -34.81
CA ARG B 436 -2.21 -18.52 -35.48
C ARG B 436 -1.13 -18.08 -34.50
N ASN B 437 -1.52 -17.88 -33.24
CA ASN B 437 -0.60 -17.46 -32.19
C ASN B 437 0.37 -18.55 -31.74
N ILE B 438 0.27 -19.73 -32.35
CA ILE B 438 1.21 -20.81 -32.10
C ILE B 438 2.60 -20.41 -32.57
N ASP B 439 2.67 -19.83 -33.77
CA ASP B 439 3.94 -19.40 -34.36
C ASP B 439 4.67 -18.38 -33.51
N THR B 440 3.93 -17.54 -32.83
CA THR B 440 4.53 -16.52 -32.05
C THR B 440 4.96 -17.03 -30.70
N LEU B 441 4.30 -18.04 -30.21
CA LEU B 441 4.75 -18.77 -29.03
C LEU B 441 6.05 -19.47 -29.34
N MET B 442 6.08 -20.10 -30.50
CA MET B 442 7.26 -20.77 -31.01
C MET B 442 8.44 -19.85 -31.27
N GLN B 443 8.21 -18.65 -31.78
CA GLN B 443 9.25 -17.63 -31.95
C GLN B 443 9.77 -17.16 -30.61
N HIS B 444 8.88 -17.10 -29.62
CA HIS B 444 9.27 -16.71 -28.27
C HIS B 444 10.06 -17.84 -27.60
N GLU B 445 9.77 -19.07 -28.01
CA GLU B 445 10.46 -20.24 -27.47
C GLU B 445 11.40 -20.83 -28.50
N ARG B 446 12.06 -19.96 -29.27
CA ARG B 446 12.93 -20.36 -30.36
C ARG B 446 14.09 -21.23 -29.88
N ASN B 447 14.59 -20.93 -28.69
CA ASN B 447 15.75 -21.62 -28.16
C ASN B 447 15.43 -22.49 -26.94
N THR B 448 14.14 -22.63 -26.64
CA THR B 448 13.72 -23.52 -25.56
C THR B 448 13.99 -24.97 -25.95
N GLU B 449 14.73 -25.68 -25.10
CA GLU B 449 15.17 -27.03 -25.44
C GLU B 449 14.18 -28.08 -24.97
N PHE B 450 13.82 -28.98 -25.89
CA PHE B 450 12.95 -30.10 -25.55
C PHE B 450 13.78 -31.37 -25.47
N HIS B 451 13.56 -32.15 -24.41
CA HIS B 451 14.32 -33.37 -24.20
C HIS B 451 13.46 -34.60 -24.43
N SER B 452 13.88 -35.45 -25.37
CA SER B 452 13.24 -36.75 -25.57
C SER B 452 13.36 -37.56 -24.29
N THR B 453 12.42 -38.48 -24.07
CA THR B 453 12.47 -39.35 -22.90
C THR B 453 13.64 -40.32 -23.00
N ASP B 454 14.06 -40.59 -24.23
CA ASP B 454 15.30 -41.31 -24.49
C ASP B 454 16.46 -40.39 -24.13
N ALA B 455 17.19 -40.73 -23.07
CA ALA B 455 18.23 -39.85 -22.53
C ALA B 455 19.45 -39.69 -23.45
N LYS B 456 19.68 -40.68 -24.30
CA LYS B 456 20.80 -40.63 -25.25
C LYS B 456 20.65 -39.46 -26.20
N ALA B 457 19.39 -39.15 -26.54
CA ALA B 457 19.06 -38.10 -27.49
C ALA B 457 19.54 -36.72 -27.05
N LYS B 458 19.99 -35.92 -28.02
CA LYS B 458 20.41 -34.56 -27.75
C LYS B 458 19.18 -33.65 -27.70
N PRO B 459 19.22 -32.62 -26.85
CA PRO B 459 18.11 -31.66 -26.76
C PRO B 459 17.84 -31.00 -28.11
N VAL B 460 16.58 -30.72 -28.39
CA VAL B 460 16.20 -30.04 -29.63
C VAL B 460 15.60 -28.69 -29.29
N LYS B 461 15.99 -27.66 -30.03
CA LYS B 461 15.42 -26.32 -29.84
C LYS B 461 13.99 -26.28 -30.39
N LEU B 462 13.02 -26.04 -29.51
CA LEU B 462 11.60 -26.11 -29.86
C LEU B 462 11.21 -25.19 -31.02
N GLY B 463 11.20 -23.89 -30.77
CA GLY B 463 10.74 -22.92 -31.75
C GLY B 463 11.57 -22.83 -33.02
N GLU B 464 12.88 -22.99 -32.88
CA GLU B 464 13.76 -22.94 -34.05
C GLU B 464 13.48 -24.08 -35.00
N THR B 465 13.33 -25.29 -34.45
CA THR B 465 13.01 -26.47 -35.25
C THR B 465 11.64 -26.32 -35.88
N TRP B 466 10.74 -25.66 -35.15
CA TRP B 466 9.40 -25.37 -35.65
C TRP B 466 9.46 -24.52 -36.91
N GLU B 467 10.23 -23.44 -36.86
CA GLU B 467 10.32 -22.48 -37.96
C GLU B 467 11.14 -22.97 -39.15
N LYS B 468 12.17 -23.77 -38.87
CA LYS B 468 13.13 -24.17 -39.90
C LYS B 468 12.79 -25.44 -40.67
N THR B 469 12.08 -26.38 -40.04
CA THR B 469 11.84 -27.67 -40.69
C THR B 469 10.38 -28.12 -40.76
N ILE B 470 9.49 -27.46 -40.01
CA ILE B 470 8.09 -27.87 -39.98
C ILE B 470 7.14 -26.88 -40.65
N ARG B 471 7.12 -25.65 -40.14
CA ARG B 471 6.25 -24.62 -40.72
C ARG B 471 6.56 -24.34 -42.19
N SER B 472 5.54 -23.94 -42.93
CA SER B 472 5.67 -23.74 -44.36
C SER B 472 4.78 -22.59 -44.83
N GLY B 473 4.56 -21.61 -43.95
CA GLY B 473 3.71 -20.48 -44.28
C GLY B 473 2.24 -20.88 -44.36
N GLY B 474 1.44 -20.05 -45.00
CA GLY B 474 0.04 -20.36 -45.22
C GLY B 474 -0.90 -19.84 -44.15
N GLY B 475 -2.19 -20.17 -44.30
CA GLY B 475 -3.20 -19.79 -43.33
C GLY B 475 -3.25 -20.70 -42.12
N VAL B 476 -4.32 -20.56 -41.33
CA VAL B 476 -4.46 -21.31 -40.08
C VAL B 476 -4.56 -22.83 -40.27
N THR B 477 -5.21 -23.26 -41.34
CA THR B 477 -5.38 -24.69 -41.61
C THR B 477 -4.04 -25.39 -41.86
N GLN B 478 -3.09 -24.65 -42.42
CA GLN B 478 -1.74 -25.18 -42.62
C GLN B 478 -1.01 -25.32 -41.28
N ILE B 479 -1.22 -24.35 -40.39
CA ILE B 479 -0.63 -24.39 -39.06
C ILE B 479 -1.12 -25.62 -38.29
N LYS B 480 -2.41 -25.91 -38.42
CA LYS B 480 -3.02 -27.07 -37.78
C LYS B 480 -2.36 -28.36 -38.27
N HIS B 481 -2.15 -28.44 -39.58
CA HIS B 481 -1.50 -29.61 -40.17
C HIS B 481 -0.06 -29.78 -39.69
N ASP B 482 0.62 -28.65 -39.49
CA ASP B 482 2.02 -28.70 -39.05
C ASP B 482 2.16 -29.05 -37.57
N LEU B 483 1.15 -28.71 -36.78
CA LEU B 483 1.14 -29.09 -35.37
C LEU B 483 0.86 -30.57 -35.23
N ILE B 484 -0.04 -31.08 -36.07
CA ILE B 484 -0.33 -32.51 -36.15
C ILE B 484 0.88 -33.27 -36.70
N PHE B 485 1.59 -32.64 -37.62
CA PHE B 485 2.80 -33.22 -38.20
C PHE B 485 3.90 -33.34 -37.14
N LEU B 486 4.06 -32.29 -36.33
CA LEU B 486 5.06 -32.28 -35.27
C LEU B 486 4.79 -33.42 -34.29
N MET B 487 3.57 -33.56 -33.83
CA MET B 487 3.32 -34.61 -32.89
C MET B 487 3.36 -35.98 -33.50
N GLN B 488 3.14 -36.08 -34.80
CA GLN B 488 3.19 -37.37 -35.46
C GLN B 488 4.61 -37.87 -35.76
N ASN B 489 5.52 -36.96 -36.07
CA ASN B 489 6.81 -37.37 -36.63
C ASN B 489 8.06 -37.01 -35.82
N ASP B 490 7.91 -36.18 -34.79
CA ASP B 490 9.08 -35.77 -34.02
C ASP B 490 9.11 -36.33 -32.59
N ALA B 491 9.85 -37.43 -32.43
CA ALA B 491 9.90 -38.17 -31.17
C ALA B 491 10.46 -37.39 -29.99
N TRP B 492 11.34 -36.42 -30.28
CA TRP B 492 11.87 -35.55 -29.25
C TRP B 492 10.74 -34.73 -28.63
N TYR B 493 9.69 -34.52 -29.42
CA TYR B 493 8.54 -33.75 -28.98
C TYR B 493 7.46 -34.63 -28.34
N HIS B 494 6.95 -35.60 -29.09
CA HIS B 494 5.77 -36.34 -28.64
C HIS B 494 6.01 -37.27 -27.44
N THR B 495 7.23 -37.79 -27.30
CA THR B 495 7.55 -38.67 -26.18
C THR B 495 7.48 -37.94 -24.85
N ARG B 496 7.97 -36.70 -24.84
CA ARG B 496 7.92 -35.87 -23.65
C ARG B 496 6.48 -35.47 -23.34
N VAL B 497 5.79 -35.00 -24.37
CA VAL B 497 4.40 -34.55 -24.24
C VAL B 497 3.48 -35.64 -23.71
N ASN B 498 3.57 -36.83 -24.31
CA ASN B 498 2.74 -37.96 -23.88
C ASN B 498 2.99 -38.36 -22.43
N ALA B 499 4.25 -38.31 -22.02
CA ALA B 499 4.62 -38.69 -20.65
C ALA B 499 4.14 -37.68 -19.61
N ILE B 500 4.19 -36.39 -19.96
CA ILE B 500 3.74 -35.34 -19.07
C ILE B 500 2.21 -35.28 -19.00
N ALA B 501 1.56 -35.54 -20.13
CA ALA B 501 0.09 -35.57 -20.17
C ALA B 501 -0.46 -36.72 -19.34
N GLN B 502 0.23 -37.86 -19.39
CA GLN B 502 -0.20 -39.05 -18.65
C GLN B 502 0.38 -39.13 -17.24
N ASN B 503 1.09 -38.07 -16.84
CA ASN B 503 1.67 -37.99 -15.50
C ASN B 503 2.56 -39.19 -15.16
N ARG B 504 3.48 -39.51 -16.08
CA ARG B 504 4.41 -40.61 -15.91
C ARG B 504 5.78 -40.21 -16.43
N ASP B 505 6.10 -38.93 -16.25
CA ASP B 505 7.35 -38.37 -16.76
C ASP B 505 8.41 -38.23 -15.68
N LYS B 506 9.68 -38.26 -16.08
CA LYS B 506 10.77 -38.06 -15.15
C LYS B 506 11.68 -36.92 -15.60
N ASP B 507 11.97 -36.01 -14.67
CA ASP B 507 12.88 -34.89 -14.91
C ASP B 507 12.46 -34.02 -16.09
N SER B 508 11.24 -33.51 -16.04
CA SER B 508 10.75 -32.60 -17.07
C SER B 508 10.89 -31.15 -16.62
N THR B 509 11.27 -30.28 -17.56
CA THR B 509 11.37 -28.85 -17.28
C THR B 509 9.97 -28.25 -17.27
N PHE B 510 9.79 -27.15 -16.53
CA PHE B 510 8.50 -26.49 -16.44
C PHE B 510 7.96 -26.12 -17.82
N LYS B 511 8.85 -25.68 -18.70
CA LYS B 511 8.46 -25.29 -20.04
C LYS B 511 7.97 -26.48 -20.85
N GLU B 512 8.56 -27.65 -20.62
CA GLU B 512 8.10 -28.87 -21.26
C GLU B 512 6.67 -29.19 -20.81
N VAL B 513 6.38 -28.93 -19.54
CA VAL B 513 5.06 -29.17 -18.98
C VAL B 513 4.04 -28.17 -19.52
N LEU B 514 4.41 -26.89 -19.51
CA LEU B 514 3.55 -25.83 -20.01
C LEU B 514 3.20 -26.03 -21.47
N ILE B 515 4.20 -26.28 -22.30
CA ILE B 515 4.00 -26.55 -23.72
C ILE B 515 2.99 -27.68 -23.92
N THR B 516 3.15 -28.75 -23.16
CA THR B 516 2.21 -29.88 -23.20
C THR B 516 0.79 -29.42 -22.89
N ALA B 517 0.64 -28.63 -21.83
CA ALA B 517 -0.67 -28.14 -21.41
C ALA B 517 -1.28 -27.20 -22.44
N LEU B 518 -0.43 -26.49 -23.19
CA LEU B 518 -0.90 -25.57 -24.22
C LEU B 518 -1.19 -26.29 -25.53
N MET B 519 -0.31 -27.22 -25.89
CA MET B 519 -0.39 -27.89 -27.18
C MET B 519 -1.51 -28.94 -27.26
N THR B 520 -1.73 -29.66 -26.16
CA THR B 520 -2.70 -30.76 -26.16
C THR B 520 -4.13 -30.35 -26.55
N PRO B 521 -4.66 -29.24 -25.98
CA PRO B 521 -5.98 -28.83 -26.48
C PRO B 521 -5.92 -28.26 -27.89
N LEU B 522 -4.85 -27.53 -28.21
CA LEU B 522 -4.69 -26.96 -29.55
C LEU B 522 -4.48 -28.05 -30.60
N THR B 523 -3.85 -29.15 -30.20
CA THR B 523 -3.64 -30.28 -31.11
C THR B 523 -4.98 -30.97 -31.37
N ASN B 524 -5.81 -31.03 -30.33
CA ASN B 524 -7.14 -31.60 -30.45
C ASN B 524 -8.03 -30.77 -31.37
N LYS B 525 -7.93 -29.45 -31.26
CA LYS B 525 -8.66 -28.56 -32.15
C LYS B 525 -8.19 -28.75 -33.59
N SER B 526 -6.88 -28.78 -33.79
CA SER B 526 -6.30 -28.97 -35.11
C SER B 526 -6.75 -30.28 -35.73
N LEU B 527 -6.98 -31.28 -34.89
CA LEU B 527 -7.44 -32.58 -35.37
C LEU B 527 -8.93 -32.55 -35.71
N MET B 528 -9.73 -31.94 -34.88
CA MET B 528 -11.14 -31.88 -35.12
C MET B 528 -11.48 -31.03 -36.31
N ASP B 529 -10.66 -30.04 -36.60
CA ASP B 529 -10.89 -29.14 -37.74
C ASP B 529 -10.42 -29.72 -39.08
N THR B 530 -9.42 -30.59 -39.04
CA THR B 530 -8.81 -31.10 -40.28
C THR B 530 -9.28 -32.51 -40.67
N SER B 531 -9.72 -33.30 -39.69
CA SER B 531 -10.14 -34.68 -39.95
C SER B 531 -11.41 -34.73 -40.78
N ARG B 532 -11.41 -35.60 -41.80
CA ARG B 532 -12.50 -35.64 -42.77
C ARG B 532 -13.21 -36.99 -42.78
N SER B 533 -12.44 -38.07 -42.82
CA SER B 533 -12.98 -39.42 -42.96
C SER B 533 -13.89 -39.79 -41.80
N PRO B 534 -14.86 -40.69 -42.04
CA PRO B 534 -15.64 -41.27 -40.95
C PRO B 534 -14.73 -42.12 -40.07
N ALA B 535 -15.07 -42.24 -38.80
CA ALA B 535 -14.23 -42.96 -37.84
C ALA B 535 -14.16 -44.45 -38.14
N PRO B 536 -12.93 -44.99 -38.21
CA PRO B 536 -12.76 -46.44 -38.33
C PRO B 536 -13.18 -47.10 -37.01
N LYS B 537 -13.57 -48.37 -37.06
CA LYS B 537 -14.10 -49.04 -35.87
C LYS B 537 -13.13 -50.06 -35.28
N THR B 538 -11.98 -50.20 -35.90
CA THR B 538 -10.92 -51.05 -35.36
C THR B 538 -9.59 -50.32 -35.48
N LEU B 539 -9.03 -49.94 -34.34
CA LEU B 539 -7.74 -49.27 -34.32
C LEU B 539 -6.72 -50.10 -33.56
N PHE B 540 -5.45 -49.91 -33.87
CA PHE B 540 -4.39 -50.63 -33.18
C PHE B 540 -3.38 -49.66 -32.59
N ARG B 541 -2.95 -49.94 -31.37
CA ARG B 541 -2.03 -49.08 -30.65
C ARG B 541 -0.85 -49.91 -30.16
N GLY B 542 0.35 -49.35 -30.29
CA GLY B 542 1.55 -50.07 -29.87
C GLY B 542 2.18 -49.44 -28.64
N LEU B 543 2.54 -50.28 -27.68
CA LEU B 543 3.23 -49.83 -26.48
C LEU B 543 4.43 -50.71 -26.21
N ASP B 544 5.45 -50.14 -25.59
CA ASP B 544 6.56 -50.94 -25.09
C ASP B 544 6.56 -50.87 -23.57
N LEU B 545 6.10 -51.94 -22.94
CA LEU B 545 5.93 -51.98 -21.49
C LEU B 545 7.00 -52.87 -20.84
N SER B 546 7.28 -52.61 -19.57
CA SER B 546 8.14 -53.48 -18.79
C SER B 546 7.45 -54.82 -18.59
N GLU B 547 8.25 -55.87 -18.36
CA GLU B 547 7.70 -57.20 -18.11
C GLU B 547 6.77 -57.18 -16.91
N GLU B 548 7.13 -56.39 -15.90
CA GLU B 548 6.34 -56.26 -14.69
C GLU B 548 4.98 -55.60 -14.95
N PHE B 549 5.00 -54.50 -15.69
CA PHE B 549 3.78 -53.75 -15.97
C PHE B 549 2.84 -54.50 -16.91
N LYS B 550 3.40 -55.17 -17.91
CA LYS B 550 2.57 -55.94 -18.84
C LYS B 550 1.92 -57.11 -18.12
N ASN B 551 2.67 -57.78 -17.25
CA ASN B 551 2.14 -58.89 -16.47
C ASN B 551 0.98 -58.46 -15.58
N LYS B 552 1.05 -57.24 -15.05
CA LYS B 552 -0.06 -56.69 -14.28
C LYS B 552 -1.29 -56.56 -15.18
N LEU B 553 -1.10 -55.99 -16.36
CA LEU B 553 -2.18 -55.78 -17.30
C LEU B 553 -2.78 -57.10 -17.78
N ILE B 554 -1.92 -58.08 -18.05
CA ILE B 554 -2.39 -59.41 -18.42
C ILE B 554 -3.29 -59.97 -17.32
N ASN B 555 -2.83 -59.90 -16.08
CA ASN B 555 -3.60 -60.38 -14.94
C ASN B 555 -4.92 -59.64 -14.71
N GLN B 556 -4.90 -58.32 -14.87
CA GLN B 556 -6.11 -57.52 -14.70
C GLN B 556 -7.11 -57.82 -15.81
N ALA B 557 -6.62 -58.04 -17.03
CA ALA B 557 -7.48 -58.35 -18.15
C ALA B 557 -8.14 -59.72 -18.00
N GLU B 558 -7.34 -60.73 -17.65
CA GLU B 558 -7.85 -62.09 -17.49
C GLU B 558 -8.90 -62.19 -16.39
N THR B 559 -8.73 -61.39 -15.34
CA THR B 559 -9.69 -61.36 -14.23
C THR B 559 -11.04 -60.78 -14.68
N ILE B 560 -10.97 -59.71 -15.47
CA ILE B 560 -12.16 -59.06 -16.02
C ILE B 560 -12.89 -60.01 -16.97
N ILE B 561 -12.15 -60.64 -17.88
CA ILE B 561 -12.72 -61.58 -18.83
C ILE B 561 -13.38 -62.77 -18.13
N ALA B 562 -12.78 -63.22 -17.04
CA ALA B 562 -13.30 -64.37 -16.29
C ALA B 562 -14.60 -64.03 -15.57
N ASN B 563 -14.81 -62.75 -15.29
CA ASN B 563 -16.03 -62.33 -14.60
C ASN B 563 -17.02 -61.64 -15.50
N THR B 564 -16.86 -61.85 -16.81
CA THR B 564 -17.79 -61.34 -17.80
C THR B 564 -18.32 -62.52 -18.61
N THR B 565 -19.50 -63.01 -18.25
CA THR B 565 -20.05 -64.20 -18.87
C THR B 565 -21.51 -63.98 -19.27
N GLU B 566 -21.94 -64.64 -20.34
CA GLU B 566 -23.35 -64.67 -20.69
C GLU B 566 -24.09 -65.52 -19.68
N HIS B 567 -25.39 -65.28 -19.53
CA HIS B 567 -26.18 -66.06 -18.60
C HIS B 567 -27.54 -66.42 -19.20
N LEU B 568 -28.18 -67.43 -18.61
CA LEU B 568 -29.55 -67.77 -18.97
C LEU B 568 -30.49 -67.25 -17.91
N PHE B 569 -30.19 -67.60 -16.66
CA PHE B 569 -31.08 -67.34 -15.55
C PHE B 569 -30.43 -66.46 -14.48
N THR B 570 -29.12 -66.60 -14.31
CA THR B 570 -28.42 -65.93 -13.21
C THR B 570 -27.51 -64.80 -13.67
N ASP B 571 -28.00 -63.57 -13.54
CA ASP B 571 -27.26 -62.38 -13.96
C ASP B 571 -26.15 -62.05 -12.97
N LEU B 572 -24.90 -62.13 -13.44
CA LEU B 572 -23.75 -61.81 -12.60
C LEU B 572 -23.14 -60.47 -13.03
N SER B 573 -23.99 -59.51 -13.41
CA SER B 573 -23.53 -58.21 -13.87
C SER B 573 -22.87 -57.41 -12.76
N THR B 574 -23.31 -57.64 -11.53
CA THR B 574 -22.76 -56.95 -10.36
C THR B 574 -21.31 -57.30 -10.12
N GLU B 575 -20.93 -58.52 -10.43
CA GLU B 575 -19.56 -58.98 -10.24
C GLU B 575 -18.68 -58.51 -11.40
N ALA B 576 -19.28 -58.38 -12.58
CA ALA B 576 -18.58 -57.83 -13.72
C ALA B 576 -18.27 -56.35 -13.47
N PHE B 577 -19.24 -55.64 -12.91
CA PHE B 577 -19.08 -54.24 -12.53
C PHE B 577 -17.92 -54.09 -11.55
N LYS B 578 -17.93 -54.91 -10.52
CA LYS B 578 -16.95 -54.84 -9.44
C LYS B 578 -15.54 -55.12 -9.96
N GLN B 579 -15.39 -56.18 -10.76
CA GLN B 579 -14.07 -56.58 -11.25
C GLN B 579 -13.50 -55.62 -12.28
N ILE B 580 -14.37 -55.02 -13.09
CA ILE B 580 -13.93 -54.07 -14.11
C ILE B 580 -13.40 -52.78 -13.47
N LYS B 581 -14.08 -52.28 -12.45
CA LYS B 581 -13.63 -51.07 -11.76
C LYS B 581 -12.38 -51.31 -10.91
N LEU B 582 -12.15 -52.56 -10.53
CA LEU B 582 -10.94 -52.92 -9.79
C LEU B 582 -9.75 -53.07 -10.74
N ASN B 583 -10.00 -53.63 -11.92
CA ASN B 583 -8.92 -53.98 -12.84
C ASN B 583 -8.84 -53.13 -14.11
N ASP B 584 -9.62 -52.04 -14.17
CA ASP B 584 -9.60 -51.16 -15.33
C ASP B 584 -8.24 -50.50 -15.53
N PHE B 585 -7.70 -50.63 -16.73
CA PHE B 585 -6.45 -49.96 -17.07
C PHE B 585 -6.64 -49.04 -18.28
N SER B 586 -7.80 -48.40 -18.34
CA SER B 586 -8.12 -47.47 -19.42
C SER B 586 -7.21 -46.24 -19.42
N GLN B 587 -6.68 -45.90 -18.25
CA GLN B 587 -5.85 -44.71 -18.10
C GLN B 587 -4.55 -44.81 -18.91
N VAL B 588 -4.18 -46.03 -19.29
CA VAL B 588 -2.98 -46.27 -20.09
C VAL B 588 -3.14 -45.67 -21.49
N SER B 589 -4.38 -45.50 -21.93
CA SER B 589 -4.66 -44.90 -23.25
C SER B 589 -5.34 -43.55 -23.14
N ALA B 590 -5.22 -42.90 -21.98
CA ALA B 590 -5.97 -41.67 -21.72
C ALA B 590 -5.09 -40.43 -21.56
N ARG B 591 -5.74 -39.28 -21.39
CA ARG B 591 -5.08 -38.01 -21.06
C ARG B 591 -4.18 -37.40 -22.14
N THR B 592 -4.02 -38.07 -23.28
CA THR B 592 -3.17 -37.54 -24.34
C THR B 592 -3.62 -37.95 -25.74
N CYS B 593 -3.12 -37.25 -26.75
CA CYS B 593 -3.45 -37.56 -28.13
C CYS B 593 -2.74 -38.84 -28.56
N ALA B 594 -3.34 -39.98 -28.25
CA ALA B 594 -2.73 -41.28 -28.48
C ALA B 594 -2.75 -41.69 -29.95
N SER B 595 -1.60 -42.08 -30.48
CA SER B 595 -1.48 -42.48 -31.87
C SER B 595 -1.95 -43.92 -32.07
N THR B 596 -2.79 -44.12 -33.09
CA THR B 596 -3.29 -45.44 -33.43
C THR B 596 -3.26 -45.65 -34.94
N SER B 597 -3.40 -46.91 -35.37
CA SER B 597 -3.43 -47.23 -36.79
C SER B 597 -4.53 -48.23 -37.08
N THR B 598 -5.07 -48.16 -38.29
CA THR B 598 -6.03 -49.17 -38.76
C THR B 598 -5.28 -50.41 -39.18
N ASN B 599 -3.96 -50.27 -39.33
CA ASN B 599 -3.09 -51.36 -39.73
C ASN B 599 -2.26 -51.89 -38.56
N ILE B 600 -2.51 -53.15 -38.18
CA ILE B 600 -1.85 -53.75 -37.03
C ILE B 600 -0.34 -53.89 -37.22
N GLU B 601 0.09 -53.87 -38.48
CA GLU B 601 1.51 -54.06 -38.79
C GLU B 601 2.35 -52.81 -38.54
N VAL B 602 1.70 -51.66 -38.38
CA VAL B 602 2.41 -50.44 -38.02
C VAL B 602 3.01 -50.52 -36.62
N PRO B 603 2.19 -50.87 -35.59
CA PRO B 603 2.84 -51.01 -34.29
C PRO B 603 3.56 -52.36 -34.14
N ARG B 604 3.15 -53.36 -34.90
CA ARG B 604 3.69 -54.71 -34.73
C ARG B 604 5.02 -54.97 -35.43
N THR B 605 5.17 -54.44 -36.65
CA THR B 605 6.33 -54.73 -37.45
C THR B 605 7.30 -53.58 -37.54
N ILE B 606 6.78 -52.39 -37.73
CA ILE B 606 7.61 -51.19 -37.87
C ILE B 606 8.20 -50.72 -36.55
N PHE B 607 7.36 -50.59 -35.53
CA PHE B 607 7.82 -50.08 -34.24
C PHE B 607 8.24 -51.20 -33.30
N GLY B 608 7.91 -52.44 -33.67
CA GLY B 608 8.27 -53.61 -32.88
C GLY B 608 7.85 -53.53 -31.43
N SER B 609 6.56 -53.30 -31.21
CA SER B 609 6.02 -53.18 -29.86
C SER B 609 5.72 -54.56 -29.28
N ASN B 610 5.94 -54.70 -27.98
CA ASN B 610 5.61 -55.95 -27.29
C ASN B 610 4.17 -55.94 -26.79
N THR B 611 3.56 -54.76 -26.76
CA THR B 611 2.19 -54.61 -26.34
C THR B 611 1.34 -54.01 -27.46
N ILE B 612 0.27 -54.71 -27.84
CA ILE B 612 -0.62 -54.23 -28.89
C ILE B 612 -2.06 -54.17 -28.40
N PHE B 613 -2.67 -53.00 -28.46
CA PHE B 613 -4.08 -52.86 -28.12
C PHE B 613 -4.93 -52.91 -29.39
N GLU B 614 -5.75 -53.94 -29.52
CA GLU B 614 -6.74 -53.98 -30.58
C GLU B 614 -8.00 -53.29 -30.06
N ILE B 615 -8.10 -51.98 -30.30
CA ILE B 615 -9.21 -51.19 -29.78
C ILE B 615 -10.42 -51.26 -30.70
N LEU B 616 -11.51 -51.84 -30.19
CA LEU B 616 -12.74 -51.95 -30.96
C LEU B 616 -13.75 -50.88 -30.52
N ASP B 617 -14.20 -50.06 -31.46
CA ASP B 617 -15.18 -49.03 -31.19
C ASP B 617 -16.38 -49.15 -32.14
N PRO B 618 -17.25 -50.15 -31.88
CA PRO B 618 -18.39 -50.41 -32.76
C PRO B 618 -19.54 -49.44 -32.53
N ASP B 619 -19.54 -48.75 -31.39
CA ASP B 619 -20.61 -47.83 -31.05
C ASP B 619 -20.22 -46.37 -31.32
N GLY B 620 -19.04 -46.17 -31.91
CA GLY B 620 -18.59 -44.84 -32.28
C GLY B 620 -18.45 -43.86 -31.13
N LEU B 621 -17.68 -44.25 -30.11
CA LEU B 621 -17.58 -43.47 -28.88
C LEU B 621 -16.22 -42.78 -28.70
N LEU B 622 -15.23 -43.18 -29.50
CA LEU B 622 -13.87 -42.67 -29.30
C LEU B 622 -13.56 -41.36 -30.03
N HIS B 623 -14.26 -41.13 -31.14
CA HIS B 623 -14.03 -39.96 -31.98
C HIS B 623 -12.58 -39.82 -32.46
N PRO B 624 -12.07 -40.83 -33.20
CA PRO B 624 -10.70 -40.74 -33.69
C PRO B 624 -10.58 -39.71 -34.81
N LYS B 625 -9.53 -38.89 -34.75
CA LYS B 625 -9.27 -37.92 -35.78
C LYS B 625 -8.11 -38.38 -36.65
N GLN B 626 -8.25 -38.26 -37.97
CA GLN B 626 -7.20 -38.70 -38.89
C GLN B 626 -5.95 -37.84 -38.77
N VAL B 627 -4.79 -38.47 -38.87
CA VAL B 627 -3.52 -37.77 -38.79
C VAL B 627 -2.80 -37.80 -40.15
N GLY B 628 -2.63 -36.63 -40.75
CA GLY B 628 -1.95 -36.52 -42.03
C GLY B 628 -2.62 -37.29 -43.16
N SER B 636 -1.59 -44.75 -42.02
CA SER B 636 -3.00 -44.89 -41.68
C SER B 636 -3.27 -44.40 -40.26
N GLU B 637 -2.45 -43.46 -39.81
CA GLU B 637 -2.48 -43.02 -38.43
C GLU B 637 -3.76 -42.26 -38.05
N TYR B 638 -4.28 -42.56 -36.86
CA TYR B 638 -5.38 -41.81 -36.28
C TYR B 638 -4.99 -41.39 -34.87
N SER B 639 -5.67 -40.38 -34.33
CA SER B 639 -5.35 -39.92 -32.98
C SER B 639 -6.57 -40.05 -32.06
N ILE B 640 -6.33 -40.58 -30.86
CA ILE B 640 -7.39 -40.80 -29.89
C ILE B 640 -7.18 -39.96 -28.63
N TYR B 641 -8.14 -39.12 -28.30
CA TYR B 641 -8.16 -38.50 -26.98
C TYR B 641 -9.37 -39.03 -26.22
N LEU B 642 -9.12 -39.99 -25.34
CA LEU B 642 -10.16 -40.75 -24.64
C LEU B 642 -11.12 -39.87 -23.84
N PRO B 643 -12.42 -39.96 -24.15
CA PRO B 643 -13.44 -39.28 -23.34
C PRO B 643 -13.41 -39.79 -21.90
N GLU B 644 -13.80 -38.94 -20.94
CA GLU B 644 -13.66 -39.25 -19.53
C GLU B 644 -14.54 -40.40 -19.04
N ASP B 645 -15.57 -40.72 -19.82
CA ASP B 645 -16.55 -41.73 -19.39
C ASP B 645 -16.58 -42.94 -20.32
N VAL B 646 -15.50 -43.12 -21.08
CA VAL B 646 -15.35 -44.30 -21.91
C VAL B 646 -14.24 -45.19 -21.36
N ALA B 647 -14.56 -46.47 -21.17
CA ALA B 647 -13.56 -47.43 -20.71
C ALA B 647 -13.17 -48.35 -21.85
N LEU B 648 -11.89 -48.73 -21.89
CA LEU B 648 -11.45 -49.71 -22.87
C LEU B 648 -11.40 -51.09 -22.21
N VAL B 649 -12.53 -51.78 -22.22
CA VAL B 649 -12.69 -53.06 -21.53
C VAL B 649 -12.13 -54.22 -22.33
N PRO B 650 -11.25 -55.03 -21.70
CA PRO B 650 -10.64 -56.19 -22.35
C PRO B 650 -11.63 -57.34 -22.53
N ILE B 651 -11.53 -58.02 -23.67
CA ILE B 651 -12.37 -59.18 -23.94
C ILE B 651 -11.52 -60.38 -24.35
N LYS B 652 -10.26 -60.11 -24.67
CA LYS B 652 -9.35 -61.17 -25.11
C LYS B 652 -7.88 -60.79 -24.91
N VAL B 653 -7.07 -61.76 -24.46
CA VAL B 653 -5.64 -61.58 -24.31
C VAL B 653 -4.91 -62.73 -24.99
N SER B 654 -4.05 -62.43 -25.95
CA SER B 654 -3.37 -63.46 -26.70
C SER B 654 -1.86 -63.29 -26.69
N PHE B 655 -1.13 -64.41 -26.72
CA PHE B 655 0.31 -64.39 -26.94
C PHE B 655 0.52 -64.39 -28.46
N ASP B 656 1.25 -63.41 -28.96
CA ASP B 656 1.38 -63.21 -30.40
C ASP B 656 2.77 -63.53 -30.92
N GLY B 657 3.53 -64.28 -30.16
CA GLY B 657 4.88 -64.61 -30.55
C GLY B 657 5.89 -63.59 -30.05
N LYS B 658 6.98 -63.40 -30.78
CA LYS B 658 8.07 -62.55 -30.32
C LYS B 658 8.38 -61.38 -31.25
N THR B 659 8.87 -60.29 -30.65
CA THR B 659 9.28 -59.10 -31.40
C THR B 659 10.65 -59.33 -32.03
N GLY B 660 11.23 -58.27 -32.59
CA GLY B 660 12.56 -58.36 -33.17
C GLY B 660 13.62 -58.58 -32.12
N LYS B 661 13.41 -58.02 -30.92
CA LYS B 661 14.39 -58.12 -29.84
C LYS B 661 14.12 -59.33 -28.94
N GLY B 662 13.34 -60.28 -29.44
CA GLY B 662 13.09 -61.52 -28.72
C GLY B 662 12.27 -61.37 -27.45
N LYS B 663 11.55 -60.27 -27.33
CA LYS B 663 10.65 -60.08 -26.20
C LYS B 663 9.28 -60.66 -26.54
N ASP B 664 8.55 -61.10 -25.52
CA ASP B 664 7.21 -61.64 -25.75
C ASP B 664 6.27 -60.53 -26.20
N ARG B 665 5.37 -60.86 -27.13
CA ARG B 665 4.39 -59.89 -27.59
C ARG B 665 2.96 -60.37 -27.33
N HIS B 666 2.15 -59.49 -26.73
CA HIS B 666 0.76 -59.82 -26.45
C HIS B 666 -0.18 -58.80 -27.09
N ILE B 667 -1.34 -59.29 -27.54
CA ILE B 667 -2.37 -58.40 -28.07
C ILE B 667 -3.55 -58.33 -27.12
N PHE B 668 -3.89 -57.13 -26.68
CA PHE B 668 -5.07 -56.90 -25.86
C PHE B 668 -6.19 -56.41 -26.75
N THR B 669 -7.27 -57.18 -26.85
CA THR B 669 -8.44 -56.74 -27.59
C THR B 669 -9.38 -56.01 -26.64
N LEU B 670 -9.61 -54.72 -26.90
CA LEU B 670 -10.40 -53.88 -26.00
C LEU B 670 -11.63 -53.32 -26.69
N VAL B 671 -12.75 -53.29 -25.96
CA VAL B 671 -13.99 -52.73 -26.50
C VAL B 671 -14.35 -51.43 -25.79
N ALA B 672 -14.60 -50.40 -26.57
CA ALA B 672 -15.00 -49.11 -26.01
C ALA B 672 -16.43 -49.15 -25.46
N VAL B 673 -16.57 -48.83 -24.18
CA VAL B 673 -17.89 -48.79 -23.55
C VAL B 673 -18.08 -47.46 -22.83
N LYS B 674 -19.20 -46.79 -23.09
CA LYS B 674 -19.49 -45.50 -22.47
C LYS B 674 -20.57 -45.62 -21.40
N SER B 675 -20.35 -44.97 -20.26
CA SER B 675 -21.30 -45.01 -19.15
C SER B 675 -21.01 -43.92 -18.14
N PRO B 676 -22.07 -43.40 -17.50
CA PRO B 676 -21.91 -42.43 -16.40
C PRO B 676 -21.15 -43.04 -15.22
N ASP B 677 -21.09 -44.37 -15.19
CA ASP B 677 -20.37 -45.08 -14.13
C ASP B 677 -18.85 -44.90 -14.23
N PHE B 678 -18.38 -44.54 -15.41
CA PHE B 678 -16.94 -44.37 -15.64
C PHE B 678 -16.51 -42.92 -15.45
N THR B 679 -17.47 -42.04 -15.19
CA THR B 679 -17.20 -40.62 -14.97
C THR B 679 -16.39 -40.42 -13.70
N PRO B 680 -15.31 -39.62 -13.79
CA PRO B 680 -14.50 -39.28 -12.63
C PRO B 680 -15.10 -38.11 -11.86
N ARG B 681 -14.90 -38.08 -10.56
CA ARG B 681 -15.34 -36.95 -9.77
C ARG B 681 -14.17 -36.08 -9.33
N HIS B 682 -13.98 -34.96 -10.01
CA HIS B 682 -12.98 -33.99 -9.63
C HIS B 682 -13.67 -32.90 -8.82
N GLU B 683 -12.95 -32.30 -7.88
CA GLU B 683 -13.46 -31.11 -7.22
C GLU B 683 -13.11 -29.88 -8.05
N SER B 684 -14.10 -29.02 -8.25
CA SER B 684 -13.97 -27.87 -9.14
C SER B 684 -13.10 -26.75 -8.58
N GLY B 685 -12.99 -25.65 -9.32
CA GLY B 685 -12.30 -24.47 -8.82
C GLY B 685 -10.88 -24.29 -9.30
N TYR B 686 -10.22 -25.38 -9.67
CA TYR B 686 -8.80 -25.37 -10.00
C TYR B 686 -8.42 -24.43 -11.14
N ALA B 687 -9.36 -24.20 -12.06
CA ALA B 687 -9.10 -23.33 -13.20
C ALA B 687 -9.89 -22.03 -13.12
N VAL B 688 -11.07 -22.09 -12.52
CA VAL B 688 -11.91 -20.91 -12.34
C VAL B 688 -11.25 -19.91 -11.40
N GLY B 689 -10.65 -20.44 -10.33
CA GLY B 689 -9.97 -19.62 -9.33
C GLY B 689 -8.98 -18.62 -9.91
N PRO B 690 -7.84 -19.13 -10.41
CA PRO B 690 -6.78 -18.30 -11.00
C PRO B 690 -7.28 -17.37 -12.12
N LEU B 691 -8.39 -17.73 -12.76
CA LEU B 691 -8.97 -16.88 -13.79
C LEU B 691 -9.61 -15.63 -13.18
N LEU B 692 -10.36 -15.83 -12.10
CA LEU B 692 -11.04 -14.75 -11.40
C LEU B 692 -10.06 -13.69 -10.90
N LYS B 693 -8.92 -14.14 -10.39
CA LYS B 693 -7.89 -13.26 -9.87
C LYS B 693 -7.22 -12.45 -10.96
N MET B 694 -7.32 -12.92 -12.19
CA MET B 694 -6.76 -12.21 -13.32
C MET B 694 -7.68 -11.11 -13.79
N GLN B 695 -8.96 -11.24 -13.54
CA GLN B 695 -9.93 -10.20 -13.89
C GLN B 695 -9.89 -9.04 -12.91
N THR B 696 -9.13 -9.20 -11.84
CA THR B 696 -9.01 -8.17 -10.80
C THR B 696 -8.49 -6.85 -11.37
N PRO B 697 -9.27 -5.78 -11.21
CA PRO B 697 -8.95 -4.45 -11.74
C PRO B 697 -7.80 -3.79 -10.98
N LYS B 698 -6.87 -3.19 -11.71
CA LYS B 698 -5.76 -2.47 -11.09
C LYS B 698 -6.26 -1.21 -10.39
N LEU B 699 -7.10 -0.46 -11.09
CA LEU B 699 -7.68 0.78 -10.57
C LEU B 699 -6.59 1.77 -10.13
N GLU B 700 -5.71 2.13 -11.05
CA GLU B 700 -4.56 2.98 -10.74
C GLU B 700 -4.93 4.46 -10.58
N GLU B 701 -6.01 4.88 -11.23
CA GLU B 701 -6.49 6.26 -11.11
C GLU B 701 -6.90 6.55 -9.67
N ILE B 702 -7.65 5.62 -9.08
CA ILE B 702 -8.11 5.75 -7.70
C ILE B 702 -6.95 5.72 -6.72
N GLN B 703 -5.99 4.84 -6.96
CA GLN B 703 -4.79 4.76 -6.13
C GLN B 703 -3.97 6.04 -6.26
N ARG B 704 -4.18 6.77 -7.34
CA ARG B 704 -3.51 8.05 -7.57
C ARG B 704 -4.33 9.20 -6.98
N LEU B 705 -5.60 8.93 -6.66
CA LEU B 705 -6.45 9.91 -6.01
C LEU B 705 -6.19 9.94 -4.51
N VAL B 706 -5.85 8.79 -3.94
CA VAL B 706 -5.60 8.69 -2.51
C VAL B 706 -4.20 9.17 -2.14
N GLU B 707 -3.29 9.15 -3.12
CA GLU B 707 -1.94 9.66 -2.90
C GLU B 707 -1.94 11.19 -2.98
N GLN B 708 -2.78 11.72 -3.86
CA GLN B 708 -2.90 13.16 -4.04
C GLN B 708 -3.65 13.77 -2.84
N ALA B 709 -4.58 13.02 -2.28
CA ALA B 709 -5.35 13.47 -1.13
C ALA B 709 -4.56 13.38 0.16
N ARG B 710 -3.36 12.83 0.09
CA ARG B 710 -2.49 12.68 1.26
C ARG B 710 -1.26 13.56 1.17
N GLU B 711 -1.20 14.39 0.12
CA GLU B 711 -0.10 15.32 -0.03
C GLU B 711 -0.25 16.49 0.93
N GLU B 712 0.84 16.85 1.60
CA GLU B 712 0.84 17.98 2.51
C GLU B 712 0.64 19.27 1.72
N PRO B 713 -0.12 20.22 2.29
CA PRO B 713 -0.36 21.51 1.63
C PRO B 713 0.93 22.31 1.51
N ASP B 714 1.06 23.08 0.43
CA ASP B 714 2.27 23.87 0.19
C ASP B 714 2.22 25.16 0.99
N LEU B 715 2.64 25.09 2.26
CA LEU B 715 2.57 26.23 3.15
C LEU B 715 3.65 27.29 2.91
N GLU B 716 4.82 26.84 2.45
CA GLU B 716 5.91 27.76 2.12
C GLU B 716 5.47 28.77 1.07
N ARG B 717 4.68 28.30 0.11
CA ARG B 717 4.12 29.16 -0.93
C ARG B 717 3.22 30.25 -0.32
N VAL B 718 2.42 29.86 0.66
CA VAL B 718 1.55 30.79 1.37
C VAL B 718 2.37 31.79 2.16
N PHE B 719 3.39 31.29 2.85
CA PHE B 719 4.28 32.14 3.65
C PHE B 719 5.01 33.15 2.77
N ASN B 720 5.55 32.67 1.65
CA ASN B 720 6.30 33.52 0.73
C ASN B 720 5.51 34.75 0.30
N LEU B 721 4.22 34.56 0.04
CA LEU B 721 3.36 35.67 -0.36
C LEU B 721 2.99 36.54 0.82
N GLN B 722 2.90 35.93 2.01
CA GLN B 722 2.69 36.69 3.24
C GLN B 722 3.85 37.67 3.45
N SER B 723 5.07 37.15 3.31
CA SER B 723 6.27 37.97 3.46
C SER B 723 6.33 39.06 2.41
N ARG B 724 5.98 38.72 1.17
CA ARG B 724 6.03 39.67 0.08
C ARG B 724 5.03 40.81 0.30
N VAL B 725 3.85 40.47 0.81
CA VAL B 725 2.82 41.48 1.10
C VAL B 725 3.25 42.38 2.24
N ALA B 726 3.84 41.80 3.28
CA ALA B 726 4.28 42.56 4.43
C ALA B 726 5.46 43.48 4.12
N ARG B 727 6.22 43.14 3.09
CA ARG B 727 7.34 43.98 2.65
C ARG B 727 6.84 45.21 1.94
N GLN B 728 5.73 45.05 1.21
CA GLN B 728 5.06 46.17 0.56
C GLN B 728 3.85 46.58 1.37
N ALA B 729 3.41 45.80 2.34
CA ALA B 729 2.37 46.39 3.15
C ALA B 729 2.91 47.79 3.48
N LYS B 730 4.22 47.87 3.64
CA LYS B 730 4.86 48.86 4.48
C LYS B 730 5.88 49.80 3.88
N PHE B 731 6.21 49.63 2.61
CA PHE B 731 7.22 50.47 2.02
C PHE B 731 6.75 51.12 0.74
N SER B 732 5.65 51.86 0.85
CA SER B 732 5.01 52.53 -0.28
C SER B 732 4.15 53.69 0.21
N THR B 733 4.15 54.78 -0.54
CA THR B 733 3.37 55.96 -0.15
C THR B 733 2.04 56.12 -0.87
N GLU B 734 1.60 55.08 -1.57
CA GLU B 734 0.26 55.06 -2.13
C GLU B 734 -0.67 54.50 -1.06
N SER B 735 -1.72 55.24 -0.72
CA SER B 735 -2.58 54.89 0.41
C SER B 735 -3.59 53.80 0.07
N GLY B 736 -4.14 53.85 -1.14
CA GLY B 736 -5.13 52.87 -1.56
C GLY B 736 -4.56 51.48 -1.71
N TYR B 737 -3.33 51.40 -2.22
CA TYR B 737 -2.64 50.13 -2.40
C TYR B 737 -2.28 49.50 -1.06
N LYS B 738 -1.85 50.35 -0.13
CA LYS B 738 -1.42 49.89 1.19
C LYS B 738 -2.60 49.35 2.01
N THR B 739 -3.74 50.01 1.87
CA THR B 739 -4.96 49.54 2.52
C THR B 739 -5.41 48.22 1.91
N PHE B 740 -5.52 48.18 0.57
CA PHE B 740 -5.91 46.97 -0.13
C PHE B 740 -5.11 45.76 0.31
N LEU B 741 -3.79 45.92 0.42
CA LEU B 741 -2.93 44.84 0.88
C LEU B 741 -3.18 44.48 2.34
N ASN B 742 -3.51 45.48 3.16
CA ASN B 742 -3.68 45.28 4.59
C ASN B 742 -5.06 44.79 5.01
N GLU B 743 -6.10 45.15 4.26
CA GLU B 743 -7.46 44.82 4.64
C GLU B 743 -8.12 43.76 3.75
N LYS B 744 -7.53 43.52 2.57
CA LYS B 744 -8.12 42.61 1.60
C LYS B 744 -7.23 41.40 1.27
N VAL B 745 -5.91 41.59 1.32
CA VAL B 745 -4.98 40.54 0.91
C VAL B 745 -4.45 39.73 2.10
N ALA B 746 -3.80 40.43 3.04
CA ALA B 746 -3.19 39.79 4.21
C ALA B 746 -4.11 38.89 5.07
N PRO B 747 -5.34 39.34 5.38
CA PRO B 747 -6.19 38.48 6.21
C PRO B 747 -6.57 37.18 5.50
N VAL B 748 -6.83 37.26 4.19
CA VAL B 748 -7.15 36.09 3.39
C VAL B 748 -6.00 35.07 3.44
N LEU B 749 -4.78 35.57 3.37
CA LEU B 749 -3.59 34.71 3.42
C LEU B 749 -3.40 34.07 4.79
N GLU B 750 -3.67 34.83 5.85
CA GLU B 750 -3.56 34.30 7.21
C GLU B 750 -4.70 33.31 7.47
N GLN B 751 -5.84 33.56 6.84
CA GLN B 751 -6.98 32.67 6.93
C GLN B 751 -6.75 31.38 6.14
N SER B 752 -6.10 31.51 5.00
CA SER B 752 -5.78 30.36 4.16
C SER B 752 -4.72 29.49 4.81
N LEU B 753 -3.73 30.12 5.42
CA LEU B 753 -2.65 29.42 6.10
C LEU B 753 -3.18 28.55 7.23
N ASN B 754 -4.04 29.12 8.06
CA ASN B 754 -4.63 28.39 9.18
C ASN B 754 -5.55 27.26 8.70
N GLY B 755 -6.24 27.50 7.59
CA GLY B 755 -7.12 26.51 7.01
C GLY B 755 -6.39 25.28 6.51
N LEU B 756 -5.29 25.50 5.79
CA LEU B 756 -4.49 24.41 5.25
C LEU B 756 -3.71 23.71 6.36
N LEU B 757 -3.44 24.43 7.44
CA LEU B 757 -2.64 23.90 8.54
C LEU B 757 -3.49 23.00 9.46
N ASP B 758 -4.72 23.42 9.70
CA ASP B 758 -5.64 22.63 10.53
C ASP B 758 -6.42 21.64 9.67
N ASN B 759 -6.33 21.80 8.36
CA ASN B 759 -7.15 21.05 7.42
C ASN B 759 -8.63 21.20 7.77
N ASN B 760 -9.04 22.42 8.08
CA ASN B 760 -10.43 22.72 8.39
C ASN B 760 -11.19 23.15 7.14
N VAL B 761 -12.16 22.34 6.74
CA VAL B 761 -12.92 22.58 5.52
C VAL B 761 -13.78 23.84 5.64
N THR B 762 -14.38 24.03 6.81
CA THR B 762 -15.27 25.16 7.04
C THR B 762 -14.58 26.52 6.86
N ILE B 763 -13.31 26.60 7.25
CA ILE B 763 -12.56 27.85 7.15
C ILE B 763 -11.96 28.05 5.75
N LEU B 764 -11.69 26.95 5.06
CA LEU B 764 -11.15 27.02 3.70
C LEU B 764 -12.24 27.48 2.73
N GLY B 765 -13.41 26.84 2.80
CA GLY B 765 -14.50 27.15 1.91
C GLY B 765 -15.08 28.54 2.08
N LYS B 766 -14.77 29.19 3.20
CA LYS B 766 -15.28 30.53 3.45
C LYS B 766 -14.32 31.61 2.93
N VAL B 767 -13.03 31.36 3.06
CA VAL B 767 -12.02 32.33 2.61
C VAL B 767 -11.99 32.42 1.09
N LEU B 768 -12.59 31.45 0.42
CA LEU B 768 -12.68 31.43 -1.04
C LEU B 768 -13.36 32.67 -1.57
N SER B 769 -14.44 33.09 -0.91
CA SER B 769 -15.21 34.25 -1.35
C SER B 769 -14.50 35.56 -1.00
N ALA B 770 -13.52 35.49 -0.11
CA ALA B 770 -12.81 36.68 0.36
C ALA B 770 -11.65 37.08 -0.54
N PHE B 771 -11.23 36.15 -1.41
CA PHE B 771 -10.18 36.46 -2.39
C PHE B 771 -10.63 37.60 -3.30
N PRO B 772 -9.87 38.70 -3.31
CA PRO B 772 -10.22 39.88 -4.13
C PRO B 772 -10.33 39.54 -5.62
N SER B 773 -11.22 40.22 -6.32
CA SER B 773 -11.46 39.94 -7.73
C SER B 773 -10.28 40.36 -8.61
N ASP B 774 -10.35 39.98 -9.88
CA ASP B 774 -9.33 40.40 -10.86
C ASP B 774 -9.34 41.91 -11.02
N GLY B 775 -10.53 42.51 -10.94
CA GLY B 775 -10.69 43.94 -11.14
C GLY B 775 -10.23 44.78 -9.97
N GLN B 776 -10.34 44.23 -8.76
CA GLN B 776 -9.86 44.91 -7.57
C GLN B 776 -8.33 44.93 -7.57
N TRP B 777 -7.74 43.90 -8.17
CA TRP B 777 -6.30 43.81 -8.31
C TRP B 777 -5.80 44.66 -9.48
N SER B 778 -6.65 44.85 -10.48
CA SER B 778 -6.27 45.57 -11.69
C SER B 778 -6.20 47.08 -11.46
N ALA B 779 -6.59 47.51 -10.27
CA ALA B 779 -6.56 48.93 -9.91
C ALA B 779 -5.12 49.42 -9.80
N PHE B 780 -4.20 48.50 -9.56
CA PHE B 780 -2.79 48.84 -9.39
C PHE B 780 -1.95 48.20 -10.49
N ASN B 781 -1.50 49.01 -11.44
CA ASN B 781 -0.77 48.50 -12.59
C ASN B 781 0.73 48.47 -12.38
N SER B 782 1.15 48.20 -11.15
CA SER B 782 2.57 48.10 -10.84
C SER B 782 3.08 46.68 -11.10
N VAL B 783 4.38 46.55 -11.30
CA VAL B 783 5.00 45.27 -11.60
C VAL B 783 4.82 44.25 -10.48
N GLU B 784 5.06 44.66 -9.24
CA GLU B 784 4.95 43.77 -8.09
C GLU B 784 3.51 43.39 -7.76
N ALA B 785 2.56 44.29 -8.02
CA ALA B 785 1.16 44.00 -7.78
C ALA B 785 0.65 42.91 -8.73
N ARG B 786 1.15 42.95 -9.97
CA ARG B 786 0.74 41.98 -10.99
C ARG B 786 1.31 40.58 -10.73
N GLN B 787 2.54 40.52 -10.22
CA GLN B 787 3.18 39.23 -9.93
C GLN B 787 2.57 38.60 -8.69
N MET B 788 2.09 39.44 -7.80
CA MET B 788 1.43 39.02 -6.59
C MET B 788 0.08 38.42 -6.91
N LYS B 789 -0.63 39.01 -7.86
CA LYS B 789 -1.89 38.52 -8.40
C LYS B 789 -1.77 37.07 -8.83
N ILE B 790 -0.79 36.83 -9.69
CA ILE B 790 -0.50 35.50 -10.22
C ILE B 790 -0.21 34.50 -9.09
N GLN B 791 0.53 34.94 -8.08
CA GLN B 791 0.84 34.08 -6.94
C GLN B 791 -0.35 33.94 -5.98
N MET B 792 -1.23 34.93 -5.95
CA MET B 792 -2.44 34.88 -5.17
C MET B 792 -3.44 33.95 -5.80
N ASP B 793 -3.46 33.93 -7.13
CA ASP B 793 -4.33 33.02 -7.88
C ASP B 793 -3.92 31.56 -7.66
N ALA B 794 -2.62 31.32 -7.57
CA ALA B 794 -2.10 29.97 -7.36
C ALA B 794 -2.51 29.43 -5.99
N ILE B 795 -2.49 30.31 -4.99
CA ILE B 795 -2.91 29.95 -3.64
C ILE B 795 -4.41 29.69 -3.59
N LYS B 796 -5.18 30.52 -4.30
CA LYS B 796 -6.63 30.37 -4.38
C LYS B 796 -7.01 29.01 -4.96
N GLN B 797 -6.35 28.64 -6.05
CA GLN B 797 -6.53 27.32 -6.66
C GLN B 797 -6.19 26.22 -5.65
N MET B 798 -5.10 26.42 -4.95
CA MET B 798 -4.61 25.56 -3.90
C MET B 798 -5.64 25.30 -2.85
N VAL B 799 -6.20 26.38 -2.35
CA VAL B 799 -7.21 26.34 -1.30
C VAL B 799 -8.50 25.69 -1.80
N GLU B 800 -8.85 25.96 -3.04
CA GLU B 800 -10.09 25.43 -3.62
C GLU B 800 -10.04 23.92 -3.85
N LYS B 801 -8.88 23.40 -4.28
CA LYS B 801 -8.78 21.98 -4.57
C LYS B 801 -8.82 21.13 -3.29
N LYS B 802 -8.41 21.71 -2.17
CA LYS B 802 -8.48 21.02 -0.89
C LYS B 802 -9.88 21.12 -0.30
N ALA B 803 -10.55 22.25 -0.57
CA ALA B 803 -11.91 22.46 -0.09
C ALA B 803 -12.91 21.55 -0.78
N VAL B 804 -12.66 21.27 -2.07
CA VAL B 804 -13.53 20.40 -2.85
C VAL B 804 -13.26 18.93 -2.55
N LEU B 805 -11.99 18.57 -2.43
CA LEU B 805 -11.61 17.20 -2.09
C LEU B 805 -12.18 16.79 -0.73
N GLU B 806 -11.62 17.36 0.33
CA GLU B 806 -12.01 17.04 1.70
C GLU B 806 -13.45 17.44 2.02
N GLY B 807 -14.03 18.34 1.23
CA GLY B 807 -15.36 18.87 1.52
C GLY B 807 -16.50 18.32 0.68
N GLN B 808 -16.22 18.02 -0.59
CA GLN B 808 -17.26 17.56 -1.50
C GLN B 808 -17.04 16.15 -2.05
N ILE B 809 -15.84 15.89 -2.56
CA ILE B 809 -15.56 14.65 -3.27
C ILE B 809 -15.31 13.45 -2.34
N LEU B 810 -14.37 13.61 -1.41
CA LEU B 810 -14.06 12.55 -0.45
C LEU B 810 -15.24 12.10 0.42
N PRO B 811 -16.07 13.04 0.90
CA PRO B 811 -17.28 12.58 1.58
C PRO B 811 -18.19 11.77 0.66
N ALA B 812 -18.35 12.22 -0.59
CA ALA B 812 -19.21 11.55 -1.55
C ALA B 812 -18.76 10.12 -1.85
N LEU B 813 -17.45 9.93 -2.00
CA LEU B 813 -16.90 8.60 -2.24
C LEU B 813 -17.17 7.69 -1.04
N ALA B 814 -17.03 8.24 0.16
CA ALA B 814 -17.28 7.50 1.39
C ALA B 814 -18.77 7.13 1.51
N GLN B 815 -19.63 8.05 1.10
CA GLN B 815 -21.07 7.80 1.11
C GLN B 815 -21.44 6.76 0.06
N CYS B 816 -20.72 6.78 -1.05
CA CYS B 816 -20.92 5.81 -2.12
C CYS B 816 -20.54 4.41 -1.67
N GLN B 817 -19.35 4.29 -1.08
CA GLN B 817 -18.86 3.01 -0.57
C GLN B 817 -19.79 2.43 0.50
N ASN B 818 -20.30 3.27 1.38
CA ASN B 818 -21.17 2.82 2.46
C ASN B 818 -22.46 2.20 1.94
N ALA B 819 -23.01 2.79 0.88
CA ALA B 819 -24.23 2.27 0.27
C ALA B 819 -23.95 0.98 -0.51
N LEU B 820 -22.68 0.76 -0.82
CA LEU B 820 -22.28 -0.43 -1.55
C LEU B 820 -22.17 -1.66 -0.66
N GLU B 821 -21.74 -1.46 0.59
CA GLU B 821 -21.65 -2.56 1.55
C GLU B 821 -23.02 -2.81 2.18
N LYS B 822 -23.97 -1.93 1.90
CA LYS B 822 -25.36 -2.16 2.28
C LYS B 822 -26.12 -2.67 1.06
N GLN B 823 -25.40 -2.80 -0.05
CA GLN B 823 -25.98 -3.20 -1.34
C GLN B 823 -27.10 -2.27 -1.83
N ASN B 824 -27.07 -1.02 -1.35
CA ASN B 824 -27.96 0.01 -1.87
C ASN B 824 -27.34 0.62 -3.13
N ILE B 825 -27.43 -0.12 -4.24
CA ILE B 825 -26.81 0.27 -5.50
C ILE B 825 -27.32 1.63 -6.01
N ALA B 826 -28.64 1.82 -5.96
CA ALA B 826 -29.24 3.07 -6.41
C ALA B 826 -28.88 4.23 -5.49
N GLY B 827 -28.36 3.92 -4.31
CA GLY B 827 -27.93 4.93 -3.36
C GLY B 827 -26.47 5.28 -3.55
N ALA B 828 -25.68 4.30 -3.97
CA ALA B 828 -24.26 4.51 -4.23
C ALA B 828 -24.08 5.49 -5.39
N LEU B 829 -24.89 5.30 -6.43
CA LEU B 829 -24.89 6.22 -7.58
C LEU B 829 -25.38 7.60 -7.15
N GLN B 830 -26.28 7.62 -6.17
CA GLN B 830 -26.89 8.86 -5.70
C GLN B 830 -25.88 9.74 -4.97
N ALA B 831 -24.98 9.11 -4.22
CA ALA B 831 -23.96 9.84 -3.49
C ALA B 831 -23.02 10.59 -4.44
N LEU B 832 -22.90 10.09 -5.66
CA LEU B 832 -22.05 10.71 -6.66
C LEU B 832 -22.84 11.73 -7.48
N ARG B 833 -24.12 11.46 -7.69
CA ARG B 833 -24.96 12.34 -8.51
C ARG B 833 -25.36 13.62 -7.79
N ASN B 834 -25.78 13.48 -6.53
CA ASN B 834 -26.24 14.62 -5.76
C ASN B 834 -25.18 15.10 -4.77
N ILE B 835 -24.29 15.97 -5.25
CA ILE B 835 -23.24 16.55 -4.41
C ILE B 835 -23.69 17.92 -3.89
N PRO B 836 -23.75 18.08 -2.57
CA PRO B 836 -24.14 19.37 -1.99
C PRO B 836 -23.04 20.42 -2.19
N SER B 837 -23.43 21.65 -2.45
CA SER B 837 -22.48 22.74 -2.64
C SER B 837 -21.95 23.24 -1.30
N LEU B 838 -20.89 24.04 -1.35
CA LEU B 838 -20.24 24.54 -0.14
C LEU B 838 -21.05 25.62 0.56
#